data_2C7H
#
_entry.id   2C7H
#
_cell.length_a   1.000
_cell.length_b   1.000
_cell.length_c   1.000
_cell.angle_alpha   90.00
_cell.angle_beta   90.00
_cell.angle_gamma   90.00
#
_symmetry.space_group_name_H-M   'P 1'
#
_entity_poly.entity_id   1
_entity_poly.type   'polypeptide(L)'
_entity_poly.pdbx_seq_one_letter_code
;GPLGSMSCVHYKFSSKLNYDTVTFDGLHISLCDLKKQIMGREKLKAADCDLQITNAQTKEEYTDDNALIPKNSSVIVRRI
PIGGVK
;
_entity_poly.pdbx_strand_id   A
#
# COMPACT_ATOMS: atom_id res chain seq x y z
N GLY A 1 1.33 13.64 -8.61
CA GLY A 1 0.26 14.16 -7.77
C GLY A 1 0.42 15.64 -7.59
N PRO A 2 -0.52 16.32 -6.91
CA PRO A 2 -0.40 17.76 -6.65
C PRO A 2 0.81 18.07 -5.77
N LEU A 3 1.76 18.77 -6.35
CA LEU A 3 2.96 19.13 -5.65
C LEU A 3 2.64 20.19 -4.60
N GLY A 4 2.96 19.91 -3.38
CA GLY A 4 2.67 20.83 -2.33
C GLY A 4 2.46 20.11 -1.04
N SER A 5 1.27 20.21 -0.52
CA SER A 5 0.96 19.59 0.75
C SER A 5 0.38 18.19 0.55
N MET A 6 0.28 17.77 -0.68
CA MET A 6 -0.17 16.44 -0.98
C MET A 6 0.99 15.49 -1.10
N SER A 7 0.75 14.28 -0.78
CA SER A 7 1.71 13.25 -0.84
C SER A 7 1.02 12.07 -1.47
N CYS A 8 1.53 11.62 -2.56
CA CYS A 8 0.85 10.62 -3.31
C CYS A 8 1.76 9.43 -3.57
N VAL A 9 1.28 8.25 -3.26
CA VAL A 9 1.99 7.03 -3.54
C VAL A 9 1.32 6.30 -4.68
N HIS A 10 2.09 6.02 -5.68
CA HIS A 10 1.65 5.22 -6.80
C HIS A 10 1.77 3.79 -6.41
N TYR A 11 0.68 3.18 -6.15
CA TYR A 11 0.67 1.82 -5.77
C TYR A 11 -0.10 1.05 -6.80
N LYS A 12 0.46 0.04 -7.35
CA LYS A 12 -0.28 -0.73 -8.26
C LYS A 12 -0.66 -2.00 -7.58
N PHE A 13 -1.88 -2.38 -7.70
CA PHE A 13 -2.30 -3.60 -7.11
C PHE A 13 -1.93 -4.70 -8.09
N SER A 14 -1.66 -5.88 -7.60
CA SER A 14 -1.36 -7.00 -8.45
C SER A 14 -2.57 -7.37 -9.31
N SER A 15 -3.73 -7.01 -8.83
CA SER A 15 -4.97 -7.22 -9.52
C SER A 15 -5.19 -6.13 -10.60
N LYS A 16 -4.44 -5.02 -10.51
CA LYS A 16 -4.61 -3.95 -11.47
C LYS A 16 -3.48 -3.90 -12.51
N LEU A 17 -3.79 -3.28 -13.62
CA LEU A 17 -2.87 -3.13 -14.75
C LEU A 17 -2.20 -1.76 -14.68
N ASN A 18 -2.52 -1.05 -13.66
CA ASN A 18 -2.17 0.33 -13.55
C ASN A 18 -1.88 0.70 -12.12
N TYR A 19 -1.27 1.83 -11.93
CA TYR A 19 -0.96 2.33 -10.61
C TYR A 19 -2.07 3.20 -10.13
N ASP A 20 -2.37 3.05 -8.89
CA ASP A 20 -3.41 3.78 -8.24
C ASP A 20 -2.71 4.75 -7.30
N THR A 21 -3.43 5.58 -6.60
CA THR A 21 -2.78 6.63 -5.83
C THR A 21 -3.46 6.94 -4.50
N VAL A 22 -2.72 6.79 -3.44
CA VAL A 22 -3.20 7.24 -2.15
C VAL A 22 -2.67 8.61 -1.88
N THR A 23 -3.55 9.49 -1.58
CA THR A 23 -3.19 10.82 -1.22
C THR A 23 -3.20 10.91 0.28
N PHE A 24 -2.09 11.18 0.84
CA PHE A 24 -1.95 11.27 2.26
C PHE A 24 -1.23 12.54 2.62
N ASP A 25 -1.13 12.77 3.88
CA ASP A 25 -0.47 13.92 4.41
C ASP A 25 0.84 13.52 5.04
N GLY A 26 1.78 14.42 5.00
CA GLY A 26 3.05 14.21 5.58
C GLY A 26 4.09 14.04 4.52
N LEU A 27 4.65 12.88 4.46
CA LEU A 27 5.66 12.56 3.48
C LEU A 27 5.58 11.06 3.25
N HIS A 28 5.40 10.34 4.33
CA HIS A 28 5.29 8.90 4.29
C HIS A 28 4.15 8.39 5.09
N ILE A 29 3.68 7.26 4.68
CA ILE A 29 2.58 6.65 5.31
C ILE A 29 2.96 5.30 5.88
N SER A 30 2.67 5.11 7.14
CA SER A 30 2.89 3.85 7.81
C SER A 30 2.01 2.78 7.15
N LEU A 31 2.57 1.59 7.00
CA LEU A 31 1.95 0.48 6.32
C LEU A 31 0.60 0.14 6.88
N CYS A 32 0.45 0.22 8.18
CA CYS A 32 -0.82 -0.02 8.80
C CYS A 32 -1.89 0.89 8.19
N ASP A 33 -1.56 2.16 8.04
CA ASP A 33 -2.52 3.11 7.53
C ASP A 33 -2.68 2.92 6.04
N LEU A 34 -1.57 2.61 5.39
CA LEU A 34 -1.51 2.38 3.96
C LEU A 34 -2.45 1.22 3.59
N LYS A 35 -2.36 0.15 4.33
CA LYS A 35 -3.17 -1.02 4.08
C LYS A 35 -4.59 -0.76 4.44
N LYS A 36 -4.81 -0.16 5.60
CA LYS A 36 -6.14 0.12 6.08
C LYS A 36 -6.92 1.05 5.14
N GLN A 37 -6.22 2.01 4.51
CA GLN A 37 -6.88 2.89 3.54
C GLN A 37 -7.28 2.09 2.32
N ILE A 38 -6.33 1.32 1.79
CA ILE A 38 -6.53 0.54 0.57
C ILE A 38 -7.58 -0.55 0.74
N MET A 39 -7.55 -1.25 1.87
CA MET A 39 -8.50 -2.32 2.13
C MET A 39 -9.94 -1.81 2.10
N GLY A 40 -10.16 -0.68 2.75
CA GLY A 40 -11.49 -0.09 2.79
C GLY A 40 -11.86 0.54 1.45
N ARG A 41 -10.86 1.00 0.77
CA ARG A 41 -11.00 1.66 -0.51
C ARG A 41 -11.43 0.68 -1.59
N GLU A 42 -10.71 -0.42 -1.70
CA GLU A 42 -10.91 -1.34 -2.80
C GLU A 42 -11.87 -2.46 -2.44
N LYS A 43 -12.13 -2.57 -1.17
CA LYS A 43 -12.99 -3.58 -0.57
C LYS A 43 -12.27 -4.91 -0.46
N LEU A 44 -11.35 -4.95 0.44
CA LEU A 44 -10.64 -6.17 0.73
C LEU A 44 -11.18 -6.82 1.97
N LYS A 45 -11.03 -8.10 2.05
CA LYS A 45 -11.45 -8.82 3.22
C LYS A 45 -10.27 -8.94 4.17
N ALA A 46 -10.27 -8.13 5.18
CA ALA A 46 -9.20 -8.09 6.14
C ALA A 46 -9.36 -9.21 7.15
N ALA A 47 -10.52 -9.84 7.15
CA ALA A 47 -10.80 -10.97 8.01
C ALA A 47 -10.18 -12.24 7.44
N ASP A 48 -9.81 -12.18 6.16
CA ASP A 48 -9.21 -13.33 5.50
C ASP A 48 -7.79 -12.99 5.06
N CYS A 49 -7.57 -11.74 4.73
CA CYS A 49 -6.32 -11.37 4.16
C CYS A 49 -5.66 -10.18 4.85
N ASP A 50 -4.40 -10.02 4.54
CA ASP A 50 -3.56 -8.92 4.93
C ASP A 50 -3.07 -8.35 3.63
N LEU A 51 -2.47 -7.24 3.66
CA LEU A 51 -2.05 -6.63 2.47
C LEU A 51 -0.53 -6.58 2.49
N GLN A 52 0.08 -7.19 1.54
CA GLN A 52 1.50 -7.27 1.48
C GLN A 52 2.02 -6.35 0.40
N ILE A 53 2.88 -5.47 0.78
CA ILE A 53 3.32 -4.44 -0.13
C ILE A 53 4.79 -4.63 -0.43
N THR A 54 5.16 -4.52 -1.66
CA THR A 54 6.54 -4.55 -2.05
C THR A 54 6.87 -3.29 -2.87
N ASN A 55 8.02 -2.73 -2.67
CA ASN A 55 8.43 -1.56 -3.40
C ASN A 55 8.77 -1.95 -4.82
N ALA A 56 8.37 -1.15 -5.77
CA ALA A 56 8.63 -1.46 -7.17
C ALA A 56 9.99 -0.93 -7.60
N GLN A 57 10.52 -0.03 -6.81
CA GLN A 57 11.75 0.65 -7.16
C GLN A 57 12.94 0.02 -6.45
N THR A 58 12.79 -0.28 -5.17
CA THR A 58 13.87 -0.84 -4.37
C THR A 58 13.68 -2.34 -4.23
N LYS A 59 12.45 -2.77 -4.47
CA LYS A 59 12.00 -4.16 -4.34
C LYS A 59 11.91 -4.61 -2.88
N GLU A 60 11.97 -3.64 -1.97
CA GLU A 60 11.86 -3.93 -0.55
C GLU A 60 10.43 -4.29 -0.18
N GLU A 61 10.28 -5.32 0.60
CA GLU A 61 9.00 -5.74 1.05
C GLU A 61 8.67 -5.11 2.36
N TYR A 62 7.44 -4.82 2.54
CA TYR A 62 6.95 -4.21 3.75
C TYR A 62 6.23 -5.26 4.54
N THR A 63 6.92 -5.83 5.50
CA THR A 63 6.38 -6.93 6.22
C THR A 63 5.60 -6.52 7.48
N ASP A 64 6.05 -5.50 8.19
CA ASP A 64 5.38 -5.10 9.43
C ASP A 64 4.52 -3.91 9.17
N ASP A 65 3.44 -3.76 9.92
CA ASP A 65 2.53 -2.62 9.76
C ASP A 65 3.20 -1.27 10.10
N ASN A 66 4.33 -1.32 10.75
CA ASN A 66 5.07 -0.11 11.13
C ASN A 66 5.92 0.37 9.95
N ALA A 67 6.04 -0.48 8.92
CA ALA A 67 6.85 -0.18 7.76
C ALA A 67 6.30 1.05 7.07
N LEU A 68 7.11 1.92 6.58
CA LEU A 68 6.60 3.17 6.07
C LEU A 68 6.86 3.33 4.58
N ILE A 69 5.86 3.82 3.88
CA ILE A 69 6.01 4.07 2.46
C ILE A 69 5.90 5.59 2.19
N PRO A 70 6.99 6.21 1.76
CA PRO A 70 6.98 7.62 1.38
C PRO A 70 6.41 7.84 -0.01
N LYS A 71 5.93 9.07 -0.26
CA LYS A 71 5.36 9.48 -1.58
C LYS A 71 6.37 9.32 -2.72
N ASN A 72 7.63 9.21 -2.37
CA ASN A 72 8.72 9.04 -3.34
C ASN A 72 8.84 7.56 -3.77
N SER A 73 8.03 6.72 -3.19
CA SER A 73 8.11 5.33 -3.46
C SER A 73 6.84 4.83 -4.14
N SER A 74 6.98 4.32 -5.33
CA SER A 74 5.90 3.66 -5.99
C SER A 74 5.99 2.19 -5.61
N VAL A 75 4.94 1.68 -5.05
CA VAL A 75 4.94 0.34 -4.50
C VAL A 75 3.88 -0.57 -5.16
N ILE A 76 4.07 -1.84 -5.03
CA ILE A 76 3.17 -2.83 -5.58
C ILE A 76 2.41 -3.45 -4.43
N VAL A 77 1.13 -3.57 -4.59
CA VAL A 77 0.26 -4.06 -3.57
C VAL A 77 -0.20 -5.47 -3.90
N ARG A 78 0.14 -6.40 -3.04
CA ARG A 78 -0.16 -7.80 -3.21
C ARG A 78 -1.12 -8.22 -2.08
N ARG A 79 -2.13 -8.98 -2.38
CA ARG A 79 -3.05 -9.44 -1.34
C ARG A 79 -2.58 -10.79 -0.83
N ILE A 80 -2.37 -10.92 0.47
CA ILE A 80 -1.94 -12.19 1.04
C ILE A 80 -2.89 -12.61 2.16
N PRO A 81 -3.09 -13.89 2.38
CA PRO A 81 -3.95 -14.38 3.46
C PRO A 81 -3.29 -14.18 4.85
N ILE A 82 -4.08 -13.81 5.84
CA ILE A 82 -3.53 -13.59 7.19
C ILE A 82 -3.09 -14.88 7.87
N GLY A 83 -4.03 -15.73 8.21
CA GLY A 83 -3.68 -16.95 8.88
C GLY A 83 -4.83 -17.89 8.94
N GLY A 84 -5.36 -18.19 7.80
CA GLY A 84 -6.45 -19.11 7.68
C GLY A 84 -6.20 -19.96 6.52
N VAL A 85 -6.48 -19.43 5.37
CA VAL A 85 -6.07 -20.10 4.16
C VAL A 85 -4.59 -19.82 3.97
N LYS A 86 -3.89 -20.80 3.54
CA LYS A 86 -2.48 -20.71 3.31
C LYS A 86 -2.10 -21.64 2.18
N GLY A 1 -2.24 22.04 -10.58
CA GLY A 1 -2.51 22.88 -9.42
C GLY A 1 -1.34 23.78 -9.13
N PRO A 2 -1.12 24.17 -7.88
CA PRO A 2 0.03 24.94 -7.48
C PRO A 2 1.10 23.97 -7.01
N LEU A 3 2.04 24.44 -6.20
CA LEU A 3 3.02 23.56 -5.60
C LEU A 3 2.27 22.60 -4.68
N GLY A 4 2.06 21.41 -5.15
CA GLY A 4 1.34 20.45 -4.40
C GLY A 4 2.25 19.63 -3.56
N SER A 5 2.22 19.86 -2.28
CA SER A 5 3.02 19.11 -1.36
C SER A 5 2.21 17.89 -0.88
N MET A 6 1.12 17.61 -1.61
CA MET A 6 0.26 16.45 -1.36
C MET A 6 1.07 15.19 -1.41
N SER A 7 0.59 14.21 -0.78
CA SER A 7 1.25 12.99 -0.76
C SER A 7 0.35 11.88 -1.19
N CYS A 8 0.78 11.18 -2.20
CA CYS A 8 0.08 10.07 -2.73
C CYS A 8 1.08 8.99 -3.05
N VAL A 9 0.79 7.77 -2.70
CA VAL A 9 1.69 6.68 -2.99
C VAL A 9 1.14 5.89 -4.12
N HIS A 10 1.98 5.67 -5.10
CA HIS A 10 1.64 4.88 -6.24
C HIS A 10 1.80 3.44 -5.91
N TYR A 11 0.73 2.74 -5.93
CA TYR A 11 0.75 1.35 -5.60
C TYR A 11 -0.05 0.62 -6.64
N LYS A 12 0.36 -0.54 -7.02
CA LYS A 12 -0.44 -1.28 -7.95
C LYS A 12 -0.82 -2.58 -7.29
N PHE A 13 -2.04 -2.96 -7.43
CA PHE A 13 -2.50 -4.21 -6.87
C PHE A 13 -2.16 -5.34 -7.87
N SER A 14 -2.40 -6.58 -7.50
CA SER A 14 -2.10 -7.74 -8.32
C SER A 14 -2.79 -7.67 -9.71
N SER A 15 -4.01 -7.16 -9.74
CA SER A 15 -4.75 -7.07 -10.98
C SER A 15 -4.51 -5.73 -11.70
N LYS A 16 -3.66 -4.91 -11.12
CA LYS A 16 -3.40 -3.60 -11.68
C LYS A 16 -2.14 -3.59 -12.50
N LEU A 17 -2.27 -3.12 -13.71
CA LEU A 17 -1.16 -2.94 -14.62
C LEU A 17 -0.61 -1.53 -14.44
N ASN A 18 -1.45 -0.71 -13.91
CA ASN A 18 -1.18 0.67 -13.66
C ASN A 18 -1.41 0.96 -12.21
N TYR A 19 -0.67 1.89 -11.69
CA TYR A 19 -0.70 2.20 -10.28
C TYR A 19 -1.89 3.04 -9.88
N ASP A 20 -2.34 2.80 -8.68
CA ASP A 20 -3.39 3.55 -8.03
C ASP A 20 -2.72 4.51 -7.08
N THR A 21 -3.46 5.40 -6.45
CA THR A 21 -2.87 6.33 -5.51
C THR A 21 -3.68 6.49 -4.23
N VAL A 22 -2.99 6.43 -3.11
CA VAL A 22 -3.56 6.78 -1.81
C VAL A 22 -3.07 8.14 -1.42
N THR A 23 -3.98 9.02 -1.13
CA THR A 23 -3.62 10.33 -0.67
C THR A 23 -3.61 10.34 0.83
N PHE A 24 -2.55 10.82 1.39
CA PHE A 24 -2.37 10.80 2.81
C PHE A 24 -1.61 12.03 3.20
N ASP A 25 -1.69 12.44 4.43
CA ASP A 25 -0.99 13.63 4.85
C ASP A 25 0.35 13.30 5.45
N GLY A 26 1.36 14.02 5.03
CA GLY A 26 2.69 13.81 5.51
C GLY A 26 3.64 13.66 4.36
N LEU A 27 4.66 12.86 4.52
CA LEU A 27 5.62 12.57 3.47
C LEU A 27 5.58 11.07 3.21
N HIS A 28 5.53 10.34 4.28
CA HIS A 28 5.45 8.91 4.24
C HIS A 28 4.38 8.41 5.12
N ILE A 29 3.86 7.29 4.77
CA ILE A 29 2.79 6.70 5.46
C ILE A 29 3.17 5.35 6.02
N SER A 30 2.96 5.17 7.32
CA SER A 30 3.15 3.89 7.96
C SER A 30 2.29 2.84 7.27
N LEU A 31 2.82 1.65 7.14
CA LEU A 31 2.19 0.58 6.44
C LEU A 31 0.84 0.22 7.02
N CYS A 32 0.70 0.29 8.33
CA CYS A 32 -0.59 0.06 8.98
C CYS A 32 -1.61 1.03 8.41
N ASP A 33 -1.22 2.28 8.33
CA ASP A 33 -2.10 3.34 7.91
C ASP A 33 -2.40 3.19 6.42
N LEU A 34 -1.39 2.77 5.66
CA LEU A 34 -1.51 2.57 4.21
C LEU A 34 -2.41 1.37 3.88
N LYS A 35 -2.19 0.25 4.57
CA LYS A 35 -2.96 -0.94 4.29
C LYS A 35 -4.40 -0.76 4.65
N LYS A 36 -4.65 -0.10 5.76
CA LYS A 36 -6.00 0.16 6.20
C LYS A 36 -6.74 1.07 5.21
N GLN A 37 -6.01 2.02 4.59
CA GLN A 37 -6.60 2.88 3.56
C GLN A 37 -6.98 2.04 2.36
N ILE A 38 -6.08 1.18 1.93
CA ILE A 38 -6.29 0.35 0.76
C ILE A 38 -7.42 -0.64 0.98
N MET A 39 -7.43 -1.30 2.15
CA MET A 39 -8.47 -2.26 2.47
C MET A 39 -9.84 -1.58 2.46
N GLY A 40 -9.90 -0.41 3.04
CA GLY A 40 -11.15 0.34 3.10
C GLY A 40 -11.57 0.85 1.74
N ARG A 41 -10.60 1.18 0.91
CA ARG A 41 -10.88 1.68 -0.43
C ARG A 41 -11.41 0.56 -1.32
N GLU A 42 -10.70 -0.53 -1.35
CA GLU A 42 -10.99 -1.61 -2.28
C GLU A 42 -12.07 -2.54 -1.76
N LYS A 43 -12.47 -2.33 -0.53
CA LYS A 43 -13.48 -3.13 0.17
C LYS A 43 -12.91 -4.51 0.38
N LEU A 44 -11.70 -4.50 0.85
CA LEU A 44 -10.92 -5.66 1.03
C LEU A 44 -11.29 -6.29 2.35
N LYS A 45 -11.84 -7.48 2.30
CA LYS A 45 -12.17 -8.20 3.50
C LYS A 45 -10.90 -8.77 4.15
N ALA A 46 -10.56 -8.20 5.29
CA ALA A 46 -9.33 -8.52 6.01
C ALA A 46 -9.45 -9.83 6.78
N ALA A 47 -10.66 -10.36 6.83
CA ALA A 47 -10.91 -11.66 7.47
C ALA A 47 -10.65 -12.79 6.49
N ASP A 48 -10.31 -12.42 5.28
CA ASP A 48 -10.01 -13.36 4.24
C ASP A 48 -8.52 -13.35 3.94
N CYS A 49 -8.01 -12.17 3.70
CA CYS A 49 -6.62 -12.02 3.37
C CYS A 49 -6.01 -10.81 4.05
N ASP A 50 -4.71 -10.81 4.04
CA ASP A 50 -3.90 -9.78 4.61
C ASP A 50 -3.28 -9.03 3.44
N LEU A 51 -2.65 -7.94 3.69
CA LEU A 51 -2.17 -7.11 2.65
C LEU A 51 -0.66 -7.00 2.72
N GLN A 52 0.00 -7.56 1.74
CA GLN A 52 1.44 -7.58 1.70
C GLN A 52 1.91 -6.51 0.73
N ILE A 53 2.75 -5.63 1.16
CA ILE A 53 3.19 -4.56 0.31
C ILE A 53 4.67 -4.74 -0.01
N THR A 54 5.02 -4.62 -1.25
CA THR A 54 6.39 -4.80 -1.69
C THR A 54 6.88 -3.58 -2.48
N ASN A 55 8.12 -3.20 -2.26
CA ASN A 55 8.75 -2.14 -3.04
C ASN A 55 8.77 -2.47 -4.51
N ALA A 56 8.21 -1.60 -5.33
CA ALA A 56 8.19 -1.83 -6.77
C ALA A 56 9.58 -1.68 -7.35
N GLN A 57 10.37 -0.87 -6.71
CA GLN A 57 11.69 -0.57 -7.20
C GLN A 57 12.75 -1.53 -6.67
N THR A 58 12.78 -1.76 -5.38
CA THR A 58 13.83 -2.56 -4.80
C THR A 58 13.38 -3.99 -4.46
N LYS A 59 12.09 -4.24 -4.58
CA LYS A 59 11.47 -5.52 -4.21
C LYS A 59 11.66 -5.88 -2.74
N GLU A 60 11.85 -4.87 -1.90
CA GLU A 60 11.87 -5.10 -0.49
C GLU A 60 10.44 -5.20 -0.01
N GLU A 61 10.14 -6.27 0.65
CA GLU A 61 8.80 -6.52 1.08
C GLU A 61 8.60 -5.94 2.47
N TYR A 62 7.50 -5.34 2.66
CA TYR A 62 7.14 -4.79 3.92
C TYR A 62 6.12 -5.71 4.55
N THR A 63 6.55 -6.42 5.54
CA THR A 63 5.73 -7.40 6.17
C THR A 63 5.15 -6.90 7.49
N ASP A 64 5.76 -5.86 8.03
CA ASP A 64 5.31 -5.32 9.31
C ASP A 64 4.59 -4.04 9.10
N ASP A 65 3.52 -3.83 9.82
CA ASP A 65 2.72 -2.60 9.75
C ASP A 65 3.52 -1.37 10.18
N ASN A 66 4.65 -1.61 10.85
CA ASN A 66 5.51 -0.53 11.34
C ASN A 66 6.36 0.07 10.21
N ALA A 67 6.35 -0.60 9.06
CA ALA A 67 7.10 -0.18 7.90
C ALA A 67 6.50 1.11 7.34
N LEU A 68 7.29 1.95 6.73
CA LEU A 68 6.78 3.22 6.21
C LEU A 68 6.96 3.31 4.70
N ILE A 69 5.97 3.81 3.98
CA ILE A 69 6.12 4.01 2.56
C ILE A 69 5.90 5.49 2.20
N PRO A 70 6.94 6.15 1.67
CA PRO A 70 6.85 7.54 1.20
C PRO A 70 6.14 7.70 -0.15
N LYS A 71 5.58 8.88 -0.37
CA LYS A 71 4.89 9.20 -1.63
C LYS A 71 5.88 9.39 -2.78
N ASN A 72 7.14 9.40 -2.40
CA ASN A 72 8.24 9.52 -3.34
C ASN A 72 8.61 8.16 -3.89
N SER A 73 7.92 7.14 -3.40
CA SER A 73 8.14 5.79 -3.80
C SER A 73 6.89 5.19 -4.43
N SER A 74 7.02 3.99 -4.94
CA SER A 74 5.94 3.26 -5.52
C SER A 74 6.05 1.82 -5.06
N VAL A 75 4.94 1.22 -4.75
CA VAL A 75 4.91 -0.11 -4.20
C VAL A 75 3.90 -1.02 -4.90
N ILE A 76 4.08 -2.29 -4.71
CA ILE A 76 3.24 -3.31 -5.26
C ILE A 76 2.40 -3.86 -4.12
N VAL A 77 1.14 -3.97 -4.33
CA VAL A 77 0.24 -4.43 -3.33
C VAL A 77 -0.18 -5.85 -3.66
N ARG A 78 0.15 -6.75 -2.78
CA ARG A 78 -0.10 -8.13 -2.97
C ARG A 78 -1.00 -8.68 -1.87
N ARG A 79 -2.12 -9.22 -2.27
CA ARG A 79 -3.07 -9.79 -1.35
C ARG A 79 -2.63 -11.20 -0.97
N ILE A 80 -2.37 -11.43 0.29
CA ILE A 80 -1.87 -12.73 0.74
C ILE A 80 -2.79 -13.31 1.81
N PRO A 81 -2.84 -14.62 1.97
CA PRO A 81 -3.66 -15.26 3.00
C PRO A 81 -3.24 -14.84 4.40
N ILE A 82 -4.22 -14.40 5.21
CA ILE A 82 -3.99 -13.94 6.59
C ILE A 82 -3.06 -14.81 7.42
N GLY A 83 -3.15 -16.11 7.27
CA GLY A 83 -2.27 -16.97 8.00
C GLY A 83 -1.66 -18.04 7.15
N GLY A 84 -1.65 -17.82 5.84
CA GLY A 84 -1.14 -18.83 4.93
C GLY A 84 -2.23 -19.83 4.67
N VAL A 85 -2.62 -20.49 5.71
CA VAL A 85 -3.71 -21.39 5.72
C VAL A 85 -4.93 -20.54 5.97
N LYS A 86 -5.82 -20.50 5.04
CA LYS A 86 -7.05 -19.75 5.22
C LYS A 86 -8.09 -20.62 5.91
N GLY A 1 8.65 23.96 -3.37
CA GLY A 1 8.43 22.66 -2.74
C GLY A 1 7.27 21.96 -3.39
N PRO A 2 6.93 20.73 -2.95
CA PRO A 2 5.80 20.00 -3.50
C PRO A 2 4.47 20.68 -3.17
N LEU A 3 3.84 21.25 -4.16
CA LEU A 3 2.60 21.95 -3.95
C LEU A 3 1.45 20.96 -4.00
N GLY A 4 0.98 20.60 -2.83
CA GLY A 4 -0.08 19.66 -2.72
C GLY A 4 0.06 18.84 -1.47
N SER A 5 -0.84 19.06 -0.52
CA SER A 5 -0.82 18.30 0.72
C SER A 5 -1.34 16.92 0.44
N MET A 6 -2.18 16.87 -0.56
CA MET A 6 -2.72 15.63 -1.04
C MET A 6 -1.63 14.88 -1.76
N SER A 7 -1.23 13.87 -1.13
CA SER A 7 -0.15 13.10 -1.54
C SER A 7 -0.68 11.80 -2.06
N CYS A 8 0.00 11.19 -2.97
CA CYS A 8 -0.47 9.97 -3.54
C CYS A 8 0.66 8.99 -3.75
N VAL A 9 0.42 7.76 -3.41
CA VAL A 9 1.40 6.73 -3.65
C VAL A 9 0.91 5.92 -4.81
N HIS A 10 1.77 5.73 -5.77
CA HIS A 10 1.47 4.92 -6.91
C HIS A 10 1.64 3.50 -6.50
N TYR A 11 0.59 2.78 -6.49
CA TYR A 11 0.65 1.43 -6.09
C TYR A 11 -0.14 0.61 -7.06
N LYS A 12 0.34 -0.52 -7.43
CA LYS A 12 -0.44 -1.34 -8.29
C LYS A 12 -0.61 -2.69 -7.68
N PHE A 13 -1.79 -3.19 -7.76
CA PHE A 13 -2.12 -4.47 -7.24
C PHE A 13 -1.86 -5.49 -8.33
N SER A 14 -1.90 -6.76 -8.00
CA SER A 14 -1.65 -7.82 -8.95
C SER A 14 -2.72 -7.89 -10.06
N SER A 15 -3.83 -7.24 -9.82
CA SER A 15 -4.91 -7.15 -10.75
C SER A 15 -4.83 -5.88 -11.62
N LYS A 16 -3.97 -4.97 -11.24
CA LYS A 16 -3.87 -3.69 -11.91
C LYS A 16 -2.68 -3.66 -12.81
N LEU A 17 -2.88 -3.20 -14.01
CA LEU A 17 -1.85 -3.10 -15.01
C LEU A 17 -1.13 -1.77 -14.91
N ASN A 18 -1.80 -0.80 -14.33
CA ASN A 18 -1.20 0.50 -14.10
C ASN A 18 -1.38 0.86 -12.63
N TYR A 19 -0.73 1.91 -12.21
CA TYR A 19 -0.74 2.26 -10.80
C TYR A 19 -1.96 3.03 -10.35
N ASP A 20 -2.51 2.61 -9.24
CA ASP A 20 -3.57 3.33 -8.57
C ASP A 20 -2.88 4.37 -7.72
N THR A 21 -3.62 5.21 -7.08
CA THR A 21 -3.04 6.24 -6.29
C THR A 21 -3.85 6.47 -5.05
N VAL A 22 -3.26 6.23 -3.92
CA VAL A 22 -3.95 6.43 -2.70
C VAL A 22 -3.58 7.82 -2.18
N THR A 23 -4.57 8.61 -1.92
CA THR A 23 -4.35 9.96 -1.48
C THR A 23 -4.35 10.09 0.03
N PHE A 24 -3.27 10.62 0.53
CA PHE A 24 -3.04 10.81 1.94
C PHE A 24 -2.45 12.20 2.12
N ASP A 25 -2.23 12.62 3.33
CA ASP A 25 -1.65 13.92 3.56
C ASP A 25 -0.24 13.84 4.06
N GLY A 26 0.54 14.84 3.71
CA GLY A 26 1.89 14.94 4.19
C GLY A 26 2.91 14.67 3.11
N LEU A 27 3.62 13.59 3.27
CA LEU A 27 4.66 13.19 2.33
C LEU A 27 4.72 11.68 2.30
N HIS A 28 4.60 11.08 3.46
CA HIS A 28 4.64 9.64 3.60
C HIS A 28 3.59 9.12 4.55
N ILE A 29 3.23 7.89 4.35
CA ILE A 29 2.24 7.20 5.11
C ILE A 29 2.81 5.90 5.66
N SER A 30 2.60 5.67 6.94
CA SER A 30 3.00 4.43 7.56
C SER A 30 2.20 3.28 6.94
N LEU A 31 2.87 2.17 6.74
CA LEU A 31 2.32 0.99 6.10
C LEU A 31 1.06 0.50 6.77
N CYS A 32 1.01 0.59 8.10
CA CYS A 32 -0.19 0.22 8.84
C CYS A 32 -1.40 0.97 8.27
N ASP A 33 -1.23 2.26 8.08
CA ASP A 33 -2.34 3.09 7.64
C ASP A 33 -2.62 2.83 6.19
N LEU A 34 -1.53 2.64 5.46
CA LEU A 34 -1.55 2.37 4.01
C LEU A 34 -2.37 1.10 3.74
N LYS A 35 -2.11 0.07 4.51
CA LYS A 35 -2.78 -1.20 4.32
C LYS A 35 -4.23 -1.14 4.71
N LYS A 36 -4.53 -0.44 5.78
CA LYS A 36 -5.91 -0.33 6.22
C LYS A 36 -6.76 0.44 5.21
N GLN A 37 -6.18 1.46 4.59
CA GLN A 37 -6.89 2.23 3.57
C GLN A 37 -7.17 1.34 2.36
N ILE A 38 -6.16 0.60 1.94
CA ILE A 38 -6.27 -0.27 0.78
C ILE A 38 -7.20 -1.46 1.04
N MET A 39 -7.11 -2.06 2.23
CA MET A 39 -7.96 -3.20 2.55
C MET A 39 -9.43 -2.81 2.59
N GLY A 40 -9.70 -1.62 3.08
CA GLY A 40 -11.05 -1.14 3.09
C GLY A 40 -11.53 -0.77 1.70
N ARG A 41 -10.67 -0.08 0.96
CA ARG A 41 -10.99 0.38 -0.38
C ARG A 41 -11.19 -0.78 -1.36
N GLU A 42 -10.28 -1.71 -1.39
CA GLU A 42 -10.30 -2.79 -2.38
C GLU A 42 -11.03 -4.02 -1.86
N LYS A 43 -11.75 -3.83 -0.76
CA LYS A 43 -12.59 -4.86 -0.13
C LYS A 43 -11.79 -6.13 0.22
N LEU A 44 -10.65 -5.96 0.85
CA LEU A 44 -9.85 -7.11 1.22
C LEU A 44 -10.34 -7.74 2.49
N LYS A 45 -9.95 -8.97 2.70
CA LYS A 45 -10.23 -9.67 3.92
C LYS A 45 -9.04 -9.57 4.79
N ALA A 46 -9.18 -8.86 5.87
CA ALA A 46 -8.10 -8.75 6.83
C ALA A 46 -8.10 -9.99 7.73
N ALA A 47 -9.19 -10.74 7.66
CA ALA A 47 -9.36 -11.96 8.43
C ALA A 47 -9.00 -13.20 7.63
N ASP A 48 -8.87 -13.06 6.32
CA ASP A 48 -8.49 -14.20 5.47
C ASP A 48 -7.13 -13.99 4.86
N CYS A 49 -6.87 -12.77 4.48
CA CYS A 49 -5.65 -12.46 3.81
C CYS A 49 -4.88 -11.36 4.54
N ASP A 50 -3.72 -11.10 4.05
CA ASP A 50 -2.82 -10.10 4.54
C ASP A 50 -2.46 -9.23 3.37
N LEU A 51 -1.89 -8.13 3.62
CA LEU A 51 -1.56 -7.24 2.59
C LEU A 51 -0.07 -6.99 2.63
N GLN A 52 0.61 -7.44 1.62
CA GLN A 52 2.03 -7.36 1.57
C GLN A 52 2.46 -6.37 0.48
N ILE A 53 3.23 -5.38 0.85
CA ILE A 53 3.59 -4.30 -0.06
C ILE A 53 5.09 -4.35 -0.36
N THR A 54 5.42 -4.36 -1.61
CA THR A 54 6.79 -4.41 -2.04
C THR A 54 7.09 -3.20 -2.92
N ASN A 55 8.20 -2.54 -2.71
CA ASN A 55 8.58 -1.40 -3.54
C ASN A 55 8.79 -1.85 -4.98
N ALA A 56 8.36 -1.07 -5.93
CA ALA A 56 8.47 -1.45 -7.34
C ALA A 56 9.87 -1.18 -7.88
N GLN A 57 10.57 -0.32 -7.22
CA GLN A 57 11.89 0.09 -7.67
C GLN A 57 12.99 -0.61 -6.89
N THR A 58 12.89 -0.61 -5.58
CA THR A 58 13.92 -1.17 -4.74
C THR A 58 13.63 -2.64 -4.48
N LYS A 59 12.36 -3.00 -4.67
CA LYS A 59 11.84 -4.34 -4.43
C LYS A 59 11.93 -4.71 -2.96
N GLU A 60 11.96 -3.68 -2.12
CA GLU A 60 11.99 -3.90 -0.71
C GLU A 60 10.59 -4.18 -0.23
N GLU A 61 10.43 -5.27 0.43
CA GLU A 61 9.19 -5.66 0.97
C GLU A 61 9.01 -5.05 2.30
N TYR A 62 7.94 -4.37 2.44
CA TYR A 62 7.62 -3.70 3.66
C TYR A 62 6.85 -4.66 4.52
N THR A 63 7.56 -5.32 5.38
CA THR A 63 7.02 -6.36 6.18
C THR A 63 6.42 -5.87 7.49
N ASP A 64 6.92 -4.76 8.00
CA ASP A 64 6.40 -4.27 9.28
C ASP A 64 5.48 -3.12 9.03
N ASP A 65 4.47 -2.99 9.85
CA ASP A 65 3.48 -1.92 9.69
C ASP A 65 4.05 -0.54 9.99
N ASN A 66 5.20 -0.52 10.60
CA ASN A 66 5.86 0.73 10.97
C ASN A 66 6.62 1.30 9.75
N ALA A 67 6.74 0.48 8.70
CA ALA A 67 7.41 0.88 7.48
C ALA A 67 6.63 2.03 6.86
N LEU A 68 7.29 2.98 6.27
CA LEU A 68 6.59 4.15 5.74
C LEU A 68 6.76 4.24 4.24
N ILE A 69 5.71 4.56 3.53
CA ILE A 69 5.82 4.73 2.11
C ILE A 69 5.47 6.18 1.72
N PRO A 70 6.42 6.88 1.14
CA PRO A 70 6.23 8.24 0.64
C PRO A 70 5.59 8.31 -0.75
N LYS A 71 5.03 9.48 -1.07
CA LYS A 71 4.45 9.74 -2.41
C LYS A 71 5.55 9.83 -3.48
N ASN A 72 6.76 9.78 -3.02
CA ASN A 72 7.94 9.80 -3.88
C ASN A 72 8.31 8.40 -4.32
N SER A 73 7.58 7.43 -3.85
CA SER A 73 7.85 6.06 -4.17
C SER A 73 6.63 5.38 -4.77
N SER A 74 6.87 4.39 -5.58
CA SER A 74 5.83 3.58 -6.15
C SER A 74 5.99 2.17 -5.63
N VAL A 75 4.91 1.57 -5.21
CA VAL A 75 4.96 0.27 -4.59
C VAL A 75 3.97 -0.73 -5.25
N ILE A 76 4.27 -1.98 -5.11
CA ILE A 76 3.47 -3.08 -5.61
C ILE A 76 2.71 -3.62 -4.42
N VAL A 77 1.44 -3.76 -4.56
CA VAL A 77 0.64 -4.22 -3.46
C VAL A 77 0.16 -5.63 -3.76
N ARG A 78 0.60 -6.56 -2.96
CA ARG A 78 0.34 -7.95 -3.17
C ARG A 78 -0.49 -8.52 -2.02
N ARG A 79 -1.59 -9.13 -2.34
CA ARG A 79 -2.45 -9.73 -1.36
C ARG A 79 -2.02 -11.15 -1.12
N ILE A 80 -1.51 -11.40 0.05
CA ILE A 80 -1.02 -12.70 0.39
C ILE A 80 -1.96 -13.29 1.45
N PRO A 81 -2.13 -14.60 1.53
CA PRO A 81 -3.03 -15.19 2.51
C PRO A 81 -2.39 -15.30 3.91
N ILE A 82 -3.17 -15.01 4.96
CA ILE A 82 -2.67 -15.24 6.31
C ILE A 82 -2.89 -16.70 6.63
N GLY A 83 -3.86 -17.24 5.95
CA GLY A 83 -4.22 -18.59 6.03
C GLY A 83 -5.56 -18.76 5.38
N GLY A 84 -6.54 -18.26 6.04
CA GLY A 84 -7.87 -18.35 5.55
C GLY A 84 -8.83 -18.10 6.66
N VAL A 85 -10.08 -18.04 6.33
CA VAL A 85 -11.13 -17.83 7.32
C VAL A 85 -11.20 -18.96 8.33
N LYS A 86 -11.15 -18.60 9.58
CA LYS A 86 -11.24 -19.52 10.67
C LYS A 86 -12.38 -19.07 11.52
N GLY A 1 -5.44 18.53 -2.93
CA GLY A 1 -6.01 19.13 -4.14
C GLY A 1 -5.11 18.88 -5.31
N PRO A 2 -5.51 19.29 -6.54
CA PRO A 2 -4.68 19.11 -7.74
C PRO A 2 -3.38 19.91 -7.67
N LEU A 3 -3.43 21.05 -7.00
CA LEU A 3 -2.27 21.89 -6.82
C LEU A 3 -1.67 21.62 -5.48
N GLY A 4 -0.45 22.02 -5.31
CA GLY A 4 0.21 21.81 -4.07
C GLY A 4 1.06 20.57 -4.09
N SER A 5 2.13 20.59 -3.38
CA SER A 5 2.99 19.46 -3.28
C SER A 5 2.51 18.60 -2.11
N MET A 6 1.82 17.54 -2.43
CA MET A 6 1.22 16.68 -1.44
C MET A 6 2.07 15.45 -1.20
N SER A 7 1.54 14.52 -0.46
CA SER A 7 2.22 13.31 -0.18
C SER A 7 1.41 12.20 -0.77
N CYS A 8 1.96 11.59 -1.76
CA CYS A 8 1.26 10.59 -2.51
C CYS A 8 2.19 9.44 -2.81
N VAL A 9 1.71 8.24 -2.63
CA VAL A 9 2.49 7.06 -2.95
C VAL A 9 1.91 6.44 -4.20
N HIS A 10 2.78 6.11 -5.13
CA HIS A 10 2.37 5.45 -6.34
C HIS A 10 2.39 3.98 -6.10
N TYR A 11 1.25 3.37 -6.15
CA TYR A 11 1.15 1.97 -5.90
C TYR A 11 0.36 1.34 -7.03
N LYS A 12 0.84 0.28 -7.61
CA LYS A 12 -0.01 -0.36 -8.56
C LYS A 12 -0.46 -1.66 -7.97
N PHE A 13 -1.69 -1.99 -8.16
CA PHE A 13 -2.19 -3.22 -7.63
C PHE A 13 -1.84 -4.32 -8.63
N SER A 14 -1.96 -5.54 -8.21
CA SER A 14 -1.69 -6.68 -9.08
C SER A 14 -2.78 -6.80 -10.17
N SER A 15 -3.89 -6.15 -9.95
CA SER A 15 -4.97 -6.10 -10.88
C SER A 15 -4.81 -4.90 -11.82
N LYS A 16 -3.91 -3.99 -11.45
CA LYS A 16 -3.68 -2.78 -12.19
C LYS A 16 -2.38 -2.85 -12.98
N LEU A 17 -2.37 -2.21 -14.10
CA LEU A 17 -1.19 -2.12 -14.93
C LEU A 17 -0.50 -0.80 -14.63
N ASN A 18 -1.31 0.18 -14.27
CA ASN A 18 -0.83 1.52 -13.97
C ASN A 18 -0.86 1.76 -12.49
N TYR A 19 -0.15 2.76 -12.06
CA TYR A 19 -0.05 3.09 -10.66
C TYR A 19 -1.17 3.99 -10.22
N ASP A 20 -1.61 3.75 -9.02
CA ASP A 20 -2.66 4.48 -8.38
C ASP A 20 -1.97 5.30 -7.29
N THR A 21 -2.69 6.11 -6.56
CA THR A 21 -2.05 6.98 -5.59
C THR A 21 -2.86 7.20 -4.31
N VAL A 22 -2.22 6.98 -3.18
CA VAL A 22 -2.81 7.31 -1.88
C VAL A 22 -2.33 8.67 -1.45
N THR A 23 -3.25 9.52 -1.10
CA THR A 23 -2.93 10.80 -0.58
C THR A 23 -2.92 10.74 0.94
N PHE A 24 -1.82 11.09 1.53
CA PHE A 24 -1.69 11.01 2.96
C PHE A 24 -0.91 12.23 3.41
N ASP A 25 -0.82 12.47 4.69
CA ASP A 25 -0.04 13.59 5.17
C ASP A 25 1.15 13.07 5.94
N GLY A 26 2.32 13.44 5.52
CA GLY A 26 3.52 12.96 6.10
C GLY A 26 4.51 12.65 5.02
N LEU A 27 5.61 12.05 5.34
CA LEU A 27 6.57 11.70 4.33
C LEU A 27 6.34 10.23 3.95
N HIS A 28 5.94 9.47 4.94
CA HIS A 28 5.72 8.05 4.78
C HIS A 28 4.58 7.53 5.62
N ILE A 29 3.97 6.48 5.13
CA ILE A 29 2.84 5.85 5.75
C ILE A 29 3.16 4.39 6.08
N SER A 30 2.89 4.01 7.30
CA SER A 30 3.06 2.66 7.77
C SER A 30 2.15 1.71 6.96
N LEU A 31 2.66 0.53 6.68
CA LEU A 31 1.99 -0.48 5.88
C LEU A 31 0.63 -0.81 6.44
N CYS A 32 0.55 -0.90 7.76
CA CYS A 32 -0.71 -1.20 8.42
C CYS A 32 -1.78 -0.20 7.97
N ASP A 33 -1.42 1.07 7.96
CA ASP A 33 -2.38 2.11 7.63
C ASP A 33 -2.64 2.11 6.16
N LEU A 34 -1.57 1.93 5.39
CA LEU A 34 -1.63 1.92 3.94
C LEU A 34 -2.55 0.81 3.44
N LYS A 35 -2.40 -0.37 4.02
CA LYS A 35 -3.24 -1.49 3.65
C LYS A 35 -4.69 -1.21 4.02
N LYS A 36 -4.91 -0.58 5.17
CA LYS A 36 -6.26 -0.23 5.61
C LYS A 36 -6.92 0.73 4.62
N GLN A 37 -6.13 1.65 4.08
CA GLN A 37 -6.64 2.61 3.11
C GLN A 37 -7.01 1.88 1.83
N ILE A 38 -6.09 1.07 1.33
CA ILE A 38 -6.28 0.37 0.07
C ILE A 38 -7.37 -0.71 0.17
N MET A 39 -7.38 -1.47 1.25
CA MET A 39 -8.38 -2.54 1.42
C MET A 39 -9.76 -1.96 1.52
N GLY A 40 -9.88 -0.85 2.22
CA GLY A 40 -11.16 -0.19 2.33
C GLY A 40 -11.59 0.42 1.01
N ARG A 41 -10.63 1.04 0.33
CA ARG A 41 -10.87 1.71 -0.94
C ARG A 41 -11.23 0.73 -2.06
N GLU A 42 -10.50 -0.35 -2.18
CA GLU A 42 -10.69 -1.30 -3.26
C GLU A 42 -11.64 -2.41 -2.90
N LYS A 43 -12.17 -2.33 -1.70
CA LYS A 43 -13.18 -3.23 -1.15
C LYS A 43 -12.63 -4.65 -0.99
N LEU A 44 -11.53 -4.75 -0.30
CA LEU A 44 -10.94 -6.06 -0.04
C LEU A 44 -11.51 -6.64 1.22
N LYS A 45 -11.44 -7.93 1.35
CA LYS A 45 -11.87 -8.57 2.57
C LYS A 45 -10.67 -8.76 3.48
N ALA A 46 -10.57 -7.87 4.44
CA ALA A 46 -9.42 -7.75 5.31
C ALA A 46 -9.37 -8.85 6.37
N ALA A 47 -10.47 -9.51 6.59
CA ALA A 47 -10.52 -10.56 7.60
C ALA A 47 -10.22 -11.91 7.01
N ASP A 48 -10.20 -11.98 5.70
CA ASP A 48 -9.97 -13.24 5.02
C ASP A 48 -8.57 -13.28 4.43
N CYS A 49 -8.15 -12.17 3.90
CA CYS A 49 -6.88 -12.09 3.27
C CYS A 49 -6.10 -10.88 3.79
N ASP A 50 -4.90 -10.74 3.32
CA ASP A 50 -4.03 -9.67 3.73
C ASP A 50 -3.53 -8.98 2.49
N LEU A 51 -2.88 -7.90 2.67
CA LEU A 51 -2.42 -7.15 1.57
C LEU A 51 -0.90 -7.09 1.64
N GLN A 52 -0.25 -7.47 0.59
CA GLN A 52 1.19 -7.56 0.60
C GLN A 52 1.77 -6.55 -0.35
N ILE A 53 2.60 -5.69 0.14
CA ILE A 53 3.13 -4.62 -0.66
C ILE A 53 4.64 -4.79 -0.85
N THR A 54 5.09 -4.76 -2.07
CA THR A 54 6.50 -4.82 -2.36
C THR A 54 6.95 -3.48 -2.91
N ASN A 55 8.13 -3.06 -2.57
CA ASN A 55 8.67 -1.83 -3.09
C ASN A 55 9.20 -2.08 -4.49
N ALA A 56 8.84 -1.24 -5.42
CA ALA A 56 9.28 -1.44 -6.81
C ALA A 56 10.68 -0.89 -7.02
N GLN A 57 11.17 -0.15 -6.06
CA GLN A 57 12.47 0.48 -6.18
C GLN A 57 13.53 -0.22 -5.33
N THR A 58 13.22 -0.49 -4.07
CA THR A 58 14.18 -1.10 -3.17
C THR A 58 14.08 -2.60 -3.25
N LYS A 59 12.92 -3.05 -3.77
CA LYS A 59 12.56 -4.46 -3.96
C LYS A 59 12.28 -5.11 -2.62
N GLU A 60 12.10 -4.30 -1.60
CA GLU A 60 11.83 -4.83 -0.30
C GLU A 60 10.37 -5.17 -0.20
N GLU A 61 10.08 -6.34 0.27
CA GLU A 61 8.74 -6.74 0.43
C GLU A 61 8.37 -6.44 1.83
N TYR A 62 7.32 -5.74 1.98
CA TYR A 62 6.88 -5.34 3.26
C TYR A 62 5.93 -6.39 3.79
N THR A 63 6.44 -7.19 4.67
CA THR A 63 5.71 -8.30 5.24
C THR A 63 5.17 -7.99 6.64
N ASP A 64 5.78 -7.02 7.30
CA ASP A 64 5.35 -6.60 8.63
C ASP A 64 4.58 -5.34 8.49
N ASP A 65 3.61 -5.14 9.32
CA ASP A 65 2.76 -3.96 9.19
C ASP A 65 3.44 -2.70 9.69
N ASN A 66 4.60 -2.87 10.30
CA ASN A 66 5.38 -1.77 10.81
C ASN A 66 6.20 -1.16 9.68
N ALA A 67 6.23 -1.87 8.55
CA ALA A 67 6.95 -1.43 7.38
C ALA A 67 6.36 -0.12 6.90
N LEU A 68 7.18 0.77 6.45
CA LEU A 68 6.70 2.09 6.08
C LEU A 68 6.91 2.37 4.61
N ILE A 69 5.94 2.97 3.98
CA ILE A 69 6.10 3.35 2.59
C ILE A 69 6.07 4.87 2.43
N PRO A 70 7.19 5.45 2.00
CA PRO A 70 7.27 6.87 1.70
C PRO A 70 6.69 7.24 0.34
N LYS A 71 6.24 8.50 0.24
CA LYS A 71 5.69 9.07 -1.01
C LYS A 71 6.71 9.08 -2.14
N ASN A 72 7.96 8.98 -1.76
CA ASN A 72 9.06 9.00 -2.69
C ASN A 72 9.15 7.67 -3.43
N SER A 73 8.56 6.66 -2.85
CA SER A 73 8.65 5.34 -3.36
C SER A 73 7.40 4.89 -4.09
N SER A 74 7.59 4.21 -5.18
CA SER A 74 6.51 3.58 -5.86
C SER A 74 6.52 2.10 -5.43
N VAL A 75 5.39 1.62 -5.01
CA VAL A 75 5.30 0.27 -4.52
C VAL A 75 4.24 -0.50 -5.30
N ILE A 76 4.25 -1.79 -5.18
CA ILE A 76 3.31 -2.63 -5.86
C ILE A 76 2.53 -3.43 -4.85
N VAL A 77 1.23 -3.40 -5.00
CA VAL A 77 0.33 -3.98 -4.06
C VAL A 77 -0.20 -5.31 -4.58
N ARG A 78 -0.01 -6.31 -3.78
CA ARG A 78 -0.39 -7.66 -4.08
C ARG A 78 -1.38 -8.13 -3.02
N ARG A 79 -2.32 -8.93 -3.39
CA ARG A 79 -3.28 -9.46 -2.45
C ARG A 79 -2.87 -10.89 -2.09
N ILE A 80 -2.71 -11.18 -0.81
CA ILE A 80 -2.28 -12.50 -0.39
C ILE A 80 -3.20 -13.05 0.70
N PRO A 81 -3.28 -14.37 0.86
CA PRO A 81 -4.07 -14.97 1.94
C PRO A 81 -3.34 -14.83 3.28
N ILE A 82 -4.07 -14.55 4.35
CA ILE A 82 -3.43 -14.45 5.67
C ILE A 82 -2.88 -15.79 6.08
N GLY A 83 -3.69 -16.83 5.90
CA GLY A 83 -3.33 -18.18 6.28
C GLY A 83 -2.88 -18.25 7.72
N GLY A 84 -3.61 -17.60 8.58
CA GLY A 84 -3.26 -17.55 9.96
C GLY A 84 -4.44 -17.20 10.80
N VAL A 85 -4.57 -17.86 11.92
CA VAL A 85 -5.66 -17.60 12.81
C VAL A 85 -5.22 -16.70 13.96
N LYS A 86 -5.62 -15.47 13.88
CA LYS A 86 -5.26 -14.49 14.85
C LYS A 86 -6.52 -13.77 15.31
N GLY A 1 2.15 20.54 -9.06
CA GLY A 1 2.27 22.00 -9.02
C GLY A 1 3.21 22.41 -7.94
N PRO A 2 2.97 23.54 -7.26
CA PRO A 2 3.82 23.98 -6.15
C PRO A 2 3.54 23.14 -4.90
N LEU A 3 4.09 23.54 -3.76
CA LEU A 3 3.86 22.83 -2.51
C LEU A 3 2.37 22.76 -2.25
N GLY A 4 1.88 21.57 -2.08
CA GLY A 4 0.47 21.36 -2.00
C GLY A 4 0.04 20.58 -3.20
N SER A 5 0.74 19.50 -3.43
CA SER A 5 0.50 18.61 -4.52
C SER A 5 -0.07 17.32 -3.94
N MET A 6 -0.50 17.43 -2.67
CA MET A 6 -1.03 16.35 -1.89
C MET A 6 0.02 15.29 -1.65
N SER A 7 -0.40 14.20 -1.12
CA SER A 7 0.47 13.11 -0.90
C SER A 7 -0.18 11.86 -1.40
N CYS A 8 0.48 11.19 -2.30
CA CYS A 8 -0.05 9.96 -2.84
C CYS A 8 1.08 9.03 -3.22
N VAL A 9 0.87 7.77 -3.00
CA VAL A 9 1.86 6.76 -3.32
C VAL A 9 1.40 6.02 -4.55
N HIS A 10 2.29 5.87 -5.49
CA HIS A 10 2.03 5.09 -6.67
C HIS A 10 2.15 3.65 -6.33
N TYR A 11 1.05 2.97 -6.36
CA TYR A 11 1.02 1.58 -6.03
C TYR A 11 0.26 0.83 -7.09
N LYS A 12 0.69 -0.33 -7.45
CA LYS A 12 -0.13 -1.09 -8.35
C LYS A 12 -0.49 -2.38 -7.68
N PHE A 13 -1.69 -2.82 -7.89
CA PHE A 13 -2.12 -4.08 -7.35
C PHE A 13 -1.66 -5.14 -8.34
N SER A 14 -1.52 -6.36 -7.88
CA SER A 14 -0.99 -7.47 -8.69
C SER A 14 -1.75 -7.66 -10.01
N SER A 15 -3.03 -7.36 -9.99
CA SER A 15 -3.83 -7.53 -11.17
C SER A 15 -4.50 -6.20 -11.57
N LYS A 16 -3.99 -5.09 -11.03
CA LYS A 16 -4.51 -3.78 -11.38
C LYS A 16 -3.76 -3.34 -12.63
N LEU A 17 -2.52 -3.84 -12.74
CA LEU A 17 -1.59 -3.63 -13.86
C LEU A 17 -1.00 -2.23 -13.85
N ASN A 18 -1.84 -1.27 -13.80
CA ASN A 18 -1.43 0.11 -13.81
C ASN A 18 -1.40 0.66 -12.41
N TYR A 19 -0.55 1.63 -12.18
CA TYR A 19 -0.41 2.21 -10.88
C TYR A 19 -1.56 3.10 -10.51
N ASP A 20 -1.91 3.05 -9.28
CA ASP A 20 -2.96 3.81 -8.70
C ASP A 20 -2.28 4.72 -7.68
N THR A 21 -3.03 5.55 -7.03
CA THR A 21 -2.46 6.52 -6.14
C THR A 21 -3.30 6.65 -4.90
N VAL A 22 -2.73 6.33 -3.79
CA VAL A 22 -3.43 6.42 -2.55
C VAL A 22 -3.12 7.76 -1.89
N THR A 23 -4.13 8.55 -1.70
CA THR A 23 -3.98 9.86 -1.14
C THR A 23 -3.99 9.83 0.38
N PHE A 24 -2.97 10.41 0.96
CA PHE A 24 -2.81 10.50 2.39
C PHE A 24 -2.22 11.86 2.71
N ASP A 25 -2.07 12.18 3.97
CA ASP A 25 -1.41 13.39 4.34
C ASP A 25 -0.12 13.02 5.06
N GLY A 26 0.89 13.82 4.87
CA GLY A 26 2.20 13.55 5.41
C GLY A 26 3.15 13.22 4.28
N LEU A 27 4.39 12.91 4.59
CA LEU A 27 5.35 12.54 3.55
C LEU A 27 5.24 11.05 3.31
N HIS A 28 4.96 10.34 4.36
CA HIS A 28 4.84 8.90 4.33
C HIS A 28 3.68 8.42 5.13
N ILE A 29 3.28 7.23 4.83
CA ILE A 29 2.17 6.62 5.47
C ILE A 29 2.56 5.23 5.98
N SER A 30 2.28 4.99 7.24
CA SER A 30 2.52 3.72 7.87
C SER A 30 1.68 2.63 7.21
N LEU A 31 2.20 1.44 7.16
CA LEU A 31 1.59 0.32 6.50
C LEU A 31 0.22 -0.02 7.05
N CYS A 32 0.06 0.02 8.37
CA CYS A 32 -1.24 -0.22 8.98
C CYS A 32 -2.25 0.78 8.39
N ASP A 33 -1.84 2.02 8.32
CA ASP A 33 -2.67 3.09 7.78
C ASP A 33 -2.94 2.87 6.30
N LEU A 34 -1.89 2.54 5.58
CA LEU A 34 -1.95 2.37 4.13
C LEU A 34 -2.84 1.21 3.73
N LYS A 35 -2.68 0.08 4.40
CA LYS A 35 -3.48 -1.09 4.10
C LYS A 35 -4.94 -0.82 4.41
N LYS A 36 -5.19 -0.14 5.53
CA LYS A 36 -6.56 0.23 5.91
C LYS A 36 -7.20 1.18 4.89
N GLN A 37 -6.41 2.08 4.34
CA GLN A 37 -6.89 2.98 3.29
C GLN A 37 -7.30 2.18 2.07
N ILE A 38 -6.41 1.31 1.63
CA ILE A 38 -6.63 0.52 0.42
C ILE A 38 -7.73 -0.53 0.62
N MET A 39 -7.65 -1.27 1.71
CA MET A 39 -8.61 -2.34 1.98
C MET A 39 -9.99 -1.79 2.22
N GLY A 40 -10.10 -0.63 2.80
CA GLY A 40 -11.40 -0.05 2.97
C GLY A 40 -11.95 0.46 1.67
N ARG A 41 -11.10 1.13 0.91
CA ARG A 41 -11.45 1.76 -0.35
C ARG A 41 -11.97 0.74 -1.36
N GLU A 42 -11.23 -0.32 -1.55
CA GLU A 42 -11.56 -1.30 -2.59
C GLU A 42 -12.42 -2.42 -2.00
N LYS A 43 -12.69 -2.29 -0.72
CA LYS A 43 -13.47 -3.23 0.05
C LYS A 43 -12.85 -4.62 0.09
N LEU A 44 -11.76 -4.71 0.79
CA LEU A 44 -11.07 -5.94 1.02
C LEU A 44 -11.37 -6.41 2.43
N LYS A 45 -11.48 -7.70 2.61
CA LYS A 45 -11.73 -8.24 3.93
C LYS A 45 -10.44 -8.59 4.64
N ALA A 46 -10.07 -7.74 5.56
CA ALA A 46 -8.82 -7.85 6.30
C ALA A 46 -8.81 -9.02 7.28
N ALA A 47 -9.99 -9.53 7.59
CA ALA A 47 -10.10 -10.66 8.50
C ALA A 47 -9.95 -11.98 7.75
N ASP A 48 -9.73 -11.89 6.46
CA ASP A 48 -9.54 -13.06 5.63
C ASP A 48 -8.20 -12.99 4.93
N CYS A 49 -7.82 -11.81 4.56
CA CYS A 49 -6.60 -11.61 3.86
C CYS A 49 -5.85 -10.41 4.42
N ASP A 50 -4.56 -10.45 4.27
CA ASP A 50 -3.71 -9.37 4.68
C ASP A 50 -3.22 -8.72 3.44
N LEU A 51 -2.77 -7.54 3.55
CA LEU A 51 -2.34 -6.83 2.42
C LEU A 51 -0.82 -6.74 2.49
N GLN A 52 -0.18 -7.46 1.64
CA GLN A 52 1.24 -7.57 1.69
C GLN A 52 1.84 -6.72 0.60
N ILE A 53 2.44 -5.65 1.01
CA ILE A 53 2.94 -4.66 0.11
C ILE A 53 4.39 -4.94 -0.18
N THR A 54 4.77 -4.86 -1.41
CA THR A 54 6.13 -5.03 -1.79
C THR A 54 6.60 -3.73 -2.45
N ASN A 55 7.86 -3.41 -2.34
CA ASN A 55 8.41 -2.23 -2.98
C ASN A 55 8.50 -2.46 -4.48
N ALA A 56 8.18 -1.46 -5.28
CA ALA A 56 8.22 -1.63 -6.73
C ALA A 56 9.64 -1.58 -7.26
N GLN A 57 10.50 -0.89 -6.53
CA GLN A 57 11.89 -0.75 -6.93
C GLN A 57 12.75 -1.83 -6.30
N THR A 58 12.74 -1.89 -4.98
CA THR A 58 13.68 -2.75 -4.27
C THR A 58 13.11 -4.14 -4.11
N LYS A 59 11.80 -4.25 -4.31
CA LYS A 59 11.04 -5.48 -4.16
C LYS A 59 11.06 -5.98 -2.72
N GLU A 60 11.34 -5.07 -1.80
CA GLU A 60 11.31 -5.39 -0.39
C GLU A 60 9.87 -5.49 0.05
N GLU A 61 9.53 -6.55 0.72
CA GLU A 61 8.22 -6.76 1.19
C GLU A 61 8.02 -6.13 2.52
N TYR A 62 6.92 -5.51 2.68
CA TYR A 62 6.55 -4.90 3.92
C TYR A 62 5.53 -5.79 4.58
N THR A 63 5.96 -6.52 5.56
CA THR A 63 5.09 -7.42 6.24
C THR A 63 4.73 -6.89 7.62
N ASP A 64 5.54 -5.96 8.13
CA ASP A 64 5.30 -5.39 9.44
C ASP A 64 4.43 -4.17 9.26
N ASP A 65 3.40 -4.04 10.07
CA ASP A 65 2.46 -2.90 9.93
C ASP A 65 3.12 -1.57 10.26
N ASN A 66 4.29 -1.64 10.85
CA ASN A 66 5.03 -0.44 11.24
C ASN A 66 5.87 0.08 10.09
N ALA A 67 5.90 -0.67 9.00
CA ALA A 67 6.62 -0.25 7.81
C ALA A 67 5.98 1.02 7.28
N LEU A 68 6.74 1.93 6.79
CA LEU A 68 6.20 3.18 6.32
C LEU A 68 6.49 3.34 4.85
N ILE A 69 5.53 3.80 4.10
CA ILE A 69 5.75 4.01 2.71
C ILE A 69 5.56 5.49 2.37
N PRO A 70 6.63 6.15 1.94
CA PRO A 70 6.58 7.54 1.49
C PRO A 70 6.01 7.70 0.07
N LYS A 71 5.48 8.88 -0.21
CA LYS A 71 4.93 9.22 -1.53
C LYS A 71 6.02 9.34 -2.57
N ASN A 72 7.24 9.30 -2.11
CA ASN A 72 8.42 9.37 -2.94
C ASN A 72 8.71 7.99 -3.53
N SER A 73 8.13 6.99 -2.93
CA SER A 73 8.33 5.62 -3.33
C SER A 73 7.12 5.09 -4.08
N SER A 74 7.32 4.07 -4.84
CA SER A 74 6.25 3.38 -5.51
C SER A 74 6.27 1.94 -5.01
N VAL A 75 5.13 1.41 -4.73
CA VAL A 75 5.04 0.08 -4.17
C VAL A 75 4.03 -0.77 -4.92
N ILE A 76 4.06 -2.04 -4.70
CA ILE A 76 3.16 -2.97 -5.32
C ILE A 76 2.37 -3.67 -4.25
N VAL A 77 1.11 -3.70 -4.45
CA VAL A 77 0.18 -4.19 -3.49
C VAL A 77 -0.27 -5.58 -3.87
N ARG A 78 -0.06 -6.52 -2.98
CA ARG A 78 -0.41 -7.88 -3.22
C ARG A 78 -1.27 -8.38 -2.05
N ARG A 79 -2.39 -8.95 -2.37
CA ARG A 79 -3.28 -9.47 -1.35
C ARG A 79 -2.91 -10.89 -1.04
N ILE A 80 -2.68 -11.18 0.23
CA ILE A 80 -2.29 -12.49 0.65
C ILE A 80 -3.28 -13.03 1.67
N PRO A 81 -3.59 -14.29 1.63
CA PRO A 81 -4.50 -14.91 2.60
C PRO A 81 -3.81 -15.10 3.95
N ILE A 82 -4.42 -14.63 5.02
CA ILE A 82 -3.80 -14.77 6.35
C ILE A 82 -3.84 -16.21 6.84
N GLY A 83 -4.86 -16.95 6.42
CA GLY A 83 -4.95 -18.34 6.79
C GLY A 83 -4.12 -19.20 5.89
N GLY A 84 -3.81 -18.67 4.73
CA GLY A 84 -3.00 -19.38 3.79
C GLY A 84 -1.56 -19.21 4.14
N VAL A 85 -1.14 -17.97 4.24
CA VAL A 85 0.20 -17.62 4.59
C VAL A 85 0.25 -17.39 6.10
N LYS A 86 0.61 -18.42 6.81
CA LYS A 86 0.68 -18.37 8.25
C LYS A 86 2.05 -17.89 8.71
N GLY A 1 -4.31 18.73 1.53
CA GLY A 1 -3.51 19.97 1.61
C GLY A 1 -4.20 21.14 0.96
N PRO A 2 -4.16 22.36 1.58
CA PRO A 2 -4.79 23.59 1.03
C PRO A 2 -4.28 23.93 -0.38
N LEU A 3 -2.97 23.95 -0.56
CA LEU A 3 -2.41 24.15 -1.87
C LEU A 3 -2.31 22.82 -2.52
N GLY A 4 -1.78 21.90 -1.77
CA GLY A 4 -1.62 20.59 -2.24
C GLY A 4 -0.39 20.00 -1.67
N SER A 5 0.68 19.98 -2.47
CA SER A 5 1.95 19.33 -2.13
C SER A 5 1.62 17.86 -1.86
N MET A 6 0.68 17.38 -2.65
CA MET A 6 0.05 16.09 -2.50
C MET A 6 1.02 14.95 -2.66
N SER A 7 0.71 13.87 -2.05
CA SER A 7 1.51 12.73 -2.06
C SER A 7 0.75 11.53 -2.48
N CYS A 8 1.35 10.78 -3.35
CA CYS A 8 0.75 9.60 -3.87
C CYS A 8 1.80 8.58 -4.13
N VAL A 9 1.49 7.37 -3.83
CA VAL A 9 2.38 6.28 -4.06
C VAL A 9 1.88 5.46 -5.20
N HIS A 10 2.73 5.28 -6.19
CA HIS A 10 2.45 4.43 -7.32
C HIS A 10 2.54 3.00 -6.88
N TYR A 11 1.41 2.39 -6.73
CA TYR A 11 1.35 1.04 -6.30
C TYR A 11 0.56 0.24 -7.30
N LYS A 12 1.04 -0.88 -7.70
CA LYS A 12 0.22 -1.67 -8.59
C LYS A 12 -0.30 -2.85 -7.82
N PHE A 13 -1.56 -3.13 -7.95
CA PHE A 13 -2.14 -4.26 -7.33
C PHE A 13 -2.17 -5.33 -8.40
N SER A 14 -2.32 -6.57 -8.03
CA SER A 14 -2.32 -7.67 -8.98
C SER A 14 -3.46 -7.54 -10.02
N SER A 15 -4.55 -6.86 -9.69
CA SER A 15 -5.66 -6.70 -10.63
C SER A 15 -5.45 -5.46 -11.53
N LYS A 16 -4.49 -4.62 -11.16
CA LYS A 16 -4.15 -3.45 -11.95
C LYS A 16 -2.98 -3.83 -12.84
N LEU A 17 -3.03 -3.50 -14.12
CA LEU A 17 -1.90 -3.80 -14.99
C LEU A 17 -0.91 -2.65 -14.92
N ASN A 18 -1.41 -1.51 -14.54
CA ASN A 18 -0.60 -0.32 -14.37
C ASN A 18 -0.71 0.14 -12.95
N TYR A 19 0.10 1.06 -12.56
CA TYR A 19 0.15 1.50 -11.19
C TYR A 19 -1.00 2.41 -10.86
N ASP A 20 -1.45 2.28 -9.65
CA ASP A 20 -2.52 3.05 -9.10
C ASP A 20 -1.84 4.04 -8.16
N THR A 21 -2.58 4.91 -7.53
CA THR A 21 -1.98 5.93 -6.73
C THR A 21 -2.77 6.20 -5.48
N VAL A 22 -2.19 5.88 -4.34
CA VAL A 22 -2.85 6.11 -3.09
C VAL A 22 -2.37 7.46 -2.54
N THR A 23 -3.28 8.23 -2.03
CA THR A 23 -2.97 9.57 -1.60
C THR A 23 -2.98 9.73 -0.08
N PHE A 24 -2.10 10.57 0.41
CA PHE A 24 -1.97 10.90 1.82
C PHE A 24 -1.27 12.24 1.93
N ASP A 25 -1.43 12.94 3.03
CA ASP A 25 -0.70 14.18 3.23
C ASP A 25 0.48 13.93 4.11
N GLY A 26 1.63 14.12 3.55
CA GLY A 26 2.86 13.85 4.21
C GLY A 26 3.80 13.25 3.22
N LEU A 27 5.02 13.00 3.59
CA LEU A 27 5.98 12.47 2.66
C LEU A 27 5.89 10.95 2.59
N HIS A 28 5.56 10.36 3.70
CA HIS A 28 5.48 8.92 3.79
C HIS A 28 4.40 8.43 4.69
N ILE A 29 3.93 7.25 4.37
CA ILE A 29 2.86 6.64 5.07
C ILE A 29 3.28 5.25 5.58
N SER A 30 3.01 5.00 6.83
CA SER A 30 3.28 3.71 7.45
C SER A 30 2.47 2.61 6.77
N LEU A 31 3.03 1.42 6.73
CA LEU A 31 2.43 0.27 6.12
C LEU A 31 1.06 -0.04 6.73
N CYS A 32 0.97 0.06 8.05
CA CYS A 32 -0.29 -0.14 8.75
C CYS A 32 -1.35 0.84 8.19
N ASP A 33 -0.98 2.08 8.03
CA ASP A 33 -1.87 3.11 7.49
C ASP A 33 -2.16 2.86 6.03
N LEU A 34 -1.11 2.53 5.30
CA LEU A 34 -1.17 2.33 3.87
C LEU A 34 -2.06 1.15 3.51
N LYS A 35 -1.88 0.04 4.20
CA LYS A 35 -2.69 -1.13 3.94
C LYS A 35 -4.14 -0.86 4.20
N LYS A 36 -4.45 -0.18 5.29
CA LYS A 36 -5.83 0.16 5.62
C LYS A 36 -6.45 1.04 4.53
N GLN A 37 -5.65 1.91 3.96
CA GLN A 37 -6.11 2.76 2.88
C GLN A 37 -6.36 1.97 1.62
N ILE A 38 -5.45 1.05 1.32
CA ILE A 38 -5.57 0.25 0.11
C ILE A 38 -6.66 -0.83 0.26
N MET A 39 -6.78 -1.39 1.46
CA MET A 39 -7.80 -2.39 1.72
C MET A 39 -9.17 -1.81 1.54
N GLY A 40 -9.40 -0.63 2.07
CA GLY A 40 -10.68 0.03 1.88
C GLY A 40 -10.89 0.43 0.43
N ARG A 41 -9.80 0.88 -0.20
CA ARG A 41 -9.74 1.30 -1.60
C ARG A 41 -10.25 0.20 -2.53
N GLU A 42 -9.73 -1.00 -2.34
CA GLU A 42 -10.08 -2.11 -3.21
C GLU A 42 -11.11 -3.04 -2.59
N LYS A 43 -11.62 -2.64 -1.45
CA LYS A 43 -12.69 -3.36 -0.75
C LYS A 43 -12.23 -4.76 -0.28
N LEU A 44 -10.97 -4.87 0.13
CA LEU A 44 -10.40 -6.15 0.58
C LEU A 44 -11.02 -6.62 1.87
N LYS A 45 -10.98 -7.90 2.06
CA LYS A 45 -11.41 -8.49 3.29
C LYS A 45 -10.17 -8.77 4.15
N ALA A 46 -10.01 -7.98 5.17
CA ALA A 46 -8.86 -8.11 6.05
C ALA A 46 -9.08 -9.26 7.02
N ALA A 47 -10.27 -9.83 6.97
CA ALA A 47 -10.63 -10.98 7.79
C ALA A 47 -10.18 -12.28 7.13
N ASP A 48 -9.64 -12.18 5.93
CA ASP A 48 -9.10 -13.36 5.25
C ASP A 48 -7.72 -13.07 4.75
N CYS A 49 -7.53 -11.91 4.21
CA CYS A 49 -6.24 -11.59 3.69
C CYS A 49 -5.57 -10.36 4.33
N ASP A 50 -4.26 -10.34 4.20
CA ASP A 50 -3.37 -9.29 4.65
C ASP A 50 -2.80 -8.69 3.40
N LEU A 51 -2.15 -7.61 3.52
CA LEU A 51 -1.67 -6.96 2.37
C LEU A 51 -0.16 -6.87 2.44
N GLN A 52 0.51 -7.54 1.57
CA GLN A 52 1.94 -7.54 1.60
C GLN A 52 2.49 -6.71 0.49
N ILE A 53 3.23 -5.71 0.84
CA ILE A 53 3.67 -4.75 -0.12
C ILE A 53 5.14 -4.95 -0.40
N THR A 54 5.50 -4.90 -1.63
CA THR A 54 6.87 -4.99 -2.04
C THR A 54 7.23 -3.67 -2.72
N ASN A 55 8.45 -3.26 -2.68
CA ASN A 55 8.87 -2.06 -3.40
C ASN A 55 9.04 -2.43 -4.87
N ALA A 56 8.74 -1.52 -5.77
CA ALA A 56 8.84 -1.81 -7.21
C ALA A 56 10.22 -1.50 -7.71
N GLN A 57 10.92 -0.68 -6.99
CA GLN A 57 12.22 -0.23 -7.39
C GLN A 57 13.30 -1.05 -6.70
N THR A 58 13.18 -1.21 -5.40
CA THR A 58 14.20 -1.92 -4.63
C THR A 58 13.83 -3.38 -4.49
N LYS A 59 12.54 -3.67 -4.65
CA LYS A 59 11.93 -4.99 -4.47
C LYS A 59 11.95 -5.43 -3.00
N GLU A 60 12.11 -4.47 -2.10
CA GLU A 60 12.07 -4.71 -0.67
C GLU A 60 10.64 -5.04 -0.25
N GLU A 61 10.44 -6.15 0.40
CA GLU A 61 9.16 -6.51 0.88
C GLU A 61 8.92 -5.93 2.25
N TYR A 62 7.84 -5.25 2.36
CA TYR A 62 7.44 -4.64 3.59
C TYR A 62 6.55 -5.59 4.33
N THR A 63 7.13 -6.23 5.28
CA THR A 63 6.47 -7.24 6.03
C THR A 63 5.96 -6.70 7.37
N ASP A 64 6.71 -5.81 7.98
CA ASP A 64 6.36 -5.24 9.28
C ASP A 64 5.45 -4.07 9.04
N ASP A 65 4.38 -3.95 9.81
CA ASP A 65 3.36 -2.89 9.61
C ASP A 65 3.91 -1.51 9.91
N ASN A 66 5.07 -1.48 10.52
CA ASN A 66 5.71 -0.24 10.91
C ASN A 66 6.62 0.25 9.81
N ALA A 67 6.72 -0.51 8.72
CA ALA A 67 7.46 -0.09 7.55
C ALA A 67 6.79 1.13 6.97
N LEU A 68 7.53 2.02 6.37
CA LEU A 68 6.93 3.24 5.82
C LEU A 68 7.15 3.31 4.33
N ILE A 69 6.14 3.71 3.60
CA ILE A 69 6.32 3.90 2.18
C ILE A 69 6.12 5.37 1.82
N PRO A 70 7.15 6.01 1.29
CA PRO A 70 7.10 7.38 0.82
C PRO A 70 6.54 7.51 -0.59
N LYS A 71 6.03 8.70 -0.91
CA LYS A 71 5.52 9.04 -2.25
C LYS A 71 6.67 9.21 -3.24
N ASN A 72 7.83 8.96 -2.75
CA ASN A 72 9.05 8.99 -3.52
C ASN A 72 9.29 7.63 -4.14
N SER A 73 8.65 6.62 -3.61
CA SER A 73 8.87 5.27 -4.03
C SER A 73 7.62 4.67 -4.65
N SER A 74 7.83 3.75 -5.56
CA SER A 74 6.76 3.03 -6.17
C SER A 74 6.78 1.63 -5.57
N VAL A 75 5.62 1.10 -5.25
CA VAL A 75 5.53 -0.20 -4.64
C VAL A 75 4.56 -1.17 -5.37
N ILE A 76 4.73 -2.43 -5.14
CA ILE A 76 3.94 -3.50 -5.71
C ILE A 76 3.11 -4.08 -4.59
N VAL A 77 1.84 -4.14 -4.78
CA VAL A 77 0.96 -4.62 -3.75
C VAL A 77 0.56 -6.06 -4.03
N ARG A 78 0.82 -6.94 -3.08
CA ARG A 78 0.52 -8.33 -3.24
C ARG A 78 -0.40 -8.78 -2.10
N ARG A 79 -1.52 -9.35 -2.44
CA ARG A 79 -2.50 -9.79 -1.45
C ARG A 79 -2.13 -11.17 -0.95
N ILE A 80 -1.90 -11.29 0.34
CA ILE A 80 -1.51 -12.56 0.93
C ILE A 80 -2.49 -12.94 2.06
N PRO A 81 -2.67 -14.21 2.38
CA PRO A 81 -3.59 -14.63 3.46
C PRO A 81 -3.06 -14.24 4.85
N ILE A 82 -3.93 -13.76 5.74
CA ILE A 82 -3.52 -13.40 7.11
C ILE A 82 -3.14 -14.65 7.89
N GLY A 83 -3.81 -15.72 7.56
CA GLY A 83 -3.59 -16.97 8.21
C GLY A 83 -4.87 -17.75 8.36
N GLY A 84 -5.78 -17.54 7.45
CA GLY A 84 -7.04 -18.22 7.48
C GLY A 84 -8.13 -17.21 7.64
N VAL A 85 -9.35 -17.59 7.41
CA VAL A 85 -10.45 -16.69 7.59
C VAL A 85 -10.76 -16.55 9.08
N LYS A 86 -10.52 -15.38 9.61
CA LYS A 86 -10.70 -15.13 11.00
C LYS A 86 -11.76 -14.07 11.20
N GLY A 1 -2.57 20.68 6.09
CA GLY A 1 -2.82 20.57 4.65
C GLY A 1 -1.54 20.77 3.86
N PRO A 2 -1.35 20.06 2.75
CA PRO A 2 -0.13 20.16 1.95
C PRO A 2 -0.04 21.47 1.19
N LEU A 3 1.12 22.10 1.21
CA LEU A 3 1.36 23.33 0.48
C LEU A 3 1.46 23.00 -1.00
N GLY A 4 2.13 21.92 -1.29
CA GLY A 4 2.25 21.46 -2.62
C GLY A 4 2.65 20.03 -2.63
N SER A 5 2.63 19.41 -3.80
CA SER A 5 2.99 18.01 -3.99
C SER A 5 2.12 17.09 -3.12
N MET A 6 0.92 16.82 -3.59
CA MET A 6 0.02 15.96 -2.86
C MET A 6 0.56 14.56 -2.91
N SER A 7 0.56 13.92 -1.79
CA SER A 7 1.17 12.68 -1.65
C SER A 7 0.34 11.58 -2.17
N CYS A 8 0.83 10.98 -3.18
CA CYS A 8 0.19 9.92 -3.85
C CYS A 8 1.22 8.87 -4.23
N VAL A 9 0.91 7.64 -3.95
CA VAL A 9 1.80 6.53 -4.22
C VAL A 9 1.27 5.76 -5.39
N HIS A 10 2.12 5.55 -6.35
CA HIS A 10 1.81 4.74 -7.48
C HIS A 10 1.98 3.31 -7.09
N TYR A 11 0.89 2.65 -6.90
CA TYR A 11 0.90 1.29 -6.50
C TYR A 11 0.26 0.47 -7.57
N LYS A 12 0.76 -0.70 -7.83
CA LYS A 12 0.10 -1.55 -8.77
C LYS A 12 -0.25 -2.85 -8.14
N PHE A 13 -1.49 -3.18 -8.19
CA PHE A 13 -1.98 -4.42 -7.68
C PHE A 13 -1.69 -5.47 -8.74
N SER A 14 -1.64 -6.72 -8.33
CA SER A 14 -1.44 -7.81 -9.26
C SER A 14 -2.53 -7.80 -10.35
N SER A 15 -3.75 -7.47 -9.95
CA SER A 15 -4.87 -7.42 -10.83
C SER A 15 -5.02 -6.04 -11.52
N LYS A 16 -4.23 -5.08 -11.08
CA LYS A 16 -4.35 -3.72 -11.58
C LYS A 16 -3.57 -3.61 -12.88
N LEU A 17 -2.41 -4.31 -12.92
CA LEU A 17 -1.47 -4.38 -14.06
C LEU A 17 -0.71 -3.05 -14.18
N ASN A 18 -1.45 -1.99 -14.20
CA ASN A 18 -0.95 -0.65 -14.28
C ASN A 18 -0.97 -0.07 -12.89
N TYR A 19 -0.36 1.07 -12.71
CA TYR A 19 -0.32 1.67 -11.40
C TYR A 19 -1.53 2.53 -11.15
N ASP A 20 -1.84 2.71 -9.91
CA ASP A 20 -2.91 3.55 -9.46
C ASP A 20 -2.30 4.47 -8.40
N THR A 21 -3.05 5.38 -7.83
CA THR A 21 -2.49 6.36 -6.94
C THR A 21 -3.27 6.51 -5.68
N VAL A 22 -2.65 6.22 -4.59
CA VAL A 22 -3.29 6.37 -3.32
C VAL A 22 -2.81 7.69 -2.68
N THR A 23 -3.74 8.56 -2.36
CA THR A 23 -3.43 9.86 -1.80
C THR A 23 -3.43 9.82 -0.28
N PHE A 24 -2.53 10.55 0.35
CA PHE A 24 -2.47 10.57 1.79
C PHE A 24 -1.86 11.86 2.28
N ASP A 25 -1.90 12.05 3.57
CA ASP A 25 -1.32 13.21 4.22
C ASP A 25 0.03 12.85 4.77
N GLY A 26 1.00 13.66 4.53
CA GLY A 26 2.32 13.39 5.00
C GLY A 26 3.21 13.03 3.85
N LEU A 27 4.46 12.78 4.11
CA LEU A 27 5.38 12.45 3.05
C LEU A 27 5.32 10.95 2.81
N HIS A 28 5.10 10.24 3.87
CA HIS A 28 5.02 8.81 3.86
C HIS A 28 3.89 8.30 4.71
N ILE A 29 3.56 7.07 4.50
CA ILE A 29 2.46 6.45 5.17
C ILE A 29 2.83 5.08 5.69
N SER A 30 2.54 4.83 6.95
CA SER A 30 2.73 3.52 7.54
C SER A 30 1.82 2.49 6.85
N LEU A 31 2.34 1.30 6.70
CA LEU A 31 1.72 0.20 5.98
C LEU A 31 0.33 -0.14 6.49
N CYS A 32 0.11 -0.10 7.79
CA CYS A 32 -1.21 -0.36 8.35
C CYS A 32 -2.24 0.59 7.74
N ASP A 33 -1.90 1.86 7.67
CA ASP A 33 -2.82 2.87 7.16
C ASP A 33 -2.98 2.68 5.67
N LEU A 34 -1.87 2.40 5.01
CA LEU A 34 -1.81 2.25 3.56
C LEU A 34 -2.63 1.06 3.09
N LYS A 35 -2.47 -0.07 3.76
CA LYS A 35 -3.21 -1.26 3.42
C LYS A 35 -4.69 -1.02 3.58
N LYS A 36 -5.06 -0.36 4.68
CA LYS A 36 -6.47 -0.05 4.93
C LYS A 36 -7.06 0.83 3.85
N GLN A 37 -6.26 1.74 3.31
CA GLN A 37 -6.72 2.59 2.24
C GLN A 37 -6.89 1.79 0.97
N ILE A 38 -5.90 0.97 0.66
CA ILE A 38 -5.93 0.16 -0.57
C ILE A 38 -7.03 -0.92 -0.50
N MET A 39 -7.20 -1.51 0.68
CA MET A 39 -8.24 -2.50 0.88
C MET A 39 -9.61 -1.87 0.70
N GLY A 40 -9.76 -0.65 1.19
CA GLY A 40 -10.99 0.10 1.02
C GLY A 40 -11.18 0.60 -0.41
N ARG A 41 -10.07 0.88 -1.04
CA ARG A 41 -10.01 1.38 -2.42
C ARG A 41 -10.54 0.33 -3.40
N GLU A 42 -10.01 -0.87 -3.28
CA GLU A 42 -10.31 -1.95 -4.22
C GLU A 42 -11.44 -2.86 -3.76
N LYS A 43 -11.71 -2.79 -2.49
CA LYS A 43 -12.71 -3.60 -1.78
C LYS A 43 -12.18 -4.98 -1.46
N LEU A 44 -11.25 -5.00 -0.54
CA LEU A 44 -10.70 -6.25 -0.06
C LEU A 44 -11.36 -6.68 1.23
N LYS A 45 -11.12 -7.92 1.57
CA LYS A 45 -11.59 -8.52 2.78
C LYS A 45 -10.39 -8.70 3.74
N ALA A 46 -10.31 -7.82 4.70
CA ALA A 46 -9.17 -7.75 5.61
C ALA A 46 -9.17 -8.87 6.66
N ALA A 47 -10.28 -9.55 6.80
CA ALA A 47 -10.39 -10.66 7.73
C ALA A 47 -10.07 -11.98 7.03
N ASP A 48 -9.72 -11.88 5.78
CA ASP A 48 -9.40 -13.05 4.97
C ASP A 48 -7.98 -12.98 4.47
N CYS A 49 -7.54 -11.80 4.14
CA CYS A 49 -6.25 -11.65 3.56
C CYS A 49 -5.53 -10.45 4.11
N ASP A 50 -4.25 -10.44 3.91
CA ASP A 50 -3.40 -9.35 4.29
C ASP A 50 -2.87 -8.79 3.00
N LEU A 51 -2.30 -7.65 3.07
CA LEU A 51 -1.87 -7.01 1.90
C LEU A 51 -0.36 -6.85 1.94
N GLN A 52 0.31 -7.64 1.17
CA GLN A 52 1.74 -7.65 1.18
C GLN A 52 2.21 -6.66 0.15
N ILE A 53 2.98 -5.74 0.56
CA ILE A 53 3.41 -4.72 -0.35
C ILE A 53 4.90 -4.90 -0.60
N THR A 54 5.29 -4.82 -1.81
CA THR A 54 6.69 -4.86 -2.17
C THR A 54 7.00 -3.59 -2.93
N ASN A 55 8.14 -3.02 -2.72
CA ASN A 55 8.50 -1.81 -3.43
C ASN A 55 8.82 -2.17 -4.89
N ALA A 56 8.40 -1.35 -5.82
CA ALA A 56 8.63 -1.61 -7.23
C ALA A 56 10.06 -1.31 -7.62
N GLN A 57 10.62 -0.37 -6.93
CA GLN A 57 11.92 0.15 -7.24
C GLN A 57 13.02 -0.55 -6.45
N THR A 58 12.84 -0.65 -5.15
CA THR A 58 13.88 -1.19 -4.30
C THR A 58 13.65 -2.67 -4.13
N LYS A 59 12.41 -3.08 -4.42
CA LYS A 59 11.95 -4.45 -4.27
C LYS A 59 11.92 -4.91 -2.81
N GLU A 60 11.87 -3.94 -1.90
CA GLU A 60 11.78 -4.23 -0.48
C GLU A 60 10.36 -4.62 -0.13
N GLU A 61 10.20 -5.73 0.54
CA GLU A 61 8.93 -6.15 0.98
C GLU A 61 8.60 -5.46 2.28
N TYR A 62 7.42 -5.02 2.37
CA TYR A 62 6.93 -4.40 3.57
C TYR A 62 6.22 -5.46 4.37
N THR A 63 6.91 -6.00 5.33
CA THR A 63 6.42 -7.09 6.13
C THR A 63 5.69 -6.64 7.39
N ASP A 64 6.21 -5.64 8.07
CA ASP A 64 5.61 -5.19 9.31
C ASP A 64 4.63 -4.09 8.99
N ASP A 65 3.55 -3.98 9.76
CA ASP A 65 2.51 -2.96 9.50
C ASP A 65 3.07 -1.56 9.75
N ASN A 66 4.18 -1.51 10.41
CA ASN A 66 4.83 -0.26 10.75
C ASN A 66 5.78 0.17 9.65
N ALA A 67 5.90 -0.65 8.61
CA ALA A 67 6.74 -0.31 7.47
C ALA A 67 6.13 0.89 6.77
N LEU A 68 6.93 1.75 6.23
CA LEU A 68 6.39 3.00 5.68
C LEU A 68 6.63 3.13 4.19
N ILE A 69 5.62 3.59 3.47
CA ILE A 69 5.79 3.85 2.06
C ILE A 69 5.64 5.36 1.79
N PRO A 70 6.69 5.99 1.29
CA PRO A 70 6.65 7.39 0.87
C PRO A 70 6.07 7.57 -0.54
N LYS A 71 5.53 8.75 -0.80
CA LYS A 71 4.90 9.05 -2.09
C LYS A 71 5.87 9.12 -3.25
N ASN A 72 7.14 9.14 -2.95
CA ASN A 72 8.15 9.14 -4.02
C ASN A 72 8.51 7.72 -4.44
N SER A 73 7.91 6.75 -3.78
CA SER A 73 8.14 5.37 -4.11
C SER A 73 6.91 4.79 -4.81
N SER A 74 7.17 3.98 -5.80
CA SER A 74 6.12 3.24 -6.45
C SER A 74 6.18 1.83 -5.86
N VAL A 75 5.05 1.28 -5.45
CA VAL A 75 5.04 -0.02 -4.82
C VAL A 75 4.08 -1.01 -5.50
N ILE A 76 4.31 -2.28 -5.27
CA ILE A 76 3.53 -3.36 -5.83
C ILE A 76 2.65 -3.89 -4.72
N VAL A 77 1.41 -4.12 -5.02
CA VAL A 77 0.47 -4.56 -4.03
C VAL A 77 0.04 -6.00 -4.32
N ARG A 78 0.34 -6.88 -3.39
CA ARG A 78 0.08 -8.29 -3.52
C ARG A 78 -0.87 -8.75 -2.40
N ARG A 79 -1.99 -9.32 -2.76
CA ARG A 79 -2.91 -9.87 -1.77
C ARG A 79 -2.38 -11.20 -1.28
N ILE A 80 -2.13 -11.34 0.00
CA ILE A 80 -1.66 -12.60 0.51
C ILE A 80 -2.61 -13.11 1.56
N PRO A 81 -2.78 -14.41 1.67
CA PRO A 81 -3.65 -15.01 2.68
C PRO A 81 -3.03 -14.91 4.07
N ILE A 82 -3.81 -14.54 5.04
CA ILE A 82 -3.33 -14.50 6.40
C ILE A 82 -3.35 -15.89 6.98
N GLY A 83 -4.26 -16.70 6.47
CA GLY A 83 -4.49 -17.99 7.02
C GLY A 83 -5.36 -17.85 8.23
N GLY A 84 -4.75 -17.47 9.33
CA GLY A 84 -5.48 -17.27 10.53
C GLY A 84 -4.73 -16.42 11.50
N VAL A 85 -4.10 -15.37 11.01
CA VAL A 85 -3.40 -14.44 11.88
C VAL A 85 -4.41 -13.52 12.53
N LYS A 86 -4.93 -13.99 13.62
CA LYS A 86 -5.95 -13.33 14.37
C LYS A 86 -5.55 -13.40 15.81
N GLY A 1 5.12 28.13 0.10
CA GLY A 1 5.52 27.14 1.10
C GLY A 1 5.54 25.77 0.51
N PRO A 2 5.95 24.74 1.26
CA PRO A 2 5.94 23.35 0.78
C PRO A 2 4.54 22.92 0.39
N LEU A 3 4.39 22.46 -0.82
CA LEU A 3 3.12 22.01 -1.32
C LEU A 3 3.05 20.51 -1.27
N GLY A 4 1.88 19.99 -0.95
CA GLY A 4 1.69 18.57 -0.89
C GLY A 4 1.53 17.99 -2.25
N SER A 5 0.80 18.73 -3.12
CA SER A 5 0.56 18.38 -4.52
C SER A 5 -0.23 17.07 -4.61
N MET A 6 -1.02 16.81 -3.56
CA MET A 6 -1.72 15.57 -3.33
C MET A 6 -0.77 14.41 -3.33
N SER A 7 -0.45 14.04 -2.15
CA SER A 7 0.49 13.03 -1.86
C SER A 7 -0.03 11.73 -2.41
N CYS A 8 0.69 11.13 -3.29
CA CYS A 8 0.20 9.96 -3.91
C CYS A 8 1.26 8.90 -4.05
N VAL A 9 0.92 7.69 -3.71
CA VAL A 9 1.82 6.58 -3.88
C VAL A 9 1.32 5.76 -5.04
N HIS A 10 2.20 5.54 -6.00
CA HIS A 10 1.88 4.69 -7.13
C HIS A 10 1.97 3.27 -6.69
N TYR A 11 0.91 2.55 -6.79
CA TYR A 11 0.91 1.19 -6.38
C TYR A 11 0.23 0.35 -7.43
N LYS A 12 0.77 -0.80 -7.73
CA LYS A 12 0.06 -1.66 -8.60
C LYS A 12 -0.25 -2.91 -7.86
N PHE A 13 -1.36 -3.50 -8.15
CA PHE A 13 -1.75 -4.70 -7.48
C PHE A 13 -1.25 -5.87 -8.32
N SER A 14 -1.32 -7.07 -7.79
CA SER A 14 -0.98 -8.28 -8.52
C SER A 14 -1.95 -8.48 -9.71
N SER A 15 -3.06 -7.79 -9.65
CA SER A 15 -4.01 -7.70 -10.72
C SER A 15 -4.46 -6.24 -10.79
N LYS A 16 -4.02 -5.55 -11.84
CA LYS A 16 -4.27 -4.15 -12.01
C LYS A 16 -3.66 -3.70 -13.35
N LEU A 17 -2.46 -4.24 -13.63
CA LEU A 17 -1.65 -3.95 -14.84
C LEU A 17 -0.95 -2.61 -14.71
N ASN A 18 -1.72 -1.61 -14.42
CA ASN A 18 -1.22 -0.25 -14.30
C ASN A 18 -1.09 0.08 -12.84
N TYR A 19 -0.51 1.23 -12.55
CA TYR A 19 -0.40 1.67 -11.19
C TYR A 19 -1.53 2.58 -10.87
N ASP A 20 -1.99 2.48 -9.68
CA ASP A 20 -3.00 3.34 -9.19
C ASP A 20 -2.28 4.30 -8.26
N THR A 21 -2.97 5.23 -7.71
CA THR A 21 -2.36 6.24 -6.94
C THR A 21 -3.22 6.56 -5.77
N VAL A 22 -2.71 6.31 -4.60
CA VAL A 22 -3.46 6.57 -3.42
C VAL A 22 -3.09 7.94 -2.88
N THR A 23 -4.07 8.83 -2.85
CA THR A 23 -3.85 10.14 -2.34
C THR A 23 -4.10 10.23 -0.85
N PHE A 24 -3.10 10.69 -0.16
CA PHE A 24 -3.10 10.79 1.27
C PHE A 24 -2.58 12.16 1.63
N ASP A 25 -2.55 12.47 2.88
CA ASP A 25 -1.98 13.73 3.29
C ASP A 25 -0.73 13.46 4.10
N GLY A 26 0.30 14.21 3.82
CA GLY A 26 1.57 14.02 4.46
C GLY A 26 2.59 13.63 3.43
N LEU A 27 3.82 13.53 3.81
CA LEU A 27 4.84 13.16 2.85
C LEU A 27 4.82 11.63 2.72
N HIS A 28 4.54 10.97 3.82
CA HIS A 28 4.47 9.54 3.84
C HIS A 28 3.30 9.01 4.58
N ILE A 29 2.98 7.78 4.27
CA ILE A 29 1.87 7.11 4.85
C ILE A 29 2.30 5.77 5.43
N SER A 30 1.99 5.58 6.67
CA SER A 30 2.24 4.34 7.35
C SER A 30 1.53 3.20 6.64
N LEU A 31 2.17 2.07 6.58
CA LEU A 31 1.69 0.90 5.90
C LEU A 31 0.32 0.48 6.40
N CYS A 32 0.12 0.54 7.72
CA CYS A 32 -1.16 0.20 8.31
C CYS A 32 -2.25 1.07 7.68
N ASP A 33 -1.98 2.35 7.58
CA ASP A 33 -2.96 3.29 7.06
C ASP A 33 -3.16 3.00 5.58
N LEU A 34 -2.04 2.79 4.88
CA LEU A 34 -2.04 2.54 3.44
C LEU A 34 -2.82 1.28 3.07
N LYS A 35 -2.59 0.21 3.79
CA LYS A 35 -3.27 -1.04 3.53
C LYS A 35 -4.74 -0.92 3.83
N LYS A 36 -5.04 -0.25 4.92
CA LYS A 36 -6.42 -0.02 5.32
C LYS A 36 -7.16 0.85 4.29
N GLN A 37 -6.44 1.81 3.68
CA GLN A 37 -7.01 2.65 2.61
C GLN A 37 -7.41 1.77 1.43
N ILE A 38 -6.48 0.93 1.03
CA ILE A 38 -6.65 0.07 -0.15
C ILE A 38 -7.72 -0.99 0.08
N MET A 39 -7.64 -1.67 1.22
CA MET A 39 -8.58 -2.73 1.54
C MET A 39 -9.99 -2.19 1.67
N GLY A 40 -10.10 -0.99 2.22
CA GLY A 40 -11.37 -0.35 2.38
C GLY A 40 -11.94 0.16 1.07
N ARG A 41 -11.04 0.53 0.18
CA ARG A 41 -11.41 1.03 -1.12
C ARG A 41 -11.91 -0.09 -2.03
N GLU A 42 -11.18 -1.18 -2.11
CA GLU A 42 -11.56 -2.24 -3.03
C GLU A 42 -12.40 -3.33 -2.40
N LYS A 43 -12.65 -3.18 -1.11
CA LYS A 43 -13.52 -4.07 -0.33
C LYS A 43 -12.86 -5.43 -0.11
N LEU A 44 -11.59 -5.39 0.26
CA LEU A 44 -10.84 -6.60 0.53
C LEU A 44 -11.26 -7.21 1.84
N LYS A 45 -10.92 -8.45 2.03
CA LYS A 45 -11.21 -9.16 3.24
C LYS A 45 -10.05 -9.04 4.22
N ALA A 46 -10.20 -8.14 5.16
CA ALA A 46 -9.13 -7.79 6.09
C ALA A 46 -8.98 -8.78 7.23
N ALA A 47 -9.96 -9.63 7.41
CA ALA A 47 -9.90 -10.60 8.50
C ALA A 47 -9.55 -11.97 7.98
N ASP A 48 -9.47 -12.08 6.68
CA ASP A 48 -9.15 -13.34 6.04
C ASP A 48 -7.71 -13.33 5.61
N CYS A 49 -7.30 -12.22 5.06
CA CYS A 49 -5.97 -12.09 4.57
C CYS A 49 -5.35 -10.78 5.03
N ASP A 50 -4.07 -10.69 4.87
CA ASP A 50 -3.32 -9.51 5.19
C ASP A 50 -2.92 -8.93 3.87
N LEU A 51 -2.55 -7.73 3.88
CA LEU A 51 -2.15 -7.12 2.70
C LEU A 51 -0.65 -6.94 2.79
N GLN A 52 0.04 -7.44 1.82
CA GLN A 52 1.46 -7.37 1.81
C GLN A 52 1.90 -6.42 0.73
N ILE A 53 2.73 -5.50 1.08
CA ILE A 53 3.16 -4.52 0.15
C ILE A 53 4.64 -4.71 -0.13
N THR A 54 4.98 -4.67 -1.36
CA THR A 54 6.35 -4.76 -1.78
C THR A 54 6.69 -3.45 -2.47
N ASN A 55 7.91 -3.07 -2.47
CA ASN A 55 8.32 -1.86 -3.15
C ASN A 55 8.54 -2.18 -4.63
N ALA A 56 8.25 -1.25 -5.52
CA ALA A 56 8.41 -1.50 -6.96
C ALA A 56 9.78 -1.00 -7.44
N GLN A 57 10.43 -0.24 -6.61
CA GLN A 57 11.71 0.37 -6.93
C GLN A 57 12.86 -0.35 -6.26
N THR A 58 12.66 -0.78 -5.03
CA THR A 58 13.69 -1.48 -4.31
C THR A 58 13.40 -2.97 -4.36
N LYS A 59 12.10 -3.27 -4.54
CA LYS A 59 11.55 -4.62 -4.56
C LYS A 59 11.62 -5.27 -3.17
N GLU A 60 11.64 -4.42 -2.15
CA GLU A 60 11.68 -4.87 -0.77
C GLU A 60 10.25 -5.03 -0.23
N GLU A 61 9.99 -6.11 0.47
CA GLU A 61 8.71 -6.31 1.09
C GLU A 61 8.61 -5.52 2.37
N TYR A 62 7.45 -4.98 2.61
CA TYR A 62 7.14 -4.31 3.84
C TYR A 62 6.29 -5.24 4.68
N THR A 63 6.92 -5.90 5.60
CA THR A 63 6.31 -6.92 6.39
C THR A 63 5.50 -6.40 7.58
N ASP A 64 5.91 -5.28 8.13
CA ASP A 64 5.21 -4.70 9.28
C ASP A 64 4.40 -3.49 8.91
N ASP A 65 3.19 -3.39 9.49
CA ASP A 65 2.25 -2.23 9.28
C ASP A 65 2.86 -0.92 9.79
N ASN A 66 3.98 -1.04 10.44
CA ASN A 66 4.70 0.08 10.99
C ASN A 66 5.71 0.64 10.00
N ALA A 67 5.77 0.03 8.83
CA ALA A 67 6.60 0.54 7.76
C ALA A 67 5.90 1.75 7.16
N LEU A 68 6.62 2.67 6.62
CA LEU A 68 6.03 3.85 6.06
C LEU A 68 6.33 3.94 4.57
N ILE A 69 5.36 4.29 3.78
CA ILE A 69 5.61 4.47 2.38
C ILE A 69 5.37 5.93 1.99
N PRO A 70 6.41 6.61 1.53
CA PRO A 70 6.32 7.98 1.05
C PRO A 70 5.77 8.07 -0.37
N LYS A 71 5.26 9.24 -0.72
CA LYS A 71 4.73 9.52 -2.07
C LYS A 71 5.86 9.57 -3.11
N ASN A 72 7.07 9.37 -2.66
CA ASN A 72 8.24 9.40 -3.54
C ASN A 72 8.47 8.02 -4.13
N SER A 73 7.78 7.05 -3.63
CA SER A 73 8.04 5.69 -3.99
C SER A 73 6.82 5.00 -4.57
N SER A 74 7.08 4.07 -5.46
CA SER A 74 6.06 3.26 -6.05
C SER A 74 6.15 1.89 -5.39
N VAL A 75 5.03 1.36 -4.99
CA VAL A 75 4.98 0.09 -4.34
C VAL A 75 4.00 -0.87 -5.05
N ILE A 76 4.03 -2.11 -4.67
CA ILE A 76 3.21 -3.14 -5.26
C ILE A 76 2.39 -3.81 -4.18
N VAL A 77 1.16 -4.02 -4.46
CA VAL A 77 0.21 -4.52 -3.51
C VAL A 77 -0.11 -5.99 -3.82
N ARG A 78 0.00 -6.82 -2.81
CA ARG A 78 -0.21 -8.25 -2.92
C ARG A 78 -1.03 -8.73 -1.72
N ARG A 79 -2.05 -9.53 -1.94
CA ARG A 79 -2.84 -10.02 -0.82
C ARG A 79 -2.20 -11.33 -0.36
N ILE A 80 -1.99 -11.50 0.93
CA ILE A 80 -1.39 -12.72 1.45
C ILE A 80 -2.20 -13.27 2.61
N PRO A 81 -2.17 -14.58 2.85
CA PRO A 81 -2.88 -15.17 3.99
C PRO A 81 -2.22 -14.75 5.32
N ILE A 82 -3.04 -14.24 6.25
CA ILE A 82 -2.56 -13.82 7.59
C ILE A 82 -1.71 -14.90 8.27
N GLY A 83 -2.18 -16.11 8.20
CA GLY A 83 -1.44 -17.22 8.73
C GLY A 83 -1.29 -18.30 7.68
N GLY A 84 -2.42 -18.68 7.14
CA GLY A 84 -2.48 -19.68 6.11
C GLY A 84 -3.87 -20.13 6.00
N VAL A 85 -4.28 -20.93 6.94
CA VAL A 85 -5.65 -21.33 7.04
C VAL A 85 -6.42 -20.12 7.53
N LYS A 86 -7.52 -19.86 6.94
CA LYS A 86 -8.26 -18.66 7.20
C LYS A 86 -9.71 -18.89 6.92
N GLY A 1 2.36 25.24 -8.34
CA GLY A 1 2.17 24.09 -7.48
C GLY A 1 2.08 22.84 -8.31
N PRO A 2 2.70 21.73 -7.87
CA PRO A 2 2.67 20.46 -8.60
C PRO A 2 1.44 19.62 -8.25
N LEU A 3 1.19 18.58 -9.01
CA LEU A 3 0.09 17.66 -8.74
C LEU A 3 0.38 16.87 -7.46
N GLY A 4 1.65 16.60 -7.22
CA GLY A 4 2.07 15.89 -6.03
C GLY A 4 2.23 16.81 -4.82
N SER A 5 1.35 17.80 -4.71
CA SER A 5 1.37 18.78 -3.63
C SER A 5 1.07 18.09 -2.32
N MET A 6 0.08 17.29 -2.37
CA MET A 6 -0.34 16.51 -1.24
C MET A 6 0.36 15.18 -1.28
N SER A 7 0.10 14.36 -0.34
CA SER A 7 0.81 13.13 -0.28
C SER A 7 0.04 12.01 -0.92
N CYS A 8 0.69 11.33 -1.83
CA CYS A 8 0.11 10.26 -2.54
C CYS A 8 1.19 9.24 -2.88
N VAL A 9 0.90 7.98 -2.68
CA VAL A 9 1.83 6.92 -3.04
C VAL A 9 1.31 6.22 -4.25
N HIS A 10 2.18 5.98 -5.20
CA HIS A 10 1.82 5.25 -6.38
C HIS A 10 1.93 3.79 -6.06
N TYR A 11 0.83 3.15 -5.97
CA TYR A 11 0.83 1.77 -5.63
C TYR A 11 0.05 1.03 -6.66
N LYS A 12 0.50 -0.11 -7.05
CA LYS A 12 -0.27 -0.91 -7.92
C LYS A 12 -0.51 -2.21 -7.24
N PHE A 13 -1.70 -2.68 -7.36
CA PHE A 13 -2.07 -3.90 -6.73
C PHE A 13 -1.81 -5.00 -7.74
N SER A 14 -1.63 -6.21 -7.28
CA SER A 14 -1.41 -7.36 -8.15
C SER A 14 -2.59 -7.51 -9.15
N SER A 15 -3.77 -7.08 -8.73
CA SER A 15 -4.96 -7.14 -9.55
C SER A 15 -5.07 -5.94 -10.52
N LYS A 16 -4.23 -4.95 -10.32
CA LYS A 16 -4.27 -3.74 -11.14
C LYS A 16 -3.20 -3.77 -12.19
N LEU A 17 -3.42 -3.02 -13.23
CA LEU A 17 -2.48 -2.92 -14.34
C LEU A 17 -1.64 -1.67 -14.15
N ASN A 18 -2.29 -0.60 -13.77
CA ASN A 18 -1.62 0.67 -13.58
C ASN A 18 -1.69 1.07 -12.12
N TYR A 19 -0.90 2.06 -11.77
CA TYR A 19 -0.82 2.51 -10.41
C TYR A 19 -2.00 3.33 -9.99
N ASP A 20 -2.30 3.23 -8.75
CA ASP A 20 -3.32 4.00 -8.12
C ASP A 20 -2.58 4.94 -7.17
N THR A 21 -3.27 5.80 -6.50
CA THR A 21 -2.64 6.78 -5.69
C THR A 21 -3.40 6.96 -4.42
N VAL A 22 -2.78 6.59 -3.34
CA VAL A 22 -3.40 6.71 -2.06
C VAL A 22 -2.95 8.01 -1.39
N THR A 23 -3.89 8.82 -1.03
CA THR A 23 -3.61 10.06 -0.38
C THR A 23 -3.50 9.87 1.12
N PHE A 24 -2.56 10.54 1.73
CA PHE A 24 -2.35 10.41 3.15
C PHE A 24 -1.84 11.70 3.75
N ASP A 25 -1.86 11.77 5.04
CA ASP A 25 -1.44 12.92 5.75
C ASP A 25 -0.05 12.70 6.31
N GLY A 26 0.88 13.49 5.82
CA GLY A 26 2.26 13.36 6.25
C GLY A 26 3.15 13.09 5.07
N LEU A 27 4.44 13.02 5.29
CA LEU A 27 5.39 12.76 4.20
C LEU A 27 5.37 11.27 3.85
N HIS A 28 5.09 10.49 4.84
CA HIS A 28 5.03 9.07 4.70
C HIS A 28 3.93 8.48 5.52
N ILE A 29 3.51 7.32 5.14
CA ILE A 29 2.43 6.65 5.78
C ILE A 29 2.85 5.28 6.27
N SER A 30 2.59 5.03 7.52
CA SER A 30 2.82 3.75 8.11
C SER A 30 1.95 2.69 7.41
N LEU A 31 2.52 1.53 7.25
CA LEU A 31 1.94 0.40 6.56
C LEU A 31 0.56 0.03 7.12
N CYS A 32 0.42 0.08 8.43
CA CYS A 32 -0.87 -0.19 9.07
C CYS A 32 -1.96 0.72 8.51
N ASP A 33 -1.65 2.00 8.40
CA ASP A 33 -2.63 2.99 7.97
C ASP A 33 -2.88 2.83 6.49
N LEU A 34 -1.81 2.55 5.77
CA LEU A 34 -1.86 2.38 4.33
C LEU A 34 -2.74 1.20 3.94
N LYS A 35 -2.54 0.08 4.62
CA LYS A 35 -3.30 -1.11 4.36
C LYS A 35 -4.75 -0.91 4.73
N LYS A 36 -4.99 -0.21 5.83
CA LYS A 36 -6.35 0.09 6.27
C LYS A 36 -7.08 0.93 5.25
N GLN A 37 -6.38 1.90 4.66
CA GLN A 37 -7.00 2.73 3.65
C GLN A 37 -7.32 1.92 2.41
N ILE A 38 -6.33 1.19 1.93
CA ILE A 38 -6.49 0.38 0.71
C ILE A 38 -7.58 -0.68 0.87
N MET A 39 -7.59 -1.36 2.01
CA MET A 39 -8.55 -2.42 2.25
C MET A 39 -9.96 -1.88 2.29
N GLY A 40 -10.16 -0.79 2.98
CA GLY A 40 -11.49 -0.23 3.09
C GLY A 40 -11.95 0.42 1.82
N ARG A 41 -11.02 1.00 1.12
CA ARG A 41 -11.30 1.71 -0.11
C ARG A 41 -11.59 0.78 -1.27
N GLU A 42 -10.77 -0.24 -1.43
CA GLU A 42 -10.89 -1.13 -2.58
C GLU A 42 -11.72 -2.36 -2.26
N LYS A 43 -12.42 -2.31 -1.14
CA LYS A 43 -13.40 -3.33 -0.72
C LYS A 43 -12.75 -4.67 -0.38
N LEU A 44 -11.54 -4.62 0.16
CA LEU A 44 -10.81 -5.83 0.48
C LEU A 44 -11.36 -6.55 1.72
N LYS A 45 -10.79 -7.69 1.96
CA LYS A 45 -11.10 -8.55 3.06
C LYS A 45 -9.91 -8.53 4.02
N ALA A 46 -10.07 -7.90 5.14
CA ALA A 46 -8.98 -7.74 6.10
C ALA A 46 -8.83 -8.93 7.02
N ALA A 47 -9.87 -9.72 7.14
CA ALA A 47 -9.84 -10.85 8.06
C ALA A 47 -9.75 -12.16 7.30
N ASP A 48 -10.00 -12.11 6.02
CA ASP A 48 -10.01 -13.31 5.20
C ASP A 48 -8.63 -13.49 4.60
N CYS A 49 -7.93 -12.39 4.42
CA CYS A 49 -6.61 -12.42 3.84
C CYS A 49 -5.80 -11.30 4.45
N ASP A 50 -4.51 -11.31 4.23
CA ASP A 50 -3.66 -10.29 4.80
C ASP A 50 -3.16 -9.44 3.66
N LEU A 51 -2.54 -8.35 3.96
CA LEU A 51 -2.11 -7.44 2.94
C LEU A 51 -0.65 -7.15 3.13
N GLN A 52 0.14 -7.45 2.14
CA GLN A 52 1.56 -7.25 2.23
C GLN A 52 2.02 -6.33 1.12
N ILE A 53 2.87 -5.42 1.43
CA ILE A 53 3.32 -4.44 0.48
C ILE A 53 4.82 -4.62 0.23
N THR A 54 5.22 -4.57 -1.01
CA THR A 54 6.59 -4.64 -1.41
C THR A 54 6.93 -3.38 -2.20
N ASN A 55 8.14 -2.88 -2.09
CA ASN A 55 8.53 -1.70 -2.82
C ASN A 55 8.74 -2.07 -4.30
N ALA A 56 8.27 -1.24 -5.20
CA ALA A 56 8.37 -1.54 -6.63
C ALA A 56 9.74 -1.16 -7.17
N GLN A 57 10.42 -0.33 -6.43
CA GLN A 57 11.69 0.20 -6.83
C GLN A 57 12.84 -0.55 -6.15
N THR A 58 12.78 -0.64 -4.84
CA THR A 58 13.87 -1.21 -4.06
C THR A 58 13.65 -2.68 -3.85
N LYS A 59 12.39 -3.10 -4.09
CA LYS A 59 11.93 -4.48 -3.97
C LYS A 59 11.94 -4.94 -2.52
N GLU A 60 11.99 -4.00 -1.61
CA GLU A 60 12.01 -4.31 -0.22
C GLU A 60 10.59 -4.58 0.26
N GLU A 61 10.38 -5.65 0.98
CA GLU A 61 9.10 -5.97 1.50
C GLU A 61 8.87 -5.23 2.79
N TYR A 62 7.66 -4.88 3.00
CA TYR A 62 7.24 -4.23 4.20
C TYR A 62 6.46 -5.24 5.01
N THR A 63 7.07 -5.77 6.02
CA THR A 63 6.48 -6.83 6.79
C THR A 63 5.86 -6.33 8.09
N ASP A 64 6.50 -5.37 8.72
CA ASP A 64 6.00 -4.85 9.99
C ASP A 64 5.05 -3.73 9.69
N ASP A 65 3.96 -3.64 10.41
CA ASP A 65 2.93 -2.62 10.17
C ASP A 65 3.41 -1.21 10.49
N ASN A 66 4.55 -1.14 11.15
CA ASN A 66 5.15 0.14 11.50
C ASN A 66 6.06 0.61 10.39
N ALA A 67 6.21 -0.22 9.34
CA ALA A 67 6.98 0.14 8.18
C ALA A 67 6.32 1.30 7.49
N LEU A 68 7.07 2.21 6.97
CA LEU A 68 6.49 3.41 6.44
C LEU A 68 6.75 3.53 4.94
N ILE A 69 5.73 3.94 4.21
CA ILE A 69 5.89 4.17 2.81
C ILE A 69 5.66 5.66 2.51
N PRO A 70 6.68 6.33 2.00
CA PRO A 70 6.59 7.74 1.61
C PRO A 70 5.96 7.97 0.24
N LYS A 71 5.50 9.19 0.03
CA LYS A 71 4.90 9.63 -1.25
C LYS A 71 5.94 9.69 -2.37
N ASN A 72 7.19 9.54 -1.99
CA ASN A 72 8.28 9.56 -2.95
C ASN A 72 8.55 8.19 -3.53
N SER A 73 7.81 7.20 -3.08
CA SER A 73 8.04 5.86 -3.52
C SER A 73 6.82 5.25 -4.19
N SER A 74 7.07 4.26 -5.00
CA SER A 74 6.03 3.50 -5.63
C SER A 74 6.11 2.08 -5.09
N VAL A 75 5.01 1.54 -4.67
CA VAL A 75 5.00 0.22 -4.06
C VAL A 75 4.00 -0.74 -4.71
N ILE A 76 4.22 -2.00 -4.51
CA ILE A 76 3.40 -3.08 -5.01
C ILE A 76 2.57 -3.59 -3.85
N VAL A 77 1.29 -3.59 -4.01
CA VAL A 77 0.41 -4.02 -2.97
C VAL A 77 -0.11 -5.42 -3.31
N ARG A 78 0.17 -6.36 -2.46
CA ARG A 78 -0.13 -7.74 -2.72
C ARG A 78 -0.94 -8.37 -1.58
N ARG A 79 -2.00 -9.04 -1.93
CA ARG A 79 -2.83 -9.72 -0.94
C ARG A 79 -2.20 -11.09 -0.67
N ILE A 80 -1.83 -11.34 0.57
CA ILE A 80 -1.15 -12.58 0.90
C ILE A 80 -1.98 -13.41 1.87
N PRO A 81 -1.77 -14.74 1.92
CA PRO A 81 -2.50 -15.61 2.82
C PRO A 81 -2.24 -15.32 4.27
N ILE A 82 -3.31 -15.20 5.05
CA ILE A 82 -3.19 -15.03 6.50
C ILE A 82 -2.55 -16.28 7.11
N GLY A 83 -2.70 -17.36 6.41
CA GLY A 83 -2.11 -18.62 6.72
C GLY A 83 -2.15 -19.46 5.49
N GLY A 84 -3.34 -19.67 5.02
CA GLY A 84 -3.57 -20.38 3.80
C GLY A 84 -4.68 -19.73 3.03
N VAL A 85 -5.57 -19.07 3.77
CA VAL A 85 -6.67 -18.37 3.17
C VAL A 85 -6.17 -17.15 2.43
N LYS A 86 -6.38 -17.19 1.16
CA LYS A 86 -6.10 -16.14 0.23
C LYS A 86 -6.93 -16.40 -0.98
N GLY A 1 -5.47 19.76 -1.73
CA GLY A 1 -5.15 20.85 -2.65
C GLY A 1 -4.96 20.32 -4.06
N PRO A 2 -5.53 20.99 -5.09
CA PRO A 2 -5.45 20.52 -6.49
C PRO A 2 -4.14 20.93 -7.18
N LEU A 3 -3.04 20.80 -6.47
CA LEU A 3 -1.75 21.21 -6.98
C LEU A 3 -0.70 20.11 -6.79
N GLY A 4 0.37 20.19 -7.55
CA GLY A 4 1.41 19.17 -7.54
C GLY A 4 2.38 19.30 -6.38
N SER A 5 1.86 19.30 -5.20
CA SER A 5 2.61 19.33 -3.99
C SER A 5 1.78 18.70 -2.90
N MET A 6 1.98 17.42 -2.74
CA MET A 6 1.28 16.61 -1.77
C MET A 6 2.07 15.35 -1.60
N SER A 7 1.61 14.47 -0.77
CA SER A 7 2.29 13.22 -0.63
C SER A 7 1.46 12.12 -1.23
N CYS A 8 1.98 11.53 -2.27
CA CYS A 8 1.30 10.49 -2.98
C CYS A 8 2.23 9.32 -3.24
N VAL A 9 1.72 8.14 -3.02
CA VAL A 9 2.45 6.93 -3.27
C VAL A 9 1.83 6.22 -4.45
N HIS A 10 2.65 5.92 -5.41
CA HIS A 10 2.24 5.18 -6.57
C HIS A 10 2.27 3.73 -6.20
N TYR A 11 1.13 3.16 -6.13
CA TYR A 11 1.02 1.80 -5.74
C TYR A 11 0.21 1.10 -6.80
N LYS A 12 0.56 -0.08 -7.16
CA LYS A 12 -0.29 -0.78 -8.07
C LYS A 12 -0.69 -2.08 -7.43
N PHE A 13 -1.91 -2.46 -7.59
CA PHE A 13 -2.37 -3.71 -7.05
C PHE A 13 -1.91 -4.84 -7.97
N SER A 14 -2.09 -6.06 -7.53
CA SER A 14 -1.67 -7.24 -8.26
C SER A 14 -2.30 -7.30 -9.66
N SER A 15 -3.55 -6.90 -9.76
CA SER A 15 -4.25 -6.95 -11.02
C SER A 15 -4.32 -5.55 -11.69
N LYS A 16 -3.59 -4.59 -11.16
CA LYS A 16 -3.55 -3.26 -11.75
C LYS A 16 -2.38 -3.19 -12.70
N LEU A 17 -2.60 -2.63 -13.86
CA LEU A 17 -1.57 -2.48 -14.86
C LEU A 17 -0.96 -1.09 -14.78
N ASN A 18 -1.74 -0.17 -14.25
CA ASN A 18 -1.29 1.19 -14.04
C ASN A 18 -1.09 1.36 -12.56
N TYR A 19 -0.42 2.40 -12.17
CA TYR A 19 -0.24 2.67 -10.78
C TYR A 19 -1.31 3.57 -10.26
N ASP A 20 -1.78 3.26 -9.11
CA ASP A 20 -2.75 4.04 -8.42
C ASP A 20 -2.00 4.98 -7.50
N THR A 21 -2.68 5.86 -6.88
CA THR A 21 -2.07 6.82 -6.05
C THR A 21 -2.84 6.98 -4.78
N VAL A 22 -2.16 6.88 -3.70
CA VAL A 22 -2.76 7.10 -2.44
C VAL A 22 -2.17 8.37 -1.88
N THR A 23 -2.98 9.20 -1.27
CA THR A 23 -2.50 10.48 -0.82
C THR A 23 -2.57 10.63 0.69
N PHE A 24 -1.59 11.31 1.21
CA PHE A 24 -1.44 11.60 2.62
C PHE A 24 -0.63 12.87 2.72
N ASP A 25 -0.42 13.37 3.91
CA ASP A 25 0.37 14.59 4.05
C ASP A 25 1.50 14.38 5.01
N GLY A 26 2.68 14.76 4.60
CA GLY A 26 3.86 14.58 5.39
C GLY A 26 4.99 14.07 4.55
N LEU A 27 5.44 12.87 4.81
CA LEU A 27 6.52 12.30 4.05
C LEU A 27 6.25 10.83 3.81
N HIS A 28 5.84 10.15 4.86
CA HIS A 28 5.59 8.72 4.80
C HIS A 28 4.40 8.30 5.60
N ILE A 29 3.88 7.16 5.25
CA ILE A 29 2.75 6.59 5.88
C ILE A 29 3.07 5.17 6.36
N SER A 30 2.77 4.89 7.61
CA SER A 30 2.98 3.58 8.20
C SER A 30 2.09 2.53 7.51
N LEU A 31 2.58 1.31 7.47
CA LEU A 31 1.96 0.22 6.76
C LEU A 31 0.53 -0.07 7.20
N CYS A 32 0.26 -0.09 8.50
CA CYS A 32 -1.11 -0.31 8.97
C CYS A 32 -2.04 0.76 8.38
N ASP A 33 -1.58 1.99 8.42
CA ASP A 33 -2.34 3.14 7.91
C ASP A 33 -2.51 3.02 6.40
N LEU A 34 -1.45 2.62 5.76
CA LEU A 34 -1.37 2.46 4.32
C LEU A 34 -2.35 1.38 3.85
N LYS A 35 -2.34 0.25 4.53
CA LYS A 35 -3.19 -0.86 4.18
C LYS A 35 -4.66 -0.54 4.42
N LYS A 36 -4.95 0.13 5.53
CA LYS A 36 -6.33 0.49 5.87
C LYS A 36 -6.94 1.42 4.83
N GLN A 37 -6.13 2.31 4.27
CA GLN A 37 -6.61 3.19 3.22
C GLN A 37 -6.91 2.41 1.95
N ILE A 38 -5.96 1.60 1.56
CA ILE A 38 -6.05 0.85 0.32
C ILE A 38 -7.11 -0.25 0.36
N MET A 39 -7.17 -1.00 1.46
CA MET A 39 -8.14 -2.09 1.59
C MET A 39 -9.56 -1.58 1.56
N GLY A 40 -9.78 -0.42 2.15
CA GLY A 40 -11.09 0.17 2.12
C GLY A 40 -11.44 0.63 0.71
N ARG A 41 -10.47 1.21 0.03
CA ARG A 41 -10.63 1.72 -1.31
C ARG A 41 -10.87 0.61 -2.33
N GLU A 42 -10.21 -0.50 -2.16
CA GLU A 42 -10.30 -1.59 -3.11
C GLU A 42 -11.20 -2.68 -2.61
N LYS A 43 -11.94 -2.36 -1.55
CA LYS A 43 -12.99 -3.20 -1.00
C LYS A 43 -12.48 -4.58 -0.57
N LEU A 44 -11.29 -4.62 0.00
CA LEU A 44 -10.70 -5.88 0.42
C LEU A 44 -11.34 -6.47 1.64
N LYS A 45 -11.28 -7.77 1.74
CA LYS A 45 -11.74 -8.47 2.90
C LYS A 45 -10.64 -8.47 3.97
N ALA A 46 -10.79 -7.58 4.93
CA ALA A 46 -9.79 -7.34 5.96
C ALA A 46 -9.90 -8.33 7.11
N ALA A 47 -10.95 -9.12 7.10
CA ALA A 47 -11.14 -10.13 8.12
C ALA A 47 -10.75 -11.50 7.60
N ASP A 48 -10.20 -11.52 6.41
CA ASP A 48 -9.81 -12.76 5.77
C ASP A 48 -8.39 -12.67 5.28
N CYS A 49 -8.05 -11.55 4.72
CA CYS A 49 -6.75 -11.40 4.15
C CYS A 49 -6.03 -10.21 4.74
N ASP A 50 -4.80 -10.10 4.39
CA ASP A 50 -3.96 -9.01 4.79
C ASP A 50 -3.38 -8.43 3.54
N LEU A 51 -2.82 -7.29 3.64
CA LEU A 51 -2.30 -6.64 2.52
C LEU A 51 -0.77 -6.62 2.62
N GLN A 52 -0.13 -7.23 1.69
CA GLN A 52 1.30 -7.31 1.70
C GLN A 52 1.82 -6.35 0.68
N ILE A 53 2.68 -5.49 1.09
CA ILE A 53 3.17 -4.48 0.22
C ILE A 53 4.61 -4.81 -0.13
N THR A 54 4.96 -4.69 -1.35
CA THR A 54 6.30 -4.94 -1.79
C THR A 54 6.79 -3.74 -2.59
N ASN A 55 7.99 -3.31 -2.36
CA ASN A 55 8.53 -2.16 -3.09
C ASN A 55 8.64 -2.48 -4.58
N ALA A 56 8.22 -1.56 -5.44
CA ALA A 56 8.25 -1.79 -6.88
C ALA A 56 9.66 -1.68 -7.40
N GLN A 57 10.48 -0.97 -6.69
CA GLN A 57 11.84 -0.73 -7.10
C GLN A 57 12.78 -1.76 -6.48
N THR A 58 12.76 -1.85 -5.17
CA THR A 58 13.74 -2.64 -4.46
C THR A 58 13.22 -4.06 -4.21
N LYS A 59 11.91 -4.25 -4.37
CA LYS A 59 11.24 -5.52 -4.06
C LYS A 59 11.31 -5.87 -2.58
N GLU A 60 11.55 -4.86 -1.76
CA GLU A 60 11.55 -5.02 -0.33
C GLU A 60 10.12 -5.23 0.12
N GLU A 61 9.84 -6.35 0.69
CA GLU A 61 8.56 -6.62 1.20
C GLU A 61 8.40 -6.00 2.53
N TYR A 62 7.27 -5.45 2.73
CA TYR A 62 6.92 -4.84 3.98
C TYR A 62 6.04 -5.80 4.74
N THR A 63 6.66 -6.54 5.62
CA THR A 63 6.00 -7.58 6.37
C THR A 63 5.50 -7.07 7.71
N ASP A 64 6.09 -6.00 8.15
CA ASP A 64 5.83 -5.44 9.46
C ASP A 64 4.86 -4.32 9.32
N ASP A 65 3.79 -4.30 10.10
CA ASP A 65 2.80 -3.21 9.98
C ASP A 65 3.33 -1.90 10.50
N ASN A 66 4.49 -1.95 11.10
CA ASN A 66 5.17 -0.77 11.56
C ASN A 66 6.13 -0.26 10.50
N ALA A 67 6.16 -0.95 9.34
CA ALA A 67 6.95 -0.50 8.21
C ALA A 67 6.34 0.76 7.66
N LEU A 68 7.11 1.63 7.14
CA LEU A 68 6.59 2.89 6.65
C LEU A 68 6.84 3.01 5.15
N ILE A 69 5.88 3.50 4.42
CA ILE A 69 6.09 3.74 3.01
C ILE A 69 6.02 5.25 2.73
N PRO A 70 7.14 5.84 2.33
CA PRO A 70 7.20 7.24 1.93
C PRO A 70 6.66 7.48 0.54
N LYS A 71 6.32 8.75 0.27
CA LYS A 71 5.81 9.15 -1.04
C LYS A 71 6.90 9.01 -2.12
N ASN A 72 8.09 8.75 -1.67
CA ASN A 72 9.24 8.60 -2.53
C ASN A 72 9.36 7.16 -3.01
N SER A 73 8.49 6.31 -2.53
CA SER A 73 8.52 4.92 -2.86
C SER A 73 7.29 4.51 -3.66
N SER A 74 7.52 3.92 -4.81
CA SER A 74 6.47 3.32 -5.57
C SER A 74 6.39 1.86 -5.11
N VAL A 75 5.26 1.43 -4.66
CA VAL A 75 5.13 0.10 -4.12
C VAL A 75 4.04 -0.73 -4.83
N ILE A 76 4.19 -2.02 -4.76
CA ILE A 76 3.27 -2.96 -5.34
C ILE A 76 2.44 -3.51 -4.19
N VAL A 77 1.17 -3.53 -4.40
CA VAL A 77 0.24 -3.95 -3.39
C VAL A 77 -0.30 -5.34 -3.74
N ARG A 78 -0.17 -6.25 -2.81
CA ARG A 78 -0.58 -7.61 -3.02
C ARG A 78 -1.43 -8.07 -1.83
N ARG A 79 -2.41 -8.90 -2.08
CA ARG A 79 -3.25 -9.40 -1.02
C ARG A 79 -2.81 -10.81 -0.62
N ILE A 80 -2.55 -11.01 0.65
CA ILE A 80 -2.10 -12.30 1.14
C ILE A 80 -3.05 -12.80 2.25
N PRO A 81 -3.12 -14.10 2.48
CA PRO A 81 -3.95 -14.67 3.55
C PRO A 81 -3.34 -14.42 4.95
N ILE A 82 -4.15 -13.92 5.89
CA ILE A 82 -3.67 -13.69 7.26
C ILE A 82 -3.25 -15.00 7.93
N GLY A 83 -4.02 -16.05 7.72
CA GLY A 83 -3.70 -17.34 8.30
C GLY A 83 -4.73 -18.38 7.97
N GLY A 84 -5.36 -18.24 6.84
CA GLY A 84 -6.33 -19.19 6.39
C GLY A 84 -5.72 -20.11 5.40
N VAL A 85 -5.34 -19.55 4.28
CA VAL A 85 -4.67 -20.29 3.24
C VAL A 85 -3.22 -20.51 3.65
N LYS A 86 -2.95 -21.66 4.19
CA LYS A 86 -1.68 -22.01 4.71
C LYS A 86 -1.56 -23.52 4.70
N GLY A 1 -7.11 15.39 0.05
CA GLY A 1 -6.69 16.70 0.52
C GLY A 1 -6.72 17.68 -0.61
N PRO A 2 -5.73 18.61 -0.70
CA PRO A 2 -5.66 19.58 -1.80
C PRO A 2 -5.40 18.90 -3.14
N LEU A 3 -5.68 19.60 -4.21
CA LEU A 3 -5.52 19.06 -5.56
C LEU A 3 -4.05 19.08 -5.99
N GLY A 4 -3.28 18.25 -5.35
CA GLY A 4 -1.88 18.13 -5.63
C GLY A 4 -1.05 18.53 -4.43
N SER A 5 0.27 18.44 -4.58
CA SER A 5 1.24 18.83 -3.55
C SER A 5 1.18 17.91 -2.31
N MET A 6 0.53 16.77 -2.45
CA MET A 6 0.38 15.89 -1.34
C MET A 6 1.39 14.79 -1.40
N SER A 7 1.43 13.98 -0.37
CA SER A 7 2.29 12.88 -0.34
C SER A 7 1.58 11.71 -1.01
N CYS A 8 2.06 11.32 -2.15
CA CYS A 8 1.42 10.29 -2.91
C CYS A 8 2.37 9.16 -3.21
N VAL A 9 1.91 7.94 -3.05
CA VAL A 9 2.70 6.77 -3.37
C VAL A 9 2.16 6.12 -4.62
N HIS A 10 3.04 5.96 -5.57
CA HIS A 10 2.75 5.29 -6.79
C HIS A 10 2.80 3.81 -6.54
N TYR A 11 1.67 3.20 -6.60
CA TYR A 11 1.57 1.82 -6.31
C TYR A 11 0.85 1.14 -7.45
N LYS A 12 1.25 -0.04 -7.82
CA LYS A 12 0.48 -0.76 -8.79
C LYS A 12 -0.02 -2.01 -8.14
N PHE A 13 -1.28 -2.25 -8.27
CA PHE A 13 -1.88 -3.39 -7.65
C PHE A 13 -1.69 -4.59 -8.58
N SER A 14 -1.86 -5.78 -8.06
CA SER A 14 -1.80 -6.99 -8.84
C SER A 14 -2.81 -6.97 -10.01
N SER A 15 -3.87 -6.18 -9.86
CA SER A 15 -4.89 -6.04 -10.89
C SER A 15 -4.63 -4.82 -11.79
N LYS A 16 -3.65 -3.99 -11.43
CA LYS A 16 -3.38 -2.78 -12.18
C LYS A 16 -2.06 -2.86 -12.88
N LEU A 17 -2.06 -2.67 -14.17
CA LEU A 17 -0.83 -2.73 -14.94
C LEU A 17 -0.17 -1.37 -14.99
N ASN A 18 -0.84 -0.40 -14.45
CA ASN A 18 -0.33 0.94 -14.36
C ASN A 18 -0.33 1.34 -12.90
N TYR A 19 0.33 2.41 -12.58
CA TYR A 19 0.43 2.82 -11.22
C TYR A 19 -0.67 3.76 -10.82
N ASP A 20 -1.10 3.59 -9.61
CA ASP A 20 -2.13 4.40 -9.00
C ASP A 20 -1.43 5.20 -7.92
N THR A 21 -2.12 6.05 -7.24
CA THR A 21 -1.53 6.92 -6.28
C THR A 21 -2.39 7.06 -5.06
N VAL A 22 -1.86 6.64 -3.96
CA VAL A 22 -2.55 6.78 -2.70
C VAL A 22 -2.04 8.06 -2.06
N THR A 23 -2.90 8.78 -1.41
CA THR A 23 -2.53 10.07 -0.88
C THR A 23 -2.60 10.14 0.65
N PHE A 24 -1.56 10.68 1.22
CA PHE A 24 -1.43 10.88 2.65
C PHE A 24 -0.71 12.19 2.85
N ASP A 25 -0.54 12.58 4.07
CA ASP A 25 0.15 13.81 4.36
C ASP A 25 1.36 13.52 5.23
N GLY A 26 2.50 14.00 4.82
CA GLY A 26 3.70 13.81 5.59
C GLY A 26 4.87 13.48 4.72
N LEU A 27 5.37 12.28 4.87
CA LEU A 27 6.49 11.82 4.10
C LEU A 27 6.31 10.33 3.83
N HIS A 28 5.87 9.62 4.85
CA HIS A 28 5.70 8.19 4.77
C HIS A 28 4.52 7.69 5.54
N ILE A 29 4.00 6.59 5.09
CA ILE A 29 2.86 6.01 5.69
C ILE A 29 3.16 4.58 6.16
N SER A 30 2.77 4.28 7.37
CA SER A 30 2.92 2.96 7.92
C SER A 30 2.05 1.96 7.14
N LEU A 31 2.53 0.76 7.03
CA LEU A 31 1.93 -0.29 6.25
C LEU A 31 0.50 -0.60 6.67
N CYS A 32 0.24 -0.67 7.97
CA CYS A 32 -1.12 -0.91 8.45
C CYS A 32 -2.06 0.16 7.89
N ASP A 33 -1.61 1.40 7.97
CA ASP A 33 -2.37 2.55 7.47
C ASP A 33 -2.54 2.44 5.97
N LEU A 34 -1.44 2.15 5.31
CA LEU A 34 -1.35 2.05 3.86
C LEU A 34 -2.33 1.01 3.31
N LYS A 35 -2.33 -0.14 3.94
CA LYS A 35 -3.17 -1.24 3.52
C LYS A 35 -4.62 -0.93 3.81
N LYS A 36 -4.89 -0.39 4.99
CA LYS A 36 -6.26 -0.06 5.38
C LYS A 36 -6.88 0.98 4.45
N GLN A 37 -6.09 1.97 4.03
CA GLN A 37 -6.59 2.98 3.11
C GLN A 37 -6.91 2.33 1.77
N ILE A 38 -5.97 1.58 1.24
CA ILE A 38 -6.12 0.95 -0.07
C ILE A 38 -7.26 -0.07 -0.10
N MET A 39 -7.30 -0.94 0.90
CA MET A 39 -8.32 -1.98 0.96
C MET A 39 -9.71 -1.38 1.13
N GLY A 40 -9.80 -0.27 1.84
CA GLY A 40 -11.07 0.40 1.97
C GLY A 40 -11.45 1.11 0.69
N ARG A 41 -10.48 1.77 0.10
CA ARG A 41 -10.61 2.60 -1.09
C ARG A 41 -11.12 1.79 -2.28
N GLU A 42 -10.60 0.61 -2.44
CA GLU A 42 -10.96 -0.20 -3.59
C GLU A 42 -11.90 -1.29 -3.23
N LYS A 43 -12.39 -1.22 -2.01
CA LYS A 43 -13.39 -2.14 -1.51
C LYS A 43 -12.88 -3.59 -1.55
N LEU A 44 -11.85 -3.83 -0.78
CA LEU A 44 -11.26 -5.15 -0.64
C LEU A 44 -11.76 -5.80 0.62
N LYS A 45 -11.26 -6.98 0.92
CA LYS A 45 -11.59 -7.65 2.16
C LYS A 45 -10.39 -7.61 3.13
N ALA A 46 -10.46 -6.70 4.07
CA ALA A 46 -9.39 -6.47 5.02
C ALA A 46 -9.49 -7.43 6.19
N ALA A 47 -10.65 -8.01 6.34
CA ALA A 47 -10.93 -8.94 7.41
C ALA A 47 -10.67 -10.37 6.98
N ASP A 48 -10.07 -10.53 5.81
CA ASP A 48 -9.78 -11.86 5.33
C ASP A 48 -8.38 -11.98 4.81
N CYS A 49 -7.98 -11.05 4.02
CA CYS A 49 -6.70 -11.15 3.39
C CYS A 49 -5.75 -10.08 3.90
N ASP A 50 -4.54 -10.13 3.44
CA ASP A 50 -3.55 -9.17 3.80
C ASP A 50 -3.01 -8.56 2.54
N LEU A 51 -2.37 -7.47 2.67
CA LEU A 51 -1.93 -6.77 1.54
C LEU A 51 -0.40 -6.70 1.59
N GLN A 52 0.21 -7.41 0.74
CA GLN A 52 1.63 -7.52 0.70
C GLN A 52 2.17 -6.48 -0.21
N ILE A 53 2.97 -5.64 0.32
CA ILE A 53 3.47 -4.54 -0.41
C ILE A 53 4.92 -4.79 -0.64
N THR A 54 5.33 -4.70 -1.84
CA THR A 54 6.69 -4.94 -2.17
C THR A 54 7.25 -3.71 -2.85
N ASN A 55 8.46 -3.35 -2.54
CA ASN A 55 9.09 -2.21 -3.19
C ASN A 55 9.29 -2.51 -4.65
N ALA A 56 8.90 -1.59 -5.51
CA ALA A 56 9.01 -1.83 -6.94
C ALA A 56 10.46 -1.88 -7.37
N GLN A 57 11.28 -1.16 -6.67
CA GLN A 57 12.66 -1.03 -7.01
C GLN A 57 13.52 -2.08 -6.32
N THR A 58 13.48 -2.09 -5.01
CA THR A 58 14.37 -2.93 -4.25
C THR A 58 13.80 -4.33 -4.09
N LYS A 59 12.49 -4.45 -4.38
CA LYS A 59 11.75 -5.69 -4.24
C LYS A 59 11.66 -6.14 -2.78
N GLU A 60 11.85 -5.18 -1.90
CA GLU A 60 11.73 -5.36 -0.47
C GLU A 60 10.27 -5.55 -0.12
N GLU A 61 9.96 -6.66 0.46
CA GLU A 61 8.63 -6.94 0.88
C GLU A 61 8.40 -6.37 2.24
N TYR A 62 7.26 -5.79 2.40
CA TYR A 62 6.88 -5.22 3.65
C TYR A 62 5.95 -6.19 4.36
N THR A 63 6.55 -7.05 5.15
CA THR A 63 5.84 -8.09 5.84
C THR A 63 5.18 -7.62 7.13
N ASP A 64 5.87 -6.76 7.88
CA ASP A 64 5.33 -6.26 9.14
C ASP A 64 4.48 -5.07 8.91
N ASP A 65 3.35 -4.99 9.62
CA ASP A 65 2.37 -3.90 9.45
C ASP A 65 2.95 -2.57 9.90
N ASN A 66 4.07 -2.64 10.57
CA ASN A 66 4.72 -1.49 11.11
C ASN A 66 5.76 -0.93 10.14
N ALA A 67 5.89 -1.55 8.98
CA ALA A 67 6.78 -1.07 7.94
C ALA A 67 6.23 0.22 7.38
N LEU A 68 7.06 1.09 6.89
CA LEU A 68 6.60 2.37 6.40
C LEU A 68 6.92 2.54 4.92
N ILE A 69 6.01 3.08 4.17
CA ILE A 69 6.28 3.35 2.78
C ILE A 69 6.24 4.87 2.53
N PRO A 70 7.38 5.45 2.15
CA PRO A 70 7.46 6.87 1.80
C PRO A 70 6.89 7.19 0.42
N LYS A 71 6.44 8.42 0.27
CA LYS A 71 5.85 8.92 -0.99
C LYS A 71 6.87 8.90 -2.12
N ASN A 72 8.11 8.85 -1.76
CA ASN A 72 9.20 8.92 -2.71
C ASN A 72 9.50 7.55 -3.29
N SER A 73 8.84 6.54 -2.80
CA SER A 73 9.07 5.20 -3.24
C SER A 73 7.82 4.62 -3.89
N SER A 74 8.03 3.90 -4.97
CA SER A 74 6.96 3.25 -5.65
C SER A 74 6.92 1.80 -5.16
N VAL A 75 5.74 1.31 -4.88
CA VAL A 75 5.59 -0.02 -4.38
C VAL A 75 4.56 -0.82 -5.18
N ILE A 76 4.69 -2.11 -5.12
CA ILE A 76 3.81 -3.04 -5.77
C ILE A 76 2.88 -3.56 -4.71
N VAL A 77 1.63 -3.59 -5.00
CA VAL A 77 0.64 -3.97 -4.04
C VAL A 77 0.03 -5.31 -4.42
N ARG A 78 0.40 -6.31 -3.68
CA ARG A 78 -0.01 -7.66 -3.92
C ARG A 78 -0.97 -8.12 -2.82
N ARG A 79 -2.13 -8.57 -3.19
CA ARG A 79 -3.07 -9.09 -2.20
C ARG A 79 -2.69 -10.53 -1.87
N ILE A 80 -2.42 -10.82 -0.61
CA ILE A 80 -2.05 -12.17 -0.20
C ILE A 80 -2.96 -12.68 0.92
N PRO A 81 -3.09 -13.99 1.09
CA PRO A 81 -3.87 -14.57 2.18
C PRO A 81 -3.14 -14.41 3.53
N ILE A 82 -3.87 -14.02 4.58
CA ILE A 82 -3.29 -13.81 5.92
C ILE A 82 -2.70 -15.10 6.51
N GLY A 83 -3.23 -16.21 6.10
CA GLY A 83 -2.78 -17.47 6.59
C GLY A 83 -3.88 -18.17 7.33
N GLY A 84 -4.23 -17.64 8.47
CA GLY A 84 -5.26 -18.20 9.25
C GLY A 84 -5.80 -17.21 10.25
N VAL A 85 -5.25 -17.22 11.43
CA VAL A 85 -5.70 -16.34 12.48
C VAL A 85 -4.58 -15.40 12.92
N LYS A 86 -4.72 -14.14 12.58
CA LYS A 86 -3.79 -13.10 12.97
C LYS A 86 -4.53 -11.76 13.08
N GLY A 1 -2.23 18.44 1.60
CA GLY A 1 -1.69 19.79 1.80
C GLY A 1 -0.92 20.24 0.58
N PRO A 2 -0.24 21.40 0.63
CA PRO A 2 0.57 21.95 -0.49
C PRO A 2 1.90 21.21 -0.62
N LEU A 3 1.82 19.92 -0.59
CA LEU A 3 2.97 19.07 -0.62
C LEU A 3 3.18 18.58 -2.05
N GLY A 4 3.78 19.43 -2.86
CA GLY A 4 3.95 19.15 -4.29
C GLY A 4 2.67 19.52 -5.03
N SER A 5 1.62 18.85 -4.65
CA SER A 5 0.30 19.10 -5.08
C SER A 5 -0.55 18.34 -4.13
N MET A 6 -0.34 17.07 -4.18
CA MET A 6 -0.95 16.11 -3.29
C MET A 6 0.07 15.00 -3.14
N SER A 7 0.24 14.53 -1.94
CA SER A 7 1.15 13.45 -1.69
C SER A 7 0.49 12.18 -2.14
N CYS A 8 1.09 11.49 -3.05
CA CYS A 8 0.49 10.31 -3.57
C CYS A 8 1.51 9.20 -3.74
N VAL A 9 1.08 8.01 -3.42
CA VAL A 9 1.89 6.84 -3.62
C VAL A 9 1.33 6.08 -4.79
N HIS A 10 2.18 5.82 -5.75
CA HIS A 10 1.86 5.04 -6.90
C HIS A 10 1.94 3.60 -6.50
N TYR A 11 0.84 2.94 -6.51
CA TYR A 11 0.82 1.57 -6.13
C TYR A 11 0.09 0.78 -7.18
N LYS A 12 0.56 -0.38 -7.48
CA LYS A 12 -0.17 -1.21 -8.39
C LYS A 12 -0.33 -2.58 -7.80
N PHE A 13 -1.49 -3.11 -7.92
CA PHE A 13 -1.83 -4.37 -7.33
C PHE A 13 -1.43 -5.46 -8.29
N SER A 14 -1.40 -6.69 -7.82
CA SER A 14 -1.18 -7.84 -8.69
C SER A 14 -2.29 -7.88 -9.77
N SER A 15 -3.46 -7.40 -9.39
CA SER A 15 -4.63 -7.36 -10.23
C SER A 15 -4.65 -6.09 -11.14
N LYS A 16 -3.80 -5.11 -10.86
CA LYS A 16 -3.84 -3.83 -11.56
C LYS A 16 -2.58 -3.59 -12.36
N LEU A 17 -2.74 -3.31 -13.64
CA LEU A 17 -1.61 -3.13 -14.53
C LEU A 17 -0.95 -1.76 -14.36
N ASN A 18 -1.75 -0.74 -14.17
CA ASN A 18 -1.20 0.60 -14.02
C ASN A 18 -1.26 1.03 -12.58
N TYR A 19 -0.46 1.99 -12.24
CA TYR A 19 -0.38 2.47 -10.89
C TYR A 19 -1.53 3.34 -10.53
N ASP A 20 -2.04 3.10 -9.37
CA ASP A 20 -3.10 3.88 -8.81
C ASP A 20 -2.40 4.83 -7.84
N THR A 21 -3.10 5.75 -7.30
CA THR A 21 -2.48 6.72 -6.45
C THR A 21 -3.30 7.05 -5.20
N VAL A 22 -2.69 6.85 -4.06
CA VAL A 22 -3.31 7.22 -2.81
C VAL A 22 -2.85 8.59 -2.43
N THR A 23 -3.75 9.51 -2.44
CA THR A 23 -3.50 10.86 -2.10
C THR A 23 -3.68 11.04 -0.60
N PHE A 24 -2.62 11.27 0.07
CA PHE A 24 -2.64 11.32 1.50
C PHE A 24 -2.00 12.61 1.97
N ASP A 25 -2.37 13.05 3.13
CA ASP A 25 -1.78 14.24 3.67
C ASP A 25 -0.66 13.89 4.60
N GLY A 26 0.52 14.02 4.09
CA GLY A 26 1.72 13.70 4.82
C GLY A 26 2.84 13.43 3.85
N LEU A 27 3.96 13.02 4.32
CA LEU A 27 5.07 12.73 3.43
C LEU A 27 5.11 11.22 3.20
N HIS A 28 4.90 10.50 4.26
CA HIS A 28 4.90 9.06 4.24
C HIS A 28 3.80 8.50 5.07
N ILE A 29 3.34 7.36 4.68
CA ILE A 29 2.27 6.72 5.34
C ILE A 29 2.68 5.35 5.85
N SER A 30 2.39 5.12 7.13
CA SER A 30 2.64 3.86 7.80
C SER A 30 1.93 2.74 7.05
N LEU A 31 2.56 1.59 6.96
CA LEU A 31 2.05 0.45 6.24
C LEU A 31 0.66 0.02 6.67
N CYS A 32 0.39 -0.01 7.97
CA CYS A 32 -0.94 -0.39 8.44
C CYS A 32 -1.97 0.56 7.85
N ASP A 33 -1.67 1.82 7.90
CA ASP A 33 -2.51 2.88 7.40
C ASP A 33 -2.64 2.80 5.89
N LEU A 34 -1.51 2.57 5.26
CA LEU A 34 -1.40 2.44 3.81
C LEU A 34 -2.25 1.28 3.33
N LYS A 35 -2.16 0.16 4.01
CA LYS A 35 -2.93 -1.01 3.67
C LYS A 35 -4.40 -0.74 3.85
N LYS A 36 -4.76 -0.08 4.93
CA LYS A 36 -6.17 0.25 5.19
C LYS A 36 -6.76 1.14 4.10
N GLN A 37 -5.97 2.09 3.60
CA GLN A 37 -6.41 2.96 2.50
C GLN A 37 -6.70 2.13 1.27
N ILE A 38 -5.75 1.25 0.94
CA ILE A 38 -5.87 0.40 -0.23
C ILE A 38 -6.99 -0.62 -0.06
N MET A 39 -7.07 -1.24 1.11
CA MET A 39 -8.07 -2.27 1.39
C MET A 39 -9.48 -1.70 1.26
N GLY A 40 -9.68 -0.49 1.74
CA GLY A 40 -10.98 0.13 1.64
C GLY A 40 -11.29 0.55 0.23
N ARG A 41 -10.27 0.99 -0.48
CA ARG A 41 -10.42 1.45 -1.85
C ARG A 41 -10.66 0.29 -2.81
N GLU A 42 -9.89 -0.76 -2.66
CA GLU A 42 -9.94 -1.90 -3.55
C GLU A 42 -10.91 -2.93 -3.04
N LYS A 43 -11.67 -2.55 -2.01
CA LYS A 43 -12.62 -3.42 -1.34
C LYS A 43 -12.08 -4.81 -1.01
N LEU A 44 -11.11 -4.84 -0.14
CA LEU A 44 -10.51 -6.08 0.29
C LEU A 44 -11.15 -6.62 1.51
N LYS A 45 -11.22 -7.90 1.57
CA LYS A 45 -11.68 -8.59 2.74
C LYS A 45 -10.49 -8.86 3.67
N ALA A 46 -10.39 -8.04 4.70
CA ALA A 46 -9.28 -8.10 5.64
C ALA A 46 -9.45 -9.26 6.62
N ALA A 47 -10.65 -9.81 6.65
CA ALA A 47 -10.95 -10.97 7.48
C ALA A 47 -10.61 -12.26 6.73
N ASP A 48 -9.97 -12.09 5.59
CA ASP A 48 -9.54 -13.21 4.76
C ASP A 48 -8.10 -13.05 4.37
N CYS A 49 -7.73 -11.87 3.97
CA CYS A 49 -6.40 -11.68 3.49
C CYS A 49 -5.74 -10.45 4.09
N ASP A 50 -4.46 -10.35 3.89
CA ASP A 50 -3.65 -9.25 4.36
C ASP A 50 -3.00 -8.65 3.16
N LEU A 51 -2.38 -7.56 3.33
CA LEU A 51 -1.83 -6.88 2.24
C LEU A 51 -0.32 -6.79 2.41
N GLN A 52 0.41 -7.21 1.44
CA GLN A 52 1.84 -7.19 1.50
C GLN A 52 2.36 -6.25 0.44
N ILE A 53 3.06 -5.27 0.84
CA ILE A 53 3.47 -4.24 -0.06
C ILE A 53 4.96 -4.40 -0.35
N THR A 54 5.31 -4.28 -1.58
CA THR A 54 6.68 -4.39 -2.01
C THR A 54 7.06 -3.10 -2.74
N ASN A 55 8.28 -2.70 -2.65
CA ASN A 55 8.75 -1.51 -3.35
C ASN A 55 8.89 -1.84 -4.83
N ALA A 56 8.54 -0.92 -5.70
CA ALA A 56 8.65 -1.16 -7.13
C ALA A 56 10.06 -0.92 -7.63
N GLN A 57 10.80 -0.11 -6.91
CA GLN A 57 12.14 0.26 -7.31
C GLN A 57 13.21 -0.61 -6.66
N THR A 58 13.11 -0.82 -5.36
CA THR A 58 14.10 -1.58 -4.65
C THR A 58 13.70 -3.05 -4.62
N LYS A 59 12.40 -3.28 -4.82
CA LYS A 59 11.78 -4.60 -4.82
C LYS A 59 11.85 -5.21 -3.42
N GLU A 60 11.90 -4.34 -2.42
CA GLU A 60 11.98 -4.74 -1.04
C GLU A 60 10.57 -4.85 -0.47
N GLU A 61 10.29 -5.91 0.28
CA GLU A 61 9.00 -6.07 0.87
C GLU A 61 8.88 -5.23 2.14
N TYR A 62 7.70 -4.78 2.37
CA TYR A 62 7.35 -4.12 3.58
C TYR A 62 6.57 -5.13 4.38
N THR A 63 7.26 -5.79 5.25
CA THR A 63 6.72 -6.89 5.97
C THR A 63 5.88 -6.48 7.17
N ASP A 64 6.38 -5.57 7.97
CA ASP A 64 5.66 -5.20 9.18
C ASP A 64 4.82 -4.00 8.91
N ASP A 65 3.67 -3.92 9.55
CA ASP A 65 2.73 -2.81 9.33
C ASP A 65 3.26 -1.49 9.87
N ASN A 66 4.39 -1.55 10.53
CA ASN A 66 5.09 -0.38 11.05
C ASN A 66 6.03 0.20 10.01
N ALA A 67 6.19 -0.52 8.91
CA ALA A 67 6.99 -0.07 7.80
C ALA A 67 6.31 1.16 7.18
N LEU A 68 7.04 2.06 6.61
CA LEU A 68 6.45 3.28 6.11
C LEU A 68 6.65 3.43 4.60
N ILE A 69 5.63 3.86 3.89
CA ILE A 69 5.79 4.11 2.47
C ILE A 69 5.60 5.61 2.16
N PRO A 70 6.67 6.27 1.69
CA PRO A 70 6.62 7.67 1.29
C PRO A 70 6.06 7.87 -0.12
N LYS A 71 5.49 9.05 -0.35
CA LYS A 71 4.90 9.43 -1.65
C LYS A 71 5.91 9.37 -2.78
N ASN A 72 7.17 9.51 -2.46
CA ASN A 72 8.23 9.47 -3.47
C ASN A 72 8.54 8.05 -3.93
N SER A 73 7.93 7.07 -3.32
CA SER A 73 8.22 5.71 -3.68
C SER A 73 6.98 5.01 -4.25
N SER A 74 7.17 4.31 -5.35
CA SER A 74 6.12 3.52 -5.93
C SER A 74 6.21 2.13 -5.36
N VAL A 75 5.11 1.56 -5.02
CA VAL A 75 5.08 0.26 -4.43
C VAL A 75 4.12 -0.68 -5.17
N ILE A 76 4.40 -1.94 -5.07
CA ILE A 76 3.62 -2.99 -5.66
C ILE A 76 2.80 -3.60 -4.54
N VAL A 77 1.57 -3.80 -4.78
CA VAL A 77 0.67 -4.28 -3.78
C VAL A 77 0.32 -5.74 -4.04
N ARG A 78 0.81 -6.58 -3.20
CA ARG A 78 0.65 -8.00 -3.30
C ARG A 78 -0.30 -8.44 -2.20
N ARG A 79 -1.26 -9.23 -2.51
CA ARG A 79 -2.19 -9.66 -1.51
C ARG A 79 -1.75 -11.02 -0.99
N ILE A 80 -1.67 -11.16 0.33
CA ILE A 80 -1.21 -12.39 0.95
C ILE A 80 -2.24 -12.89 1.97
N PRO A 81 -2.26 -14.18 2.30
CA PRO A 81 -3.21 -14.72 3.28
C PRO A 81 -2.82 -14.33 4.72
N ILE A 82 -3.80 -14.09 5.56
CA ILE A 82 -3.55 -13.80 6.97
C ILE A 82 -3.36 -15.09 7.73
N GLY A 83 -3.99 -16.11 7.24
CA GLY A 83 -4.01 -17.39 7.87
C GLY A 83 -5.43 -17.87 7.93
N GLY A 84 -6.25 -17.10 8.64
CA GLY A 84 -7.65 -17.39 8.75
C GLY A 84 -7.90 -18.61 9.58
N VAL A 85 -8.09 -19.71 8.94
CA VAL A 85 -8.31 -20.95 9.60
C VAL A 85 -6.98 -21.60 9.95
N LYS A 86 -6.61 -21.47 11.18
CA LYS A 86 -5.38 -22.03 11.69
C LYS A 86 -5.68 -22.88 12.89
N GLY A 1 -3.35 27.33 -3.30
CA GLY A 1 -1.96 27.81 -3.35
C GLY A 1 -1.12 26.87 -4.18
N PRO A 2 0.17 26.74 -3.89
CA PRO A 2 1.06 25.82 -4.61
C PRO A 2 0.67 24.38 -4.34
N LEU A 3 0.27 23.68 -5.39
CA LEU A 3 -0.07 22.30 -5.26
C LEU A 3 1.16 21.43 -5.40
N GLY A 4 1.03 20.18 -5.08
CA GLY A 4 2.15 19.29 -5.07
C GLY A 4 2.40 18.80 -3.68
N SER A 5 1.56 19.26 -2.77
CA SER A 5 1.66 18.90 -1.38
C SER A 5 0.75 17.72 -1.04
N MET A 6 0.07 17.23 -2.04
CA MET A 6 -0.75 16.06 -1.85
C MET A 6 0.10 14.84 -1.96
N SER A 7 0.27 14.22 -0.86
CA SER A 7 1.09 13.06 -0.74
C SER A 7 0.37 11.89 -1.34
N CYS A 8 0.95 11.30 -2.33
CA CYS A 8 0.35 10.20 -3.00
C CYS A 8 1.37 9.14 -3.33
N VAL A 9 1.04 7.91 -3.09
CA VAL A 9 1.91 6.81 -3.40
C VAL A 9 1.35 6.08 -4.61
N HIS A 10 2.18 5.94 -5.62
CA HIS A 10 1.87 5.17 -6.79
C HIS A 10 2.02 3.73 -6.45
N TYR A 11 0.94 3.05 -6.37
CA TYR A 11 0.95 1.67 -6.02
C TYR A 11 0.19 0.90 -7.06
N LYS A 12 0.70 -0.19 -7.50
CA LYS A 12 -0.08 -0.98 -8.39
C LYS A 12 -0.35 -2.29 -7.69
N PHE A 13 -1.55 -2.74 -7.79
CA PHE A 13 -1.93 -3.95 -7.12
C PHE A 13 -1.65 -5.10 -8.07
N SER A 14 -1.56 -6.31 -7.56
CA SER A 14 -1.40 -7.48 -8.40
C SER A 14 -2.59 -7.60 -9.38
N SER A 15 -3.74 -7.10 -8.95
CA SER A 15 -4.94 -7.12 -9.74
C SER A 15 -5.02 -5.89 -10.68
N LYS A 16 -4.00 -5.04 -10.67
CA LYS A 16 -3.96 -3.90 -11.56
C LYS A 16 -2.69 -3.87 -12.38
N LEU A 17 -2.85 -3.54 -13.63
CA LEU A 17 -1.75 -3.46 -14.55
C LEU A 17 -1.12 -2.08 -14.46
N ASN A 18 -1.90 -1.10 -14.07
CA ASN A 18 -1.42 0.28 -13.92
C ASN A 18 -1.38 0.68 -12.46
N TYR A 19 -0.81 1.84 -12.20
CA TYR A 19 -0.63 2.33 -10.84
C TYR A 19 -1.78 3.18 -10.39
N ASP A 20 -2.17 3.00 -9.16
CA ASP A 20 -3.15 3.81 -8.49
C ASP A 20 -2.40 4.74 -7.57
N THR A 21 -3.08 5.63 -6.93
CA THR A 21 -2.45 6.55 -6.04
C THR A 21 -3.26 6.70 -4.81
N VAL A 22 -2.63 6.59 -3.69
CA VAL A 22 -3.30 6.78 -2.46
C VAL A 22 -2.82 8.08 -1.85
N THR A 23 -3.73 8.95 -1.55
CA THR A 23 -3.40 10.19 -0.95
C THR A 23 -3.44 10.07 0.55
N PHE A 24 -2.50 10.72 1.18
CA PHE A 24 -2.38 10.68 2.61
C PHE A 24 -1.76 11.97 3.07
N ASP A 25 -1.69 12.15 4.35
CA ASP A 25 -1.09 13.31 4.92
C ASP A 25 0.23 12.92 5.50
N GLY A 26 1.20 13.75 5.34
CA GLY A 26 2.53 13.46 5.83
C GLY A 26 3.46 13.21 4.67
N LEU A 27 4.67 12.83 4.96
CA LEU A 27 5.63 12.56 3.90
C LEU A 27 5.50 11.07 3.57
N HIS A 28 5.33 10.29 4.57
CA HIS A 28 5.24 8.87 4.44
C HIS A 28 4.12 8.30 5.22
N ILE A 29 3.66 7.19 4.77
CA ILE A 29 2.58 6.52 5.39
C ILE A 29 2.99 5.13 5.82
N SER A 30 2.76 4.85 7.09
CA SER A 30 3.03 3.56 7.66
C SER A 30 2.20 2.49 6.93
N LEU A 31 2.75 1.32 6.81
CA LEU A 31 2.14 0.23 6.12
C LEU A 31 0.79 -0.13 6.72
N CYS A 32 0.68 -0.06 8.04
CA CYS A 32 -0.59 -0.27 8.72
C CYS A 32 -1.62 0.69 8.15
N ASP A 33 -1.22 1.92 8.04
CA ASP A 33 -2.10 2.97 7.59
C ASP A 33 -2.43 2.79 6.13
N LEU A 34 -1.43 2.43 5.38
CA LEU A 34 -1.57 2.24 3.94
C LEU A 34 -2.44 1.02 3.61
N LYS A 35 -2.19 -0.11 4.27
CA LYS A 35 -2.93 -1.33 3.99
C LYS A 35 -4.38 -1.19 4.34
N LYS A 36 -4.65 -0.58 5.49
CA LYS A 36 -6.02 -0.38 5.94
C LYS A 36 -6.81 0.48 4.94
N GLN A 37 -6.15 1.47 4.35
CA GLN A 37 -6.81 2.31 3.37
C GLN A 37 -7.06 1.55 2.09
N ILE A 38 -6.05 0.80 1.65
CA ILE A 38 -6.16 0.03 0.41
C ILE A 38 -7.17 -1.11 0.54
N MET A 39 -7.20 -1.77 1.69
CA MET A 39 -8.14 -2.86 1.93
C MET A 39 -9.57 -2.36 1.82
N GLY A 40 -9.81 -1.18 2.34
CA GLY A 40 -11.13 -0.60 2.27
C GLY A 40 -11.45 -0.14 0.88
N ARG A 41 -10.49 0.44 0.22
CA ARG A 41 -10.66 0.98 -1.11
C ARG A 41 -10.87 -0.10 -2.17
N GLU A 42 -10.03 -1.11 -2.16
CA GLU A 42 -10.03 -2.15 -3.19
C GLU A 42 -11.07 -3.21 -2.91
N LYS A 43 -11.56 -3.19 -1.70
CA LYS A 43 -12.54 -4.12 -1.16
C LYS A 43 -11.89 -5.46 -0.86
N LEU A 44 -11.00 -5.45 0.09
CA LEU A 44 -10.33 -6.65 0.52
C LEU A 44 -10.95 -7.22 1.75
N LYS A 45 -10.84 -8.49 1.88
CA LYS A 45 -11.28 -9.20 3.03
C LYS A 45 -10.08 -9.59 3.89
N ALA A 46 -9.89 -8.84 4.95
CA ALA A 46 -8.75 -8.97 5.84
C ALA A 46 -8.84 -10.24 6.71
N ALA A 47 -9.97 -10.92 6.67
CA ALA A 47 -10.13 -12.15 7.41
C ALA A 47 -9.74 -13.34 6.56
N ASP A 48 -9.52 -13.10 5.28
CA ASP A 48 -9.17 -14.17 4.37
C ASP A 48 -7.75 -14.01 3.89
N CYS A 49 -7.39 -12.78 3.58
CA CYS A 49 -6.09 -12.50 3.05
C CYS A 49 -5.42 -11.37 3.82
N ASP A 50 -4.17 -11.14 3.52
CA ASP A 50 -3.38 -10.09 4.09
C ASP A 50 -2.81 -9.28 2.94
N LEU A 51 -2.23 -8.17 3.22
CA LEU A 51 -1.79 -7.31 2.19
C LEU A 51 -0.28 -7.11 2.30
N GLN A 52 0.44 -7.55 1.31
CA GLN A 52 1.86 -7.52 1.34
C GLN A 52 2.39 -6.58 0.27
N ILE A 53 2.99 -5.51 0.70
CA ILE A 53 3.45 -4.49 -0.21
C ILE A 53 4.96 -4.66 -0.45
N THR A 54 5.36 -4.56 -1.68
CA THR A 54 6.75 -4.71 -2.06
C THR A 54 7.19 -3.45 -2.84
N ASN A 55 8.36 -2.93 -2.52
CA ASN A 55 8.92 -1.74 -3.20
C ASN A 55 9.12 -2.04 -4.68
N ALA A 56 8.72 -1.11 -5.55
CA ALA A 56 8.84 -1.33 -6.99
C ALA A 56 10.29 -1.22 -7.45
N GLN A 57 11.08 -0.49 -6.71
CA GLN A 57 12.47 -0.26 -7.06
C GLN A 57 13.40 -1.26 -6.40
N THR A 58 13.28 -1.39 -5.11
CA THR A 58 14.22 -2.19 -4.36
C THR A 58 13.72 -3.61 -4.14
N LYS A 59 12.40 -3.82 -4.36
CA LYS A 59 11.73 -5.08 -4.10
C LYS A 59 11.79 -5.46 -2.63
N GLU A 60 11.89 -4.45 -1.81
CA GLU A 60 11.85 -4.57 -0.38
C GLU A 60 10.41 -4.86 0.02
N GLU A 61 10.19 -6.00 0.59
CA GLU A 61 8.90 -6.43 0.99
C GLU A 61 8.59 -5.95 2.36
N TYR A 62 7.49 -5.31 2.46
CA TYR A 62 7.03 -4.74 3.69
C TYR A 62 6.01 -5.68 4.28
N THR A 63 6.42 -6.40 5.27
CA THR A 63 5.56 -7.37 5.91
C THR A 63 5.24 -6.94 7.35
N ASP A 64 5.84 -5.82 7.75
CA ASP A 64 5.60 -5.25 9.06
C ASP A 64 4.73 -4.03 8.89
N ASP A 65 3.69 -3.91 9.68
CA ASP A 65 2.76 -2.76 9.60
C ASP A 65 3.45 -1.46 9.98
N ASN A 66 4.62 -1.60 10.56
CA ASN A 66 5.42 -0.47 10.97
C ASN A 66 6.39 -0.04 9.88
N ALA A 67 6.33 -0.71 8.75
CA ALA A 67 7.09 -0.31 7.59
C ALA A 67 6.47 0.96 7.06
N LEU A 68 7.24 1.83 6.51
CA LEU A 68 6.71 3.10 6.06
C LEU A 68 6.89 3.26 4.56
N ILE A 69 5.90 3.78 3.87
CA ILE A 69 6.04 4.06 2.46
C ILE A 69 5.86 5.57 2.19
N PRO A 70 6.92 6.25 1.75
CA PRO A 70 6.86 7.66 1.39
C PRO A 70 6.21 7.91 0.02
N LYS A 71 5.63 9.09 -0.13
CA LYS A 71 4.93 9.52 -1.37
C LYS A 71 5.82 9.51 -2.60
N ASN A 72 7.10 9.64 -2.40
CA ASN A 72 8.02 9.64 -3.53
C ASN A 72 8.28 8.23 -4.06
N SER A 73 7.97 7.24 -3.28
CA SER A 73 8.27 5.89 -3.67
C SER A 73 7.05 5.17 -4.24
N SER A 74 7.25 4.40 -5.28
CA SER A 74 6.21 3.62 -5.88
C SER A 74 6.36 2.19 -5.35
N VAL A 75 5.27 1.59 -4.99
CA VAL A 75 5.29 0.26 -4.43
C VAL A 75 4.27 -0.65 -5.13
N ILE A 76 4.50 -1.92 -5.08
CA ILE A 76 3.64 -2.91 -5.68
C ILE A 76 2.87 -3.57 -4.55
N VAL A 77 1.59 -3.67 -4.70
CA VAL A 77 0.74 -4.20 -3.65
C VAL A 77 0.27 -5.61 -4.01
N ARG A 78 0.74 -6.56 -3.26
CA ARG A 78 0.45 -7.96 -3.47
C ARG A 78 -0.54 -8.44 -2.40
N ARG A 79 -1.44 -9.32 -2.76
CA ARG A 79 -2.38 -9.84 -1.77
C ARG A 79 -1.97 -11.26 -1.43
N ILE A 80 -1.63 -11.48 -0.19
CA ILE A 80 -1.13 -12.77 0.22
C ILE A 80 -2.11 -13.43 1.20
N PRO A 81 -2.12 -14.75 1.28
CA PRO A 81 -2.99 -15.48 2.21
C PRO A 81 -2.48 -15.37 3.65
N ILE A 82 -3.38 -15.28 4.58
CA ILE A 82 -3.01 -15.23 5.99
C ILE A 82 -2.80 -16.64 6.52
N GLY A 83 -3.31 -17.59 5.79
CA GLY A 83 -3.16 -18.95 6.16
C GLY A 83 -4.49 -19.57 6.41
N GLY A 84 -5.05 -19.20 7.52
CA GLY A 84 -6.32 -19.64 7.90
C GLY A 84 -7.07 -18.48 8.39
N VAL A 85 -8.37 -18.55 8.25
CA VAL A 85 -9.25 -17.45 8.61
C VAL A 85 -9.17 -17.12 10.09
N LYS A 86 -8.91 -15.87 10.36
CA LYS A 86 -8.80 -15.33 11.67
C LYS A 86 -9.24 -13.88 11.65
N GLY A 1 7.68 25.77 -0.85
CA GLY A 1 7.10 24.76 -1.72
C GLY A 1 5.60 24.68 -1.53
N PRO A 2 4.80 25.04 -2.53
CA PRO A 2 3.34 25.00 -2.42
C PRO A 2 2.82 23.58 -2.31
N LEU A 3 2.12 23.30 -1.25
CA LEU A 3 1.54 21.99 -1.07
C LEU A 3 0.28 21.83 -1.88
N GLY A 4 0.46 21.34 -3.06
CA GLY A 4 -0.62 21.13 -3.96
C GLY A 4 -0.48 19.81 -4.63
N SER A 5 -1.54 19.36 -5.27
CA SER A 5 -1.57 18.12 -6.01
C SER A 5 -1.54 16.89 -5.07
N MET A 6 -1.82 17.13 -3.78
CA MET A 6 -1.90 16.09 -2.75
C MET A 6 -0.58 15.33 -2.59
N SER A 7 -0.67 14.22 -1.96
CA SER A 7 0.41 13.34 -1.76
C SER A 7 -0.10 11.98 -2.12
N CYS A 8 0.50 11.40 -3.12
CA CYS A 8 0.01 10.18 -3.68
C CYS A 8 1.14 9.16 -3.87
N VAL A 9 0.90 7.93 -3.48
CA VAL A 9 1.87 6.86 -3.69
C VAL A 9 1.35 5.97 -4.80
N HIS A 10 2.21 5.63 -5.72
CA HIS A 10 1.86 4.74 -6.80
C HIS A 10 2.00 3.31 -6.35
N TYR A 11 0.95 2.58 -6.45
CA TYR A 11 0.94 1.20 -6.02
C TYR A 11 0.24 0.34 -7.04
N LYS A 12 0.73 -0.85 -7.27
CA LYS A 12 0.03 -1.76 -8.14
C LYS A 12 -0.27 -3.06 -7.42
N PHE A 13 -1.53 -3.31 -7.26
CA PHE A 13 -2.06 -4.50 -6.62
C PHE A 13 -1.81 -5.74 -7.46
N SER A 14 -1.98 -6.89 -6.84
CA SER A 14 -1.86 -8.17 -7.50
C SER A 14 -2.81 -8.27 -8.71
N SER A 15 -3.99 -7.70 -8.59
CA SER A 15 -4.92 -7.76 -9.68
C SER A 15 -5.03 -6.38 -10.35
N LYS A 16 -4.04 -5.54 -10.14
CA LYS A 16 -4.02 -4.23 -10.77
C LYS A 16 -3.10 -4.34 -11.97
N LEU A 17 -3.50 -3.75 -13.05
CA LEU A 17 -2.73 -3.85 -14.27
C LEU A 17 -1.72 -2.72 -14.35
N ASN A 18 -2.11 -1.61 -13.79
CA ASN A 18 -1.30 -0.41 -13.76
C ASN A 18 -1.24 0.09 -12.35
N TYR A 19 -0.49 1.13 -12.11
CA TYR A 19 -0.40 1.68 -10.78
C TYR A 19 -1.55 2.59 -10.49
N ASP A 20 -1.95 2.60 -9.26
CA ASP A 20 -2.99 3.44 -8.74
C ASP A 20 -2.34 4.38 -7.74
N THR A 21 -3.07 5.27 -7.14
CA THR A 21 -2.50 6.28 -6.31
C THR A 21 -3.30 6.45 -5.06
N VAL A 22 -2.67 6.26 -3.96
CA VAL A 22 -3.33 6.43 -2.71
C VAL A 22 -3.04 7.85 -2.21
N THR A 23 -4.04 8.53 -1.74
CA THR A 23 -3.91 9.88 -1.34
C THR A 23 -3.84 10.02 0.17
N PHE A 24 -2.81 10.68 0.62
CA PHE A 24 -2.58 10.88 2.02
C PHE A 24 -2.04 12.29 2.23
N ASP A 25 -1.92 12.70 3.45
CA ASP A 25 -1.34 13.97 3.77
C ASP A 25 0.03 13.71 4.35
N GLY A 26 0.99 14.49 3.96
CA GLY A 26 2.32 14.32 4.44
C GLY A 26 3.25 13.95 3.33
N LEU A 27 4.43 13.52 3.67
CA LEU A 27 5.42 13.13 2.69
C LEU A 27 5.38 11.62 2.53
N HIS A 28 5.05 10.95 3.62
CA HIS A 28 5.01 9.51 3.64
C HIS A 28 3.92 8.96 4.51
N ILE A 29 3.42 7.83 4.10
CA ILE A 29 2.33 7.19 4.75
C ILE A 29 2.77 5.88 5.40
N SER A 30 2.53 5.77 6.68
CA SER A 30 2.83 4.59 7.43
C SER A 30 1.98 3.42 6.91
N LEU A 31 2.56 2.25 6.89
CA LEU A 31 1.96 1.04 6.37
C LEU A 31 0.62 0.73 6.99
N CYS A 32 0.52 0.92 8.30
CA CYS A 32 -0.74 0.73 9.00
C CYS A 32 -1.87 1.55 8.33
N ASP A 33 -1.60 2.80 8.00
CA ASP A 33 -2.60 3.67 7.37
C ASP A 33 -2.77 3.28 5.92
N LEU A 34 -1.65 2.97 5.30
CA LEU A 34 -1.57 2.62 3.89
C LEU A 34 -2.45 1.41 3.59
N LYS A 35 -2.32 0.40 4.42
CA LYS A 35 -3.06 -0.81 4.23
C LYS A 35 -4.51 -0.60 4.52
N LYS A 36 -4.82 0.07 5.60
CA LYS A 36 -6.22 0.25 6.03
C LYS A 36 -7.02 1.00 4.98
N GLN A 37 -6.40 1.98 4.34
CA GLN A 37 -7.06 2.69 3.26
C GLN A 37 -7.33 1.77 2.07
N ILE A 38 -6.34 0.99 1.71
CA ILE A 38 -6.43 0.11 0.55
C ILE A 38 -7.35 -1.11 0.81
N MET A 39 -7.23 -1.71 1.99
CA MET A 39 -8.01 -2.90 2.36
C MET A 39 -9.49 -2.58 2.36
N GLY A 40 -9.84 -1.39 2.81
CA GLY A 40 -11.21 -0.96 2.78
C GLY A 40 -11.66 -0.63 1.37
N ARG A 41 -10.80 0.06 0.63
CA ARG A 41 -11.10 0.51 -0.72
C ARG A 41 -11.31 -0.65 -1.69
N GLU A 42 -10.39 -1.60 -1.66
CA GLU A 42 -10.42 -2.71 -2.62
C GLU A 42 -11.25 -3.86 -2.10
N LYS A 43 -11.98 -3.60 -1.04
CA LYS A 43 -12.86 -4.57 -0.40
C LYS A 43 -12.11 -5.84 -0.04
N LEU A 44 -11.15 -5.72 0.83
CA LEU A 44 -10.41 -6.86 1.28
C LEU A 44 -11.02 -7.42 2.50
N LYS A 45 -10.95 -8.71 2.63
CA LYS A 45 -11.43 -9.35 3.81
C LYS A 45 -10.25 -9.56 4.76
N ALA A 46 -10.18 -8.71 5.75
CA ALA A 46 -9.08 -8.69 6.70
C ALA A 46 -9.13 -9.88 7.67
N ALA A 47 -10.22 -10.63 7.61
CA ALA A 47 -10.39 -11.82 8.41
C ALA A 47 -9.89 -13.06 7.67
N ASP A 48 -9.43 -12.85 6.46
CA ASP A 48 -8.92 -13.93 5.63
C ASP A 48 -7.55 -13.59 5.08
N CYS A 49 -7.36 -12.34 4.74
CA CYS A 49 -6.14 -11.90 4.14
C CYS A 49 -5.53 -10.69 4.86
N ASP A 50 -4.29 -10.46 4.54
CA ASP A 50 -3.49 -9.34 5.01
C ASP A 50 -2.97 -8.64 3.78
N LEU A 51 -2.41 -7.50 3.94
CA LEU A 51 -1.94 -6.76 2.85
C LEU A 51 -0.43 -6.59 2.96
N GLN A 52 0.29 -7.22 2.09
CA GLN A 52 1.72 -7.16 2.13
C GLN A 52 2.24 -6.34 0.96
N ILE A 53 2.76 -5.21 1.27
CA ILE A 53 3.22 -4.27 0.28
C ILE A 53 4.70 -4.53 0.03
N THR A 54 5.10 -4.53 -1.19
CA THR A 54 6.47 -4.77 -1.54
C THR A 54 6.99 -3.57 -2.36
N ASN A 55 8.22 -3.18 -2.18
CA ASN A 55 8.81 -2.08 -2.93
C ASN A 55 8.98 -2.47 -4.38
N ALA A 56 8.64 -1.56 -5.29
CA ALA A 56 8.74 -1.83 -6.72
C ALA A 56 10.18 -1.87 -7.17
N GLN A 57 11.02 -1.15 -6.48
CA GLN A 57 12.42 -1.07 -6.84
C GLN A 57 13.22 -2.13 -6.13
N THR A 58 13.18 -2.11 -4.83
CA THR A 58 14.06 -2.92 -4.03
C THR A 58 13.46 -4.27 -3.68
N LYS A 59 12.14 -4.39 -3.84
CA LYS A 59 11.40 -5.58 -3.43
C LYS A 59 11.42 -5.79 -1.91
N GLU A 60 11.65 -4.70 -1.20
CA GLU A 60 11.56 -4.63 0.25
C GLU A 60 10.09 -4.82 0.62
N GLU A 61 9.81 -5.88 1.30
CA GLU A 61 8.48 -6.17 1.70
C GLU A 61 8.18 -5.52 3.00
N TYR A 62 7.12 -4.82 3.00
CA TYR A 62 6.69 -4.10 4.14
C TYR A 62 5.77 -4.95 4.96
N THR A 63 6.35 -5.62 5.91
CA THR A 63 5.64 -6.50 6.78
C THR A 63 5.32 -5.81 8.11
N ASP A 64 6.13 -4.83 8.48
CA ASP A 64 5.96 -4.13 9.75
C ASP A 64 5.06 -2.95 9.50
N ASP A 65 4.09 -2.73 10.37
CA ASP A 65 3.11 -1.66 10.18
C ASP A 65 3.74 -0.28 10.35
N ASN A 66 4.95 -0.26 10.87
CA ASN A 66 5.71 0.97 11.08
C ASN A 66 6.42 1.39 9.83
N ALA A 67 6.42 0.51 8.83
CA ALA A 67 7.05 0.81 7.56
C ALA A 67 6.33 1.97 6.93
N LEU A 68 7.05 2.89 6.38
CA LEU A 68 6.43 4.05 5.82
C LEU A 68 6.72 4.13 4.34
N ILE A 69 5.73 4.47 3.57
CA ILE A 69 5.96 4.61 2.16
C ILE A 69 5.71 6.05 1.73
N PRO A 70 6.74 6.71 1.19
CA PRO A 70 6.65 8.08 0.69
C PRO A 70 6.01 8.18 -0.69
N LYS A 71 5.49 9.36 -1.01
CA LYS A 71 4.88 9.63 -2.32
C LYS A 71 5.92 9.69 -3.42
N ASN A 72 7.17 9.59 -3.03
CA ASN A 72 8.28 9.60 -3.95
C ASN A 72 8.59 8.19 -4.43
N SER A 73 7.90 7.23 -3.89
CA SER A 73 8.18 5.87 -4.19
C SER A 73 6.95 5.17 -4.74
N SER A 74 7.19 4.09 -5.44
CA SER A 74 6.14 3.28 -5.99
C SER A 74 6.28 1.90 -5.38
N VAL A 75 5.18 1.32 -5.01
CA VAL A 75 5.18 0.04 -4.36
C VAL A 75 4.20 -0.92 -5.02
N ILE A 76 4.36 -2.17 -4.72
CA ILE A 76 3.53 -3.22 -5.23
C ILE A 76 2.70 -3.69 -4.06
N VAL A 77 1.45 -3.83 -4.23
CA VAL A 77 0.62 -4.22 -3.13
C VAL A 77 0.03 -5.62 -3.35
N ARG A 78 0.56 -6.54 -2.61
CA ARG A 78 0.23 -7.93 -2.72
C ARG A 78 -0.71 -8.35 -1.60
N ARG A 79 -1.76 -9.01 -1.92
CA ARG A 79 -2.68 -9.50 -0.92
C ARG A 79 -2.24 -10.89 -0.50
N ILE A 80 -1.88 -11.06 0.75
CA ILE A 80 -1.41 -12.33 1.24
C ILE A 80 -2.37 -12.88 2.29
N PRO A 81 -2.47 -14.19 2.44
CA PRO A 81 -3.35 -14.80 3.46
C PRO A 81 -2.77 -14.69 4.88
N ILE A 82 -3.62 -14.38 5.85
CA ILE A 82 -3.18 -14.28 7.25
C ILE A 82 -3.02 -15.67 7.85
N GLY A 83 -3.98 -16.52 7.57
CA GLY A 83 -4.01 -17.85 8.10
C GLY A 83 -5.19 -18.55 7.52
N GLY A 84 -5.16 -18.73 6.23
CA GLY A 84 -6.26 -19.35 5.54
C GLY A 84 -5.81 -19.98 4.26
N VAL A 85 -6.45 -21.05 3.88
CA VAL A 85 -6.11 -21.77 2.68
C VAL A 85 -6.82 -21.20 1.45
N LYS A 86 -6.06 -20.63 0.58
CA LYS A 86 -6.59 -20.02 -0.60
C LYS A 86 -5.88 -20.61 -1.79
N GLY A 1 -4.92 20.52 1.10
CA GLY A 1 -3.84 19.99 1.93
C GLY A 1 -2.69 20.94 1.99
N PRO A 2 -1.60 20.60 2.72
CA PRO A 2 -0.42 21.46 2.83
C PRO A 2 0.24 21.66 1.46
N LEU A 3 0.48 20.57 0.77
CA LEU A 3 1.00 20.61 -0.57
C LEU A 3 -0.16 20.52 -1.55
N GLY A 4 -0.17 21.42 -2.53
CA GLY A 4 -1.22 21.45 -3.53
C GLY A 4 -1.24 20.21 -4.39
N SER A 5 -0.07 19.75 -4.79
CA SER A 5 0.06 18.56 -5.62
C SER A 5 -0.26 17.31 -4.82
N MET A 6 -0.07 17.46 -3.53
CA MET A 6 -0.20 16.41 -2.54
C MET A 6 0.80 15.29 -2.75
N SER A 7 0.84 14.40 -1.83
CA SER A 7 1.70 13.29 -1.90
C SER A 7 0.93 12.10 -2.42
N CYS A 8 1.57 11.34 -3.27
CA CYS A 8 0.92 10.20 -3.81
C CYS A 8 1.92 9.07 -4.01
N VAL A 9 1.53 7.89 -3.63
CA VAL A 9 2.35 6.72 -3.80
C VAL A 9 1.77 5.90 -4.91
N HIS A 10 2.60 5.60 -5.88
CA HIS A 10 2.21 4.78 -6.99
C HIS A 10 2.28 3.35 -6.59
N TYR A 11 1.17 2.70 -6.61
CA TYR A 11 1.10 1.33 -6.25
C TYR A 11 0.28 0.60 -7.28
N LYS A 12 0.68 -0.57 -7.64
CA LYS A 12 -0.14 -1.32 -8.54
C LYS A 12 -0.46 -2.63 -7.89
N PHE A 13 -1.65 -3.10 -8.06
CA PHE A 13 -2.05 -4.34 -7.46
C PHE A 13 -1.59 -5.47 -8.40
N SER A 14 -1.59 -6.69 -7.92
CA SER A 14 -1.17 -7.86 -8.70
C SER A 14 -2.00 -7.97 -10.00
N SER A 15 -3.26 -7.65 -9.89
CA SER A 15 -4.15 -7.75 -11.01
C SER A 15 -4.05 -6.51 -11.93
N LYS A 16 -3.24 -5.54 -11.55
CA LYS A 16 -3.14 -4.31 -12.28
C LYS A 16 -1.81 -4.12 -12.99
N LEU A 17 -1.89 -3.53 -14.16
CA LEU A 17 -0.73 -3.25 -14.97
C LEU A 17 -0.27 -1.81 -14.72
N ASN A 18 -1.22 -0.92 -14.54
CA ASN A 18 -0.88 0.47 -14.28
C ASN A 18 -0.98 0.76 -12.80
N TYR A 19 -0.30 1.78 -12.37
CA TYR A 19 -0.25 2.13 -10.96
C TYR A 19 -1.37 3.07 -10.58
N ASP A 20 -1.95 2.80 -9.46
CA ASP A 20 -2.91 3.67 -8.83
C ASP A 20 -2.15 4.50 -7.84
N THR A 21 -2.79 5.43 -7.23
CA THR A 21 -2.12 6.32 -6.34
C THR A 21 -2.90 6.62 -5.07
N VAL A 22 -2.23 6.54 -3.95
CA VAL A 22 -2.80 6.98 -2.70
C VAL A 22 -2.38 8.39 -2.45
N THR A 23 -3.33 9.26 -2.46
CA THR A 23 -3.14 10.63 -2.21
C THR A 23 -3.28 10.90 -0.72
N PHE A 24 -2.21 11.28 -0.13
CA PHE A 24 -2.15 11.51 1.27
C PHE A 24 -1.40 12.82 1.49
N ASP A 25 -1.46 13.39 2.66
CA ASP A 25 -0.85 14.69 2.88
C ASP A 25 0.43 14.60 3.68
N GLY A 26 0.84 13.40 3.91
CA GLY A 26 2.07 13.13 4.60
C GLY A 26 3.21 13.04 3.62
N LEU A 27 4.39 12.77 4.11
CA LEU A 27 5.54 12.57 3.26
C LEU A 27 5.58 11.08 2.95
N HIS A 28 5.28 10.31 3.96
CA HIS A 28 5.22 8.87 3.90
C HIS A 28 4.10 8.34 4.70
N ILE A 29 3.63 7.20 4.32
CA ILE A 29 2.56 6.58 4.98
C ILE A 29 2.94 5.18 5.45
N SER A 30 2.69 4.91 6.71
CA SER A 30 2.96 3.64 7.30
C SER A 30 2.12 2.54 6.64
N LEU A 31 2.69 1.38 6.53
CA LEU A 31 2.10 0.24 5.84
C LEU A 31 0.72 -0.12 6.39
N CYS A 32 0.56 -0.13 7.71
CA CYS A 32 -0.75 -0.43 8.30
C CYS A 32 -1.79 0.55 7.77
N ASP A 33 -1.41 1.80 7.77
CA ASP A 33 -2.26 2.89 7.33
C ASP A 33 -2.54 2.78 5.86
N LEU A 34 -1.50 2.49 5.11
CA LEU A 34 -1.56 2.34 3.68
C LEU A 34 -2.46 1.16 3.28
N LYS A 35 -2.30 0.05 3.99
CA LYS A 35 -3.11 -1.13 3.72
C LYS A 35 -4.57 -0.83 3.99
N LYS A 36 -4.84 -0.11 5.07
CA LYS A 36 -6.21 0.28 5.42
C LYS A 36 -6.83 1.17 4.34
N GLN A 37 -6.03 2.04 3.74
CA GLN A 37 -6.51 2.91 2.68
C GLN A 37 -6.86 2.07 1.46
N ILE A 38 -5.94 1.21 1.06
CA ILE A 38 -6.12 0.38 -0.11
C ILE A 38 -7.25 -0.64 0.07
N MET A 39 -7.30 -1.27 1.24
CA MET A 39 -8.32 -2.27 1.51
C MET A 39 -9.71 -1.66 1.55
N GLY A 40 -9.80 -0.44 2.04
CA GLY A 40 -11.07 0.25 2.06
C GLY A 40 -11.46 0.71 0.67
N ARG A 41 -10.48 1.18 -0.08
CA ARG A 41 -10.67 1.71 -1.42
C ARG A 41 -11.09 0.63 -2.41
N GLU A 42 -10.37 -0.47 -2.39
CA GLU A 42 -10.56 -1.55 -3.37
C GLU A 42 -11.56 -2.57 -2.87
N LYS A 43 -12.09 -2.31 -1.69
CA LYS A 43 -13.08 -3.14 -1.04
C LYS A 43 -12.54 -4.55 -0.79
N LEU A 44 -11.54 -4.62 0.05
CA LEU A 44 -10.97 -5.90 0.40
C LEU A 44 -11.57 -6.44 1.67
N LYS A 45 -11.20 -7.64 1.99
CA LYS A 45 -11.64 -8.31 3.19
C LYS A 45 -10.48 -8.36 4.20
N ALA A 46 -10.53 -7.47 5.17
CA ALA A 46 -9.45 -7.29 6.15
C ALA A 46 -9.47 -8.36 7.24
N ALA A 47 -10.57 -9.10 7.32
CA ALA A 47 -10.71 -10.15 8.32
C ALA A 47 -10.42 -11.51 7.72
N ASP A 48 -10.02 -11.52 6.48
CA ASP A 48 -9.75 -12.78 5.79
C ASP A 48 -8.33 -12.77 5.25
N CYS A 49 -7.92 -11.64 4.72
CA CYS A 49 -6.63 -11.53 4.15
C CYS A 49 -5.93 -10.26 4.60
N ASP A 50 -4.64 -10.23 4.40
CA ASP A 50 -3.80 -9.12 4.75
C ASP A 50 -3.26 -8.60 3.46
N LEU A 51 -2.63 -7.50 3.49
CA LEU A 51 -2.18 -6.89 2.31
C LEU A 51 -0.66 -6.84 2.31
N GLN A 52 -0.06 -7.40 1.30
CA GLN A 52 1.37 -7.49 1.21
C GLN A 52 1.88 -6.45 0.23
N ILE A 53 2.76 -5.61 0.66
CA ILE A 53 3.29 -4.60 -0.21
C ILE A 53 4.78 -4.79 -0.42
N THR A 54 5.18 -4.83 -1.65
CA THR A 54 6.56 -4.95 -2.01
C THR A 54 6.98 -3.69 -2.73
N ASN A 55 8.20 -3.27 -2.57
CA ASN A 55 8.68 -2.11 -3.28
C ASN A 55 8.96 -2.50 -4.72
N ALA A 56 8.59 -1.65 -5.66
CA ALA A 56 8.77 -1.96 -7.08
C ALA A 56 10.21 -1.72 -7.51
N GLN A 57 10.88 -0.90 -6.75
CA GLN A 57 12.22 -0.48 -7.04
C GLN A 57 13.24 -1.30 -6.24
N THR A 58 13.10 -1.31 -4.93
CA THR A 58 14.08 -1.94 -4.07
C THR A 58 13.77 -3.42 -3.93
N LYS A 59 12.52 -3.74 -4.24
CA LYS A 59 11.97 -5.08 -4.12
C LYS A 59 11.96 -5.56 -2.68
N GLU A 60 12.01 -4.61 -1.77
CA GLU A 60 11.93 -4.94 -0.38
C GLU A 60 10.48 -5.21 -0.06
N GLU A 61 10.22 -6.32 0.56
CA GLU A 61 8.89 -6.68 0.87
C GLU A 61 8.61 -6.19 2.27
N TYR A 62 7.58 -5.48 2.41
CA TYR A 62 7.22 -4.91 3.65
C TYR A 62 6.26 -5.83 4.35
N THR A 63 6.80 -6.65 5.21
CA THR A 63 6.03 -7.62 5.92
C THR A 63 5.53 -7.09 7.27
N ASP A 64 6.19 -6.08 7.77
CA ASP A 64 5.82 -5.46 9.04
C ASP A 64 5.00 -4.25 8.76
N ASP A 65 3.90 -4.10 9.46
CA ASP A 65 2.98 -2.98 9.20
C ASP A 65 3.51 -1.64 9.69
N ASN A 66 4.65 -1.68 10.33
CA ASN A 66 5.31 -0.48 10.81
C ASN A 66 6.15 0.13 9.70
N ALA A 67 6.32 -0.62 8.60
CA ALA A 67 7.08 -0.16 7.45
C ALA A 67 6.44 1.08 6.89
N LEU A 68 7.22 1.98 6.39
CA LEU A 68 6.67 3.21 5.87
C LEU A 68 6.93 3.33 4.39
N ILE A 69 5.96 3.78 3.65
CA ILE A 69 6.16 3.99 2.24
C ILE A 69 5.98 5.47 1.90
N PRO A 70 7.06 6.11 1.47
CA PRO A 70 7.04 7.50 1.04
C PRO A 70 6.49 7.68 -0.37
N LYS A 71 5.99 8.87 -0.66
CA LYS A 71 5.45 9.20 -1.98
C LYS A 71 6.53 9.26 -3.04
N ASN A 72 7.75 9.15 -2.58
CA ASN A 72 8.92 9.17 -3.43
C ASN A 72 9.19 7.77 -3.99
N SER A 73 8.50 6.76 -3.46
CA SER A 73 8.69 5.39 -3.89
C SER A 73 7.44 4.85 -4.60
N SER A 74 7.65 3.90 -5.49
CA SER A 74 6.57 3.19 -6.15
C SER A 74 6.56 1.75 -5.60
N VAL A 75 5.42 1.25 -5.23
CA VAL A 75 5.31 -0.07 -4.63
C VAL A 75 4.28 -0.98 -5.36
N ILE A 76 4.39 -2.28 -5.14
CA ILE A 76 3.52 -3.28 -5.75
C ILE A 76 2.70 -3.90 -4.63
N VAL A 77 1.41 -4.01 -4.82
CA VAL A 77 0.53 -4.47 -3.79
C VAL A 77 0.01 -5.88 -4.13
N ARG A 78 0.12 -6.76 -3.18
CA ARG A 78 -0.26 -8.15 -3.29
C ARG A 78 -1.21 -8.46 -2.13
N ARG A 79 -2.07 -9.41 -2.30
CA ARG A 79 -2.99 -9.80 -1.25
C ARG A 79 -2.60 -11.18 -0.74
N ILE A 80 -2.42 -11.31 0.57
CA ILE A 80 -1.95 -12.56 1.17
C ILE A 80 -2.83 -12.95 2.39
N PRO A 81 -2.80 -14.21 2.84
CA PRO A 81 -3.57 -14.64 4.03
C PRO A 81 -3.06 -13.99 5.33
N ILE A 82 -3.97 -13.55 6.19
CA ILE A 82 -3.60 -12.91 7.46
C ILE A 82 -2.79 -13.81 8.38
N GLY A 83 -3.10 -15.09 8.41
CA GLY A 83 -2.38 -15.96 9.27
C GLY A 83 -3.15 -17.20 9.63
N GLY A 84 -4.21 -17.00 10.37
CA GLY A 84 -5.03 -18.11 10.82
C GLY A 84 -6.00 -18.47 9.77
N VAL A 85 -6.57 -17.46 9.16
CA VAL A 85 -7.45 -17.64 8.04
C VAL A 85 -6.59 -17.99 6.82
N LYS A 86 -6.40 -19.26 6.66
CA LYS A 86 -5.61 -19.84 5.63
C LYS A 86 -6.26 -21.14 5.24
N GLY A 1 6.26 19.13 3.51
CA GLY A 1 6.65 18.52 2.26
C GLY A 1 5.73 18.91 1.13
N PRO A 2 5.82 18.25 -0.03
CA PRO A 2 5.00 18.57 -1.20
C PRO A 2 3.58 17.99 -1.11
N LEU A 3 2.88 18.31 -0.04
CA LEU A 3 1.51 17.82 0.14
C LEU A 3 0.53 18.75 -0.56
N GLY A 4 1.05 19.85 -1.08
CA GLY A 4 0.23 20.85 -1.75
C GLY A 4 0.09 20.54 -3.23
N SER A 5 0.13 19.28 -3.53
CA SER A 5 -0.01 18.79 -4.87
C SER A 5 -0.67 17.41 -4.76
N MET A 6 -1.39 17.23 -3.63
CA MET A 6 -2.01 15.97 -3.22
C MET A 6 -1.02 14.86 -3.06
N SER A 7 -0.86 14.42 -1.85
CA SER A 7 0.09 13.42 -1.55
C SER A 7 -0.42 12.11 -2.02
N CYS A 8 0.32 11.48 -2.89
CA CYS A 8 -0.12 10.26 -3.47
C CYS A 8 1.03 9.34 -3.77
N VAL A 9 0.81 8.08 -3.57
CA VAL A 9 1.79 7.05 -3.85
C VAL A 9 1.34 6.32 -5.08
N HIS A 10 2.27 6.06 -5.98
CA HIS A 10 1.98 5.28 -7.14
C HIS A 10 2.07 3.85 -6.78
N TYR A 11 0.96 3.19 -6.74
CA TYR A 11 0.94 1.83 -6.35
C TYR A 11 0.29 1.02 -7.42
N LYS A 12 0.80 -0.14 -7.70
CA LYS A 12 0.13 -0.97 -8.62
C LYS A 12 -0.16 -2.32 -8.04
N PHE A 13 -1.41 -2.65 -8.05
CA PHE A 13 -1.93 -3.87 -7.48
C PHE A 13 -1.78 -4.98 -8.51
N SER A 14 -2.05 -6.20 -8.13
CA SER A 14 -2.15 -7.28 -9.08
C SER A 14 -3.34 -7.01 -10.04
N SER A 15 -4.32 -6.27 -9.54
CA SER A 15 -5.49 -5.88 -10.29
C SER A 15 -5.18 -4.63 -11.17
N LYS A 16 -4.14 -3.90 -10.80
CA LYS A 16 -3.75 -2.69 -11.51
C LYS A 16 -2.43 -2.92 -12.22
N LEU A 17 -2.51 -3.14 -13.50
CA LEU A 17 -1.33 -3.43 -14.32
C LEU A 17 -0.41 -2.22 -14.36
N ASN A 18 -1.00 -1.06 -14.32
CA ASN A 18 -0.29 0.18 -14.26
C ASN A 18 -0.57 0.84 -12.94
N TYR A 19 0.17 1.87 -12.62
CA TYR A 19 0.07 2.49 -11.31
C TYR A 19 -1.21 3.24 -11.09
N ASP A 20 -1.62 3.21 -9.87
CA ASP A 20 -2.78 3.90 -9.40
C ASP A 20 -2.24 4.82 -8.30
N THR A 21 -3.07 5.62 -7.72
CA THR A 21 -2.62 6.57 -6.73
C THR A 21 -3.49 6.65 -5.49
N VAL A 22 -2.86 6.50 -4.34
CA VAL A 22 -3.53 6.71 -3.06
C VAL A 22 -3.28 8.11 -2.59
N THR A 23 -4.30 8.90 -2.52
CA THR A 23 -4.20 10.22 -2.01
C THR A 23 -4.33 10.19 -0.49
N PHE A 24 -3.35 10.74 0.19
CA PHE A 24 -3.29 10.71 1.61
C PHE A 24 -2.75 12.04 2.09
N ASP A 25 -2.67 12.23 3.37
CA ASP A 25 -2.16 13.47 3.93
C ASP A 25 -0.77 13.28 4.50
N GLY A 26 0.11 14.22 4.22
CA GLY A 26 1.42 14.18 4.77
C GLY A 26 2.47 13.95 3.73
N LEU A 27 3.52 13.28 4.12
CA LEU A 27 4.60 12.95 3.23
C LEU A 27 4.60 11.45 3.02
N HIS A 28 4.35 10.74 4.08
CA HIS A 28 4.33 9.31 4.07
C HIS A 28 3.20 8.74 4.87
N ILE A 29 2.86 7.54 4.55
CA ILE A 29 1.79 6.85 5.17
C ILE A 29 2.25 5.48 5.66
N SER A 30 1.97 5.19 6.92
CA SER A 30 2.30 3.90 7.51
C SER A 30 1.56 2.78 6.78
N LEU A 31 2.18 1.63 6.73
CA LEU A 31 1.68 0.48 6.02
C LEU A 31 0.30 0.05 6.50
N CYS A 32 0.08 0.08 7.81
CA CYS A 32 -1.24 -0.22 8.35
C CYS A 32 -2.27 0.70 7.71
N ASP A 33 -1.96 1.97 7.66
CA ASP A 33 -2.84 2.98 7.11
C ASP A 33 -2.96 2.82 5.61
N LEU A 34 -1.83 2.56 4.98
CA LEU A 34 -1.72 2.39 3.52
C LEU A 34 -2.60 1.23 3.07
N LYS A 35 -2.51 0.11 3.77
CA LYS A 35 -3.29 -1.04 3.44
C LYS A 35 -4.75 -0.78 3.69
N LYS A 36 -5.07 -0.06 4.76
CA LYS A 36 -6.45 0.27 5.09
C LYS A 36 -7.11 1.10 3.99
N GLN A 37 -6.33 2.00 3.38
CA GLN A 37 -6.82 2.81 2.27
C GLN A 37 -7.15 1.90 1.09
N ILE A 38 -6.21 1.05 0.75
CA ILE A 38 -6.31 0.19 -0.42
C ILE A 38 -7.33 -0.93 -0.23
N MET A 39 -7.33 -1.55 0.95
CA MET A 39 -8.23 -2.67 1.25
C MET A 39 -9.67 -2.23 1.12
N GLY A 40 -9.97 -1.07 1.67
CA GLY A 40 -11.30 -0.55 1.59
C GLY A 40 -11.66 -0.13 0.18
N ARG A 41 -10.67 0.35 -0.55
CA ARG A 41 -10.88 0.80 -1.90
C ARG A 41 -11.13 -0.34 -2.86
N GLU A 42 -10.32 -1.37 -2.78
CA GLU A 42 -10.39 -2.46 -3.73
C GLU A 42 -11.32 -3.56 -3.25
N LYS A 43 -11.87 -3.37 -2.08
CA LYS A 43 -12.82 -4.28 -1.43
C LYS A 43 -12.12 -5.60 -1.07
N LEU A 44 -11.19 -5.54 -0.13
CA LEU A 44 -10.48 -6.73 0.30
C LEU A 44 -11.06 -7.37 1.54
N LYS A 45 -10.57 -8.55 1.84
CA LYS A 45 -10.90 -9.29 3.03
C LYS A 45 -9.67 -9.38 3.94
N ALA A 46 -9.65 -8.56 4.96
CA ALA A 46 -8.48 -8.43 5.84
C ALA A 46 -8.45 -9.52 6.91
N ALA A 47 -9.50 -10.30 6.99
CA ALA A 47 -9.55 -11.40 7.93
C ALA A 47 -9.06 -12.68 7.28
N ASP A 48 -8.79 -12.59 6.00
CA ASP A 48 -8.36 -13.75 5.23
C ASP A 48 -7.09 -13.48 4.46
N CYS A 49 -6.90 -12.26 4.09
CA CYS A 49 -5.79 -11.90 3.30
C CYS A 49 -5.10 -10.67 3.88
N ASP A 50 -3.85 -10.51 3.56
CA ASP A 50 -3.08 -9.35 3.94
C ASP A 50 -2.63 -8.71 2.69
N LEU A 51 -2.25 -7.51 2.79
CA LEU A 51 -1.86 -6.78 1.66
C LEU A 51 -0.36 -6.60 1.74
N GLN A 52 0.35 -7.28 0.90
CA GLN A 52 1.76 -7.26 0.97
C GLN A 52 2.29 -6.27 -0.03
N ILE A 53 2.92 -5.30 0.47
CA ILE A 53 3.38 -4.22 -0.34
C ILE A 53 4.88 -4.36 -0.50
N THR A 54 5.34 -4.30 -1.70
CA THR A 54 6.75 -4.43 -1.98
C THR A 54 7.22 -3.20 -2.78
N ASN A 55 8.41 -2.72 -2.51
CA ASN A 55 9.01 -1.63 -3.25
C ASN A 55 9.19 -2.01 -4.70
N ALA A 56 8.72 -1.17 -5.58
CA ALA A 56 8.83 -1.42 -7.02
C ALA A 56 10.26 -1.28 -7.47
N GLN A 57 11.00 -0.44 -6.79
CA GLN A 57 12.37 -0.15 -7.13
C GLN A 57 13.33 -1.12 -6.48
N THR A 58 13.30 -1.19 -5.18
CA THR A 58 14.29 -1.92 -4.43
C THR A 58 13.88 -3.38 -4.20
N LYS A 59 12.60 -3.67 -4.43
CA LYS A 59 12.00 -4.97 -4.11
C LYS A 59 12.02 -5.28 -2.62
N GLU A 60 12.13 -4.24 -1.82
CA GLU A 60 12.06 -4.36 -0.38
C GLU A 60 10.60 -4.59 -0.01
N GLU A 61 10.34 -5.67 0.65
CA GLU A 61 9.01 -5.97 1.06
C GLU A 61 8.83 -5.42 2.44
N TYR A 62 7.89 -4.52 2.58
CA TYR A 62 7.62 -3.82 3.81
C TYR A 62 7.34 -4.77 4.98
N THR A 63 6.26 -5.49 4.86
CA THR A 63 5.82 -6.61 5.72
C THR A 63 5.28 -6.19 7.08
N ASP A 64 5.88 -5.19 7.63
CA ASP A 64 5.58 -4.72 8.96
C ASP A 64 4.62 -3.60 8.83
N ASP A 65 3.57 -3.60 9.62
CA ASP A 65 2.50 -2.58 9.50
C ASP A 65 3.02 -1.19 9.84
N ASN A 66 4.18 -1.15 10.45
CA ASN A 66 4.83 0.07 10.89
C ASN A 66 5.76 0.59 9.83
N ALA A 67 5.86 -0.14 8.73
CA ALA A 67 6.67 0.31 7.63
C ALA A 67 5.95 1.45 6.96
N LEU A 68 6.65 2.42 6.45
CA LEU A 68 6.00 3.60 5.93
C LEU A 68 6.26 3.77 4.45
N ILE A 69 5.24 4.15 3.71
CA ILE A 69 5.44 4.40 2.30
C ILE A 69 5.21 5.89 2.02
N PRO A 70 6.25 6.60 1.59
CA PRO A 70 6.15 8.00 1.20
C PRO A 70 5.62 8.21 -0.21
N LYS A 71 5.11 9.42 -0.47
CA LYS A 71 4.63 9.81 -1.82
C LYS A 71 5.80 10.02 -2.77
N ASN A 72 6.97 9.75 -2.30
CA ASN A 72 8.18 9.85 -3.06
C ASN A 72 8.42 8.55 -3.79
N SER A 73 7.76 7.51 -3.31
CA SER A 73 8.00 6.18 -3.80
C SER A 73 6.82 5.63 -4.61
N SER A 74 7.10 4.60 -5.37
CA SER A 74 6.13 3.84 -6.10
C SER A 74 6.26 2.39 -5.61
N VAL A 75 5.17 1.78 -5.26
CA VAL A 75 5.20 0.44 -4.69
C VAL A 75 4.27 -0.54 -5.39
N ILE A 76 4.56 -1.80 -5.24
CA ILE A 76 3.78 -2.87 -5.81
C ILE A 76 2.89 -3.41 -4.72
N VAL A 77 1.64 -3.51 -5.00
CA VAL A 77 0.67 -3.94 -4.05
C VAL A 77 0.17 -5.31 -4.42
N ARG A 78 0.51 -6.26 -3.61
CA ARG A 78 0.22 -7.63 -3.88
C ARG A 78 -0.63 -8.20 -2.74
N ARG A 79 -1.64 -8.94 -3.07
CA ARG A 79 -2.50 -9.52 -2.06
C ARG A 79 -2.03 -10.91 -1.71
N ILE A 80 -1.86 -11.17 -0.43
CA ILE A 80 -1.37 -12.47 0.03
C ILE A 80 -2.36 -13.02 1.06
N PRO A 81 -2.47 -14.33 1.21
CA PRO A 81 -3.35 -14.94 2.23
C PRO A 81 -2.68 -14.92 3.62
N ILE A 82 -3.45 -14.74 4.65
CA ILE A 82 -2.86 -14.75 5.98
C ILE A 82 -2.97 -16.11 6.62
N GLY A 83 -4.13 -16.75 6.41
CA GLY A 83 -4.39 -18.03 7.03
C GLY A 83 -4.31 -17.94 8.53
N GLY A 84 -5.01 -16.99 9.09
CA GLY A 84 -4.99 -16.78 10.50
C GLY A 84 -6.15 -17.48 11.11
N VAL A 85 -6.22 -18.76 10.89
CA VAL A 85 -7.31 -19.55 11.35
C VAL A 85 -7.14 -19.86 12.82
N LYS A 86 -7.68 -19.00 13.60
CA LYS A 86 -7.68 -19.15 15.02
C LYS A 86 -9.05 -18.78 15.56
N GLY A 1 2.48 18.53 -7.82
CA GLY A 1 2.10 19.67 -8.66
C GLY A 1 2.82 20.93 -8.23
N PRO A 2 2.18 22.13 -8.34
CA PRO A 2 2.79 23.42 -7.96
C PRO A 2 2.86 23.58 -6.42
N LEU A 3 2.44 22.56 -5.76
CA LEU A 3 2.47 22.46 -4.34
C LEU A 3 2.71 21.02 -3.98
N GLY A 4 3.24 20.80 -2.81
CA GLY A 4 3.47 19.47 -2.33
C GLY A 4 2.66 19.22 -1.10
N SER A 5 1.59 19.97 -0.97
CA SER A 5 0.75 19.93 0.21
C SER A 5 -0.21 18.75 0.20
N MET A 6 -0.18 18.00 -0.84
CA MET A 6 -0.94 16.79 -0.95
C MET A 6 0.01 15.66 -1.13
N SER A 7 -0.37 14.53 -0.70
CA SER A 7 0.48 13.41 -0.73
C SER A 7 -0.25 12.20 -1.25
N CYS A 8 0.37 11.50 -2.14
CA CYS A 8 -0.20 10.34 -2.76
C CYS A 8 0.87 9.31 -3.03
N VAL A 9 0.56 8.06 -2.84
CA VAL A 9 1.49 7.00 -3.13
C VAL A 9 1.05 6.30 -4.38
N HIS A 10 1.96 6.13 -5.31
CA HIS A 10 1.69 5.38 -6.51
C HIS A 10 1.83 3.93 -6.19
N TYR A 11 0.75 3.25 -6.20
CA TYR A 11 0.75 1.86 -5.90
C TYR A 11 -0.03 1.14 -6.97
N LYS A 12 0.36 -0.04 -7.29
CA LYS A 12 -0.42 -0.82 -8.19
C LYS A 12 -0.61 -2.17 -7.56
N PHE A 13 -1.75 -2.72 -7.72
CA PHE A 13 -2.05 -3.99 -7.12
C PHE A 13 -1.66 -5.09 -8.09
N SER A 14 -1.66 -6.31 -7.64
CA SER A 14 -1.39 -7.45 -8.48
C SER A 14 -2.34 -7.51 -9.68
N SER A 15 -3.59 -7.13 -9.43
CA SER A 15 -4.61 -7.16 -10.46
C SER A 15 -4.68 -5.82 -11.21
N LYS A 16 -3.80 -4.88 -10.90
CA LYS A 16 -3.82 -3.57 -11.54
C LYS A 16 -2.53 -3.36 -12.32
N LEU A 17 -2.64 -3.06 -13.57
CA LEU A 17 -1.49 -2.79 -14.37
C LEU A 17 -1.07 -1.35 -14.16
N ASN A 18 -2.05 -0.47 -14.12
CA ASN A 18 -1.80 0.95 -13.94
C ASN A 18 -1.68 1.25 -12.45
N TYR A 19 -1.02 2.35 -12.12
CA TYR A 19 -0.87 2.73 -10.74
C TYR A 19 -2.03 3.59 -10.30
N ASP A 20 -2.38 3.44 -9.07
CA ASP A 20 -3.43 4.20 -8.46
C ASP A 20 -2.75 5.11 -7.44
N THR A 21 -3.48 5.98 -6.82
CA THR A 21 -2.90 6.92 -5.93
C THR A 21 -3.74 7.11 -4.72
N VAL A 22 -3.19 6.75 -3.60
CA VAL A 22 -3.88 6.93 -2.38
C VAL A 22 -3.41 8.24 -1.75
N THR A 23 -4.32 9.13 -1.53
CA THR A 23 -4.00 10.40 -0.95
C THR A 23 -4.04 10.33 0.56
N PHE A 24 -3.11 11.00 1.18
CA PHE A 24 -2.99 11.00 2.62
C PHE A 24 -2.36 12.30 3.05
N ASP A 25 -2.33 12.55 4.33
CA ASP A 25 -1.69 13.74 4.84
C ASP A 25 -0.35 13.37 5.44
N GLY A 26 0.64 14.18 5.19
CA GLY A 26 1.96 13.90 5.72
C GLY A 26 2.89 13.53 4.62
N LEU A 27 4.09 13.14 4.96
CA LEU A 27 5.08 12.78 3.99
C LEU A 27 4.95 11.29 3.66
N HIS A 28 4.52 10.53 4.65
CA HIS A 28 4.42 9.09 4.54
C HIS A 28 3.30 8.49 5.33
N ILE A 29 2.90 7.32 4.92
CA ILE A 29 1.83 6.60 5.55
C ILE A 29 2.32 5.24 6.03
N SER A 30 2.07 4.95 7.28
CA SER A 30 2.45 3.68 7.88
C SER A 30 1.72 2.53 7.20
N LEU A 31 2.37 1.39 7.12
CA LEU A 31 1.86 0.22 6.43
C LEU A 31 0.53 -0.25 6.99
N CYS A 32 0.40 -0.24 8.30
CA CYS A 32 -0.84 -0.59 8.98
C CYS A 32 -1.96 0.28 8.44
N ASP A 33 -1.68 1.57 8.32
CA ASP A 33 -2.64 2.52 7.79
C ASP A 33 -2.89 2.25 6.34
N LEU A 34 -1.80 2.12 5.61
CA LEU A 34 -1.81 1.96 4.16
C LEU A 34 -2.58 0.73 3.72
N LYS A 35 -2.35 -0.39 4.38
CA LYS A 35 -3.04 -1.62 4.03
C LYS A 35 -4.54 -1.48 4.27
N LYS A 36 -4.91 -0.84 5.37
CA LYS A 36 -6.32 -0.61 5.69
C LYS A 36 -6.98 0.24 4.60
N GLN A 37 -6.23 1.23 4.11
CA GLN A 37 -6.73 2.11 3.08
C GLN A 37 -6.88 1.32 1.77
N ILE A 38 -5.84 0.61 1.39
CA ILE A 38 -5.80 -0.12 0.12
C ILE A 38 -6.74 -1.33 0.09
N MET A 39 -6.83 -2.06 1.19
CA MET A 39 -7.75 -3.21 1.24
C MET A 39 -9.18 -2.74 1.10
N GLY A 40 -9.45 -1.56 1.62
CA GLY A 40 -10.75 -0.98 1.46
C GLY A 40 -10.95 -0.47 0.05
N ARG A 41 -9.89 0.04 -0.53
CA ARG A 41 -9.88 0.62 -1.86
C ARG A 41 -10.27 -0.41 -2.94
N GLU A 42 -9.63 -1.55 -2.92
CA GLU A 42 -9.86 -2.58 -3.95
C GLU A 42 -10.89 -3.59 -3.51
N LYS A 43 -11.36 -3.41 -2.29
CA LYS A 43 -12.38 -4.26 -1.66
C LYS A 43 -11.84 -5.65 -1.41
N LEU A 44 -10.91 -5.75 -0.51
CA LEU A 44 -10.34 -7.02 -0.16
C LEU A 44 -11.00 -7.61 1.06
N LYS A 45 -10.87 -8.92 1.19
CA LYS A 45 -11.27 -9.58 2.38
C LYS A 45 -10.11 -9.50 3.38
N ALA A 46 -10.23 -8.59 4.31
CA ALA A 46 -9.13 -8.22 5.19
C ALA A 46 -8.95 -9.15 6.38
N ALA A 47 -9.87 -10.06 6.56
CA ALA A 47 -9.76 -10.97 7.68
C ALA A 47 -9.26 -12.31 7.24
N ASP A 48 -9.25 -12.52 5.94
CA ASP A 48 -8.88 -13.81 5.37
C ASP A 48 -7.51 -13.80 4.73
N CYS A 49 -7.00 -12.64 4.46
CA CYS A 49 -5.71 -12.53 3.81
C CYS A 49 -5.01 -11.28 4.29
N ASP A 50 -3.75 -11.15 3.95
CA ASP A 50 -2.95 -10.02 4.36
C ASP A 50 -2.45 -9.30 3.14
N LEU A 51 -1.99 -8.12 3.34
CA LEU A 51 -1.54 -7.32 2.27
C LEU A 51 -0.05 -7.08 2.45
N GLN A 52 0.73 -7.59 1.58
CA GLN A 52 2.15 -7.46 1.68
C GLN A 52 2.65 -6.56 0.57
N ILE A 53 3.10 -5.42 0.94
CA ILE A 53 3.47 -4.41 0.01
C ILE A 53 4.93 -4.55 -0.35
N THR A 54 5.23 -4.45 -1.59
CA THR A 54 6.58 -4.52 -2.05
C THR A 54 6.94 -3.20 -2.70
N ASN A 55 8.15 -2.77 -2.56
CA ASN A 55 8.59 -1.56 -3.21
C ASN A 55 8.78 -1.84 -4.70
N ALA A 56 8.42 -0.90 -5.56
CA ALA A 56 8.59 -1.11 -7.00
C ALA A 56 10.00 -0.75 -7.44
N GLN A 57 10.58 0.14 -6.71
CA GLN A 57 11.88 0.70 -7.02
C GLN A 57 13.00 -0.18 -6.47
N THR A 58 12.91 -0.57 -5.22
CA THR A 58 13.94 -1.35 -4.58
C THR A 58 13.59 -2.83 -4.60
N LYS A 59 12.29 -3.09 -4.78
CA LYS A 59 11.71 -4.43 -4.75
C LYS A 59 11.93 -5.08 -3.40
N GLU A 60 11.84 -4.27 -2.36
CA GLU A 60 11.98 -4.73 -1.00
C GLU A 60 10.57 -4.83 -0.42
N GLU A 61 10.24 -5.92 0.23
CA GLU A 61 8.95 -6.09 0.80
C GLU A 61 8.81 -5.40 2.14
N TYR A 62 7.62 -4.94 2.41
CA TYR A 62 7.25 -4.38 3.66
C TYR A 62 6.34 -5.39 4.33
N THR A 63 6.88 -6.13 5.25
CA THR A 63 6.14 -7.18 5.92
C THR A 63 5.59 -6.72 7.28
N ASP A 64 6.26 -5.77 7.87
CA ASP A 64 5.88 -5.28 9.19
C ASP A 64 4.93 -4.14 9.02
N ASP A 65 3.80 -4.18 9.69
CA ASP A 65 2.77 -3.11 9.56
C ASP A 65 3.22 -1.78 10.11
N ASN A 66 4.35 -1.77 10.74
CA ASN A 66 4.90 -0.58 11.27
C ASN A 66 5.88 0.05 10.29
N ALA A 67 6.04 -0.57 9.11
CA ALA A 67 6.83 -0.01 8.04
C ALA A 67 6.10 1.20 7.48
N LEU A 68 6.79 2.13 6.92
CA LEU A 68 6.15 3.33 6.41
C LEU A 68 6.37 3.48 4.91
N ILE A 69 5.36 3.86 4.17
CA ILE A 69 5.55 4.13 2.76
C ILE A 69 5.25 5.61 2.46
N PRO A 70 6.27 6.34 2.00
CA PRO A 70 6.15 7.75 1.60
C PRO A 70 5.56 7.96 0.22
N LYS A 71 5.08 9.17 -0.01
CA LYS A 71 4.53 9.57 -1.33
C LYS A 71 5.62 9.63 -2.38
N ASN A 72 6.84 9.66 -1.92
CA ASN A 72 8.01 9.70 -2.79
C ASN A 72 8.17 8.36 -3.48
N SER A 73 7.67 7.33 -2.86
CA SER A 73 7.88 6.01 -3.33
C SER A 73 6.70 5.49 -4.14
N SER A 74 6.96 4.49 -4.93
CA SER A 74 5.94 3.80 -5.66
C SER A 74 6.06 2.33 -5.27
N VAL A 75 4.96 1.74 -4.88
CA VAL A 75 4.99 0.40 -4.36
C VAL A 75 4.02 -0.53 -5.10
N ILE A 76 4.33 -1.81 -5.05
CA ILE A 76 3.53 -2.84 -5.66
C ILE A 76 2.79 -3.52 -4.53
N VAL A 77 1.52 -3.64 -4.65
CA VAL A 77 0.71 -4.18 -3.62
C VAL A 77 0.37 -5.64 -3.93
N ARG A 78 0.92 -6.53 -3.13
CA ARG A 78 0.74 -7.95 -3.29
C ARG A 78 -0.13 -8.50 -2.16
N ARG A 79 -1.13 -9.26 -2.49
CA ARG A 79 -1.97 -9.87 -1.49
C ARG A 79 -1.39 -11.21 -1.14
N ILE A 80 -1.18 -11.46 0.13
CA ILE A 80 -0.59 -12.71 0.55
C ILE A 80 -1.52 -13.43 1.50
N PRO A 81 -1.49 -14.74 1.52
CA PRO A 81 -2.32 -15.53 2.41
C PRO A 81 -1.79 -15.52 3.85
N ILE A 82 -2.68 -15.38 4.78
CA ILE A 82 -2.31 -15.49 6.18
C ILE A 82 -2.44 -16.95 6.59
N GLY A 83 -3.21 -17.67 5.82
CA GLY A 83 -3.48 -19.04 6.06
C GLY A 83 -4.96 -19.24 6.07
N GLY A 84 -5.60 -18.49 6.94
CA GLY A 84 -7.02 -18.51 7.06
C GLY A 84 -7.43 -18.40 8.50
N VAL A 85 -6.91 -17.40 9.16
CA VAL A 85 -7.17 -17.26 10.58
C VAL A 85 -8.27 -16.28 10.82
N LYS A 86 -9.45 -16.81 10.87
CA LYS A 86 -10.62 -16.10 11.18
C LYS A 86 -11.59 -17.08 11.78
N GLY A 1 -5.72 16.85 -5.92
CA GLY A 1 -4.48 17.54 -6.24
C GLY A 1 -3.26 16.86 -5.61
N PRO A 2 -2.51 16.04 -6.38
CA PRO A 2 -1.33 15.31 -5.87
C PRO A 2 -0.19 16.25 -5.47
N LEU A 3 -0.15 17.43 -6.07
CA LEU A 3 0.88 18.42 -5.78
C LEU A 3 0.31 19.47 -4.84
N GLY A 4 -0.85 19.17 -4.29
CA GLY A 4 -1.52 20.10 -3.43
C GLY A 4 -1.22 19.85 -1.98
N SER A 5 0.09 19.85 -1.65
CA SER A 5 0.59 19.70 -0.28
C SER A 5 0.28 18.33 0.33
N MET A 6 -0.10 17.39 -0.51
CA MET A 6 -0.44 16.08 -0.04
C MET A 6 0.60 15.11 -0.46
N SER A 7 0.68 14.02 0.23
CA SER A 7 1.62 13.01 -0.07
C SER A 7 0.94 11.93 -0.85
N CYS A 8 1.52 11.57 -1.95
CA CYS A 8 0.92 10.60 -2.81
C CYS A 8 1.90 9.47 -3.13
N VAL A 9 1.45 8.25 -2.94
CA VAL A 9 2.26 7.09 -3.26
C VAL A 9 1.70 6.44 -4.49
N HIS A 10 2.58 6.16 -5.42
CA HIS A 10 2.24 5.46 -6.62
C HIS A 10 2.33 3.98 -6.34
N TYR A 11 1.21 3.33 -6.35
CA TYR A 11 1.18 1.94 -6.04
C TYR A 11 0.49 1.19 -7.15
N LYS A 12 1.06 0.10 -7.58
CA LYS A 12 0.40 -0.69 -8.56
C LYS A 12 0.12 -2.04 -7.99
N PHE A 13 -1.05 -2.52 -8.22
CA PHE A 13 -1.49 -3.78 -7.68
C PHE A 13 -1.18 -4.82 -8.72
N SER A 14 -1.22 -6.07 -8.34
CA SER A 14 -1.04 -7.18 -9.28
C SER A 14 -2.09 -7.08 -10.42
N SER A 15 -3.26 -6.55 -10.07
CA SER A 15 -4.36 -6.38 -10.97
C SER A 15 -4.22 -5.08 -11.81
N LYS A 16 -3.26 -4.24 -11.49
CA LYS A 16 -3.09 -2.96 -12.18
C LYS A 16 -1.86 -2.99 -13.06
N LEU A 17 -1.93 -2.31 -14.17
CA LEU A 17 -0.78 -2.11 -14.99
C LEU A 17 -0.13 -0.81 -14.58
N ASN A 18 -0.94 0.21 -14.44
CA ASN A 18 -0.44 1.53 -14.12
C ASN A 18 -0.55 1.76 -12.65
N TYR A 19 0.27 2.66 -12.15
CA TYR A 19 0.28 2.97 -10.75
C TYR A 19 -0.90 3.84 -10.39
N ASP A 20 -1.50 3.49 -9.31
CA ASP A 20 -2.62 4.20 -8.75
C ASP A 20 -2.00 5.14 -7.72
N THR A 21 -2.77 5.93 -7.09
CA THR A 21 -2.24 6.91 -6.20
C THR A 21 -3.03 6.99 -4.94
N VAL A 22 -2.34 6.91 -3.83
CA VAL A 22 -2.97 7.05 -2.56
C VAL A 22 -2.45 8.32 -1.92
N THR A 23 -3.33 9.10 -1.35
CA THR A 23 -2.94 10.34 -0.75
C THR A 23 -3.09 10.29 0.76
N PHE A 24 -2.13 10.85 1.44
CA PHE A 24 -2.08 10.87 2.88
C PHE A 24 -1.32 12.10 3.35
N ASP A 25 -1.28 12.28 4.65
CA ASP A 25 -0.53 13.33 5.27
C ASP A 25 0.72 12.74 5.86
N GLY A 26 1.76 13.51 5.92
CA GLY A 26 3.02 13.00 6.40
C GLY A 26 3.87 12.56 5.25
N LEU A 27 5.15 12.41 5.45
CA LEU A 27 6.05 12.03 4.35
C LEU A 27 5.81 10.56 4.00
N HIS A 28 5.47 9.80 4.99
CA HIS A 28 5.29 8.39 4.86
C HIS A 28 4.11 7.89 5.61
N ILE A 29 3.65 6.75 5.21
CA ILE A 29 2.52 6.13 5.80
C ILE A 29 2.84 4.70 6.18
N SER A 30 2.56 4.37 7.41
CA SER A 30 2.67 3.03 7.90
C SER A 30 1.83 2.10 7.07
N LEU A 31 2.36 0.93 6.85
CA LEU A 31 1.78 -0.10 6.07
C LEU A 31 0.42 -0.48 6.62
N CYS A 32 0.28 -0.43 7.93
CA CYS A 32 -1.00 -0.73 8.58
C CYS A 32 -2.06 0.22 8.04
N ASP A 33 -1.72 1.47 7.99
CA ASP A 33 -2.66 2.49 7.58
C ASP A 33 -2.86 2.42 6.07
N LEU A 34 -1.75 2.22 5.38
CA LEU A 34 -1.68 2.12 3.92
C LEU A 34 -2.56 0.97 3.39
N LYS A 35 -2.45 -0.20 4.01
CA LYS A 35 -3.21 -1.37 3.59
C LYS A 35 -4.67 -1.16 3.84
N LYS A 36 -4.99 -0.62 5.01
CA LYS A 36 -6.36 -0.35 5.37
C LYS A 36 -7.00 0.67 4.40
N GLN A 37 -6.19 1.63 3.92
CA GLN A 37 -6.65 2.60 2.92
C GLN A 37 -7.02 1.89 1.64
N ILE A 38 -6.11 1.06 1.17
CA ILE A 38 -6.26 0.36 -0.10
C ILE A 38 -7.36 -0.70 -0.04
N MET A 39 -7.39 -1.47 1.03
CA MET A 39 -8.38 -2.53 1.15
C MET A 39 -9.77 -1.95 1.28
N GLY A 40 -9.91 -0.87 2.01
CA GLY A 40 -11.20 -0.23 2.12
C GLY A 40 -11.62 0.39 0.80
N ARG A 41 -10.64 0.94 0.09
CA ARG A 41 -10.86 1.62 -1.17
C ARG A 41 -11.35 0.66 -2.24
N GLU A 42 -10.67 -0.44 -2.39
CA GLU A 42 -11.00 -1.35 -3.47
C GLU A 42 -11.78 -2.56 -3.02
N LYS A 43 -12.37 -2.41 -1.86
CA LYS A 43 -13.31 -3.39 -1.30
C LYS A 43 -12.63 -4.74 -1.07
N LEU A 44 -11.35 -4.71 -0.72
CA LEU A 44 -10.64 -5.92 -0.47
C LEU A 44 -11.11 -6.53 0.82
N LYS A 45 -11.37 -7.80 0.77
CA LYS A 45 -11.80 -8.53 1.91
C LYS A 45 -10.66 -8.73 2.92
N ALA A 46 -10.67 -7.92 3.96
CA ALA A 46 -9.61 -7.86 4.95
C ALA A 46 -9.67 -9.01 5.95
N ALA A 47 -10.73 -9.79 5.90
CA ALA A 47 -10.85 -10.95 6.78
C ALA A 47 -10.43 -12.22 6.06
N ASP A 48 -10.05 -12.05 4.82
CA ASP A 48 -9.61 -13.15 3.98
C ASP A 48 -8.14 -13.01 3.64
N CYS A 49 -7.74 -11.83 3.36
CA CYS A 49 -6.40 -11.63 2.93
C CYS A 49 -5.75 -10.48 3.65
N ASP A 50 -4.47 -10.41 3.49
CA ASP A 50 -3.66 -9.36 4.01
C ASP A 50 -3.08 -8.71 2.79
N LEU A 51 -2.54 -7.60 2.94
CA LEU A 51 -2.03 -6.93 1.84
C LEU A 51 -0.50 -6.87 1.98
N GLN A 52 0.18 -7.34 0.99
CA GLN A 52 1.62 -7.39 1.03
C GLN A 52 2.19 -6.39 0.03
N ILE A 53 2.76 -5.34 0.53
CA ILE A 53 3.28 -4.29 -0.29
C ILE A 53 4.79 -4.44 -0.46
N THR A 54 5.21 -4.48 -1.68
CA THR A 54 6.59 -4.64 -2.02
C THR A 54 7.06 -3.38 -2.71
N ASN A 55 8.22 -2.88 -2.39
CA ASN A 55 8.75 -1.71 -3.06
C ASN A 55 9.04 -2.05 -4.52
N ALA A 56 8.72 -1.17 -5.44
CA ALA A 56 8.94 -1.45 -6.86
C ALA A 56 10.38 -1.19 -7.27
N GLN A 57 11.05 -0.41 -6.48
CA GLN A 57 12.39 0.02 -6.77
C GLN A 57 13.42 -0.82 -6.03
N THR A 58 13.21 -1.03 -4.75
CA THR A 58 14.16 -1.77 -3.95
C THR A 58 13.75 -3.24 -3.87
N LYS A 59 12.46 -3.47 -4.10
CA LYS A 59 11.80 -4.78 -3.98
C LYS A 59 11.72 -5.24 -2.54
N GLU A 60 11.81 -4.26 -1.63
CA GLU A 60 11.66 -4.48 -0.20
C GLU A 60 10.23 -4.87 0.08
N GLU A 61 10.03 -6.02 0.64
CA GLU A 61 8.73 -6.46 0.97
C GLU A 61 8.37 -6.05 2.35
N TYR A 62 7.33 -5.32 2.43
CA TYR A 62 6.83 -4.86 3.68
C TYR A 62 5.78 -5.84 4.15
N THR A 63 6.16 -6.68 5.05
CA THR A 63 5.32 -7.74 5.53
C THR A 63 4.67 -7.42 6.88
N ASP A 64 5.26 -6.51 7.63
CA ASP A 64 4.71 -6.13 8.93
C ASP A 64 3.97 -4.84 8.76
N ASP A 65 2.81 -4.71 9.38
CA ASP A 65 2.01 -3.48 9.26
C ASP A 65 2.75 -2.25 9.79
N ASN A 66 3.77 -2.46 10.59
CA ASN A 66 4.54 -1.37 11.18
C ASN A 66 5.54 -0.79 10.19
N ALA A 67 5.69 -1.45 9.05
CA ALA A 67 6.56 -0.97 7.98
C ALA A 67 6.01 0.34 7.42
N LEU A 68 6.84 1.20 6.90
CA LEU A 68 6.39 2.51 6.43
C LEU A 68 6.65 2.72 4.92
N ILE A 69 5.69 3.30 4.22
CA ILE A 69 5.93 3.65 2.81
C ILE A 69 5.84 5.17 2.61
N PRO A 70 6.96 5.80 2.23
CA PRO A 70 7.00 7.22 1.89
C PRO A 70 6.44 7.52 0.49
N LYS A 71 5.91 8.72 0.33
CA LYS A 71 5.28 9.16 -0.93
C LYS A 71 6.27 9.32 -2.07
N ASN A 72 7.50 9.26 -1.74
CA ASN A 72 8.55 9.40 -2.71
C ASN A 72 8.89 8.05 -3.33
N SER A 73 8.27 7.01 -2.82
CA SER A 73 8.52 5.68 -3.26
C SER A 73 7.31 5.14 -4.04
N SER A 74 7.57 4.38 -5.06
CA SER A 74 6.53 3.71 -5.79
C SER A 74 6.55 2.25 -5.36
N VAL A 75 5.40 1.71 -4.98
CA VAL A 75 5.35 0.37 -4.46
C VAL A 75 4.37 -0.53 -5.22
N ILE A 76 4.57 -1.82 -5.08
CA ILE A 76 3.78 -2.88 -5.67
C ILE A 76 2.86 -3.39 -4.58
N VAL A 77 1.63 -3.57 -4.88
CA VAL A 77 0.69 -4.03 -3.90
C VAL A 77 0.18 -5.42 -4.30
N ARG A 78 0.50 -6.40 -3.50
CA ARG A 78 0.16 -7.77 -3.73
C ARG A 78 -0.83 -8.25 -2.65
N ARG A 79 -1.90 -8.88 -3.05
CA ARG A 79 -2.85 -9.44 -2.10
C ARG A 79 -2.39 -10.83 -1.69
N ILE A 80 -2.19 -11.04 -0.42
CA ILE A 80 -1.75 -12.33 0.05
C ILE A 80 -2.73 -12.86 1.09
N PRO A 81 -2.92 -14.15 1.18
CA PRO A 81 -3.84 -14.74 2.15
C PRO A 81 -3.30 -14.58 3.57
N ILE A 82 -4.17 -14.24 4.51
CA ILE A 82 -3.73 -14.15 5.90
C ILE A 82 -3.47 -15.55 6.43
N GLY A 83 -4.34 -16.48 6.01
CA GLY A 83 -4.29 -17.84 6.46
C GLY A 83 -4.68 -17.96 7.91
N GLY A 84 -3.83 -17.48 8.74
CA GLY A 84 -4.01 -17.57 10.15
C GLY A 84 -3.55 -16.33 10.87
N VAL A 85 -2.94 -15.39 10.15
CA VAL A 85 -2.49 -14.18 10.80
C VAL A 85 -3.63 -13.20 11.00
N LYS A 86 -4.18 -13.24 12.17
CA LYS A 86 -5.25 -12.37 12.54
C LYS A 86 -4.74 -11.43 13.62
N GLY A 1 -3.43 26.21 -1.35
CA GLY A 1 -2.65 25.14 -0.78
C GLY A 1 -1.72 24.55 -1.82
N PRO A 2 -0.80 23.66 -1.43
CA PRO A 2 0.14 23.04 -2.35
C PRO A 2 -0.55 22.03 -3.27
N LEU A 3 -0.35 22.16 -4.56
CA LEU A 3 -0.97 21.28 -5.53
C LEU A 3 -0.26 19.93 -5.60
N GLY A 4 1.00 19.95 -6.01
CA GLY A 4 1.74 18.74 -6.25
C GLY A 4 2.43 18.19 -5.02
N SER A 5 2.20 18.79 -3.88
CA SER A 5 2.81 18.31 -2.67
C SER A 5 1.89 17.36 -1.90
N MET A 6 0.76 17.03 -2.51
CA MET A 6 -0.16 16.08 -1.91
C MET A 6 0.45 14.73 -1.94
N SER A 7 0.32 14.03 -0.87
CA SER A 7 0.98 12.81 -0.69
C SER A 7 0.26 11.71 -1.37
N CYS A 8 0.87 11.22 -2.40
CA CYS A 8 0.33 10.22 -3.22
C CYS A 8 1.41 9.21 -3.59
N VAL A 9 1.12 7.96 -3.38
CA VAL A 9 2.04 6.87 -3.67
C VAL A 9 1.56 6.15 -4.88
N HIS A 10 2.47 5.91 -5.80
CA HIS A 10 2.17 5.15 -6.98
C HIS A 10 2.22 3.70 -6.63
N TYR A 11 1.11 3.09 -6.59
CA TYR A 11 1.04 1.71 -6.25
C TYR A 11 0.36 0.96 -7.34
N LYS A 12 0.87 -0.18 -7.68
CA LYS A 12 0.19 -1.00 -8.64
C LYS A 12 -0.12 -2.31 -7.99
N PHE A 13 -1.33 -2.73 -8.17
CA PHE A 13 -1.79 -3.94 -7.58
C PHE A 13 -1.48 -5.05 -8.55
N SER A 14 -1.32 -6.26 -8.08
CA SER A 14 -1.05 -7.40 -8.93
C SER A 14 -2.29 -7.75 -9.80
N SER A 15 -3.42 -7.16 -9.45
CA SER A 15 -4.64 -7.30 -10.20
C SER A 15 -4.70 -6.21 -11.31
N LYS A 16 -3.77 -5.27 -11.24
CA LYS A 16 -3.69 -4.18 -12.17
C LYS A 16 -2.42 -4.32 -12.98
N LEU A 17 -2.18 -3.37 -13.83
CA LEU A 17 -0.97 -3.33 -14.60
C LEU A 17 -0.41 -1.90 -14.56
N ASN A 18 -1.26 -0.94 -14.25
CA ASN A 18 -0.85 0.46 -14.14
C ASN A 18 -0.76 0.86 -12.69
N TYR A 19 0.01 1.89 -12.42
CA TYR A 19 0.09 2.43 -11.07
C TYR A 19 -1.04 3.38 -10.80
N ASP A 20 -1.47 3.41 -9.59
CA ASP A 20 -2.50 4.31 -9.15
C ASP A 20 -1.91 5.11 -8.00
N THR A 21 -2.65 6.03 -7.45
CA THR A 21 -2.13 6.91 -6.46
C THR A 21 -3.01 6.95 -5.26
N VAL A 22 -2.48 6.50 -4.17
CA VAL A 22 -3.20 6.53 -2.95
C VAL A 22 -2.79 7.80 -2.22
N THR A 23 -3.74 8.49 -1.68
CA THR A 23 -3.48 9.76 -1.07
C THR A 23 -3.52 9.70 0.46
N PHE A 24 -2.69 10.49 1.09
CA PHE A 24 -2.62 10.60 2.52
C PHE A 24 -2.04 11.93 2.89
N ASP A 25 -1.97 12.21 4.15
CA ASP A 25 -1.31 13.40 4.62
C ASP A 25 -0.08 12.99 5.40
N GLY A 26 0.99 13.64 5.15
CA GLY A 26 2.23 13.31 5.77
C GLY A 26 3.23 12.94 4.74
N LEU A 27 4.43 12.65 5.12
CA LEU A 27 5.44 12.30 4.16
C LEU A 27 5.30 10.83 3.79
N HIS A 28 4.85 10.06 4.76
CA HIS A 28 4.71 8.63 4.60
C HIS A 28 3.59 8.06 5.41
N ILE A 29 3.17 6.89 5.01
CA ILE A 29 2.09 6.21 5.67
C ILE A 29 2.51 4.79 6.08
N SER A 30 2.29 4.48 7.35
CA SER A 30 2.59 3.17 7.91
C SER A 30 1.76 2.06 7.22
N LEU A 31 2.34 0.88 7.12
CA LEU A 31 1.75 -0.26 6.40
C LEU A 31 0.35 -0.61 6.85
N CYS A 32 0.12 -0.68 8.16
CA CYS A 32 -1.22 -0.99 8.68
C CYS A 32 -2.25 0.01 8.12
N ASP A 33 -1.89 1.29 8.15
CA ASP A 33 -2.74 2.38 7.64
C ASP A 33 -2.87 2.31 6.13
N LEU A 34 -1.76 2.02 5.50
CA LEU A 34 -1.65 1.94 4.05
C LEU A 34 -2.57 0.85 3.49
N LYS A 35 -2.52 -0.31 4.11
CA LYS A 35 -3.33 -1.44 3.69
C LYS A 35 -4.80 -1.15 3.90
N LYS A 36 -5.13 -0.49 5.01
CA LYS A 36 -6.51 -0.14 5.31
C LYS A 36 -7.09 0.78 4.26
N GLN A 37 -6.29 1.73 3.78
CA GLN A 37 -6.75 2.62 2.74
C GLN A 37 -6.98 1.87 1.44
N ILE A 38 -6.02 1.06 1.04
CA ILE A 38 -6.09 0.33 -0.21
C ILE A 38 -7.20 -0.73 -0.19
N MET A 39 -7.26 -1.52 0.87
CA MET A 39 -8.25 -2.59 0.98
C MET A 39 -9.65 -2.02 1.06
N GLY A 40 -9.78 -0.91 1.76
CA GLY A 40 -11.07 -0.26 1.86
C GLY A 40 -11.49 0.39 0.56
N ARG A 41 -10.50 0.85 -0.19
CA ARG A 41 -10.75 1.51 -1.46
C ARG A 41 -11.19 0.52 -2.52
N GLU A 42 -10.45 -0.53 -2.65
CA GLU A 42 -10.67 -1.50 -3.71
C GLU A 42 -11.73 -2.51 -3.35
N LYS A 43 -12.11 -2.48 -2.11
CA LYS A 43 -13.10 -3.37 -1.51
C LYS A 43 -12.55 -4.77 -1.37
N LEU A 44 -11.51 -4.88 -0.58
CA LEU A 44 -10.95 -6.16 -0.25
C LEU A 44 -11.47 -6.59 1.07
N LYS A 45 -11.41 -7.86 1.32
CA LYS A 45 -11.83 -8.38 2.58
C LYS A 45 -10.60 -8.80 3.39
N ALA A 46 -10.28 -7.98 4.34
CA ALA A 46 -9.10 -8.15 5.19
C ALA A 46 -9.24 -9.34 6.14
N ALA A 47 -10.43 -9.88 6.25
CA ALA A 47 -10.68 -11.03 7.09
C ALA A 47 -10.38 -12.34 6.33
N ASP A 48 -10.02 -12.18 5.08
CA ASP A 48 -9.67 -13.31 4.20
C ASP A 48 -8.22 -13.20 3.76
N CYS A 49 -7.80 -12.00 3.49
CA CYS A 49 -6.51 -11.79 2.95
C CYS A 49 -5.84 -10.58 3.57
N ASP A 50 -4.54 -10.54 3.44
CA ASP A 50 -3.74 -9.45 3.91
C ASP A 50 -3.12 -8.81 2.70
N LEU A 51 -2.56 -7.68 2.85
CA LEU A 51 -2.06 -6.96 1.76
C LEU A 51 -0.53 -6.84 1.87
N GLN A 52 0.16 -7.52 1.03
CA GLN A 52 1.59 -7.56 1.09
C GLN A 52 2.12 -6.51 0.16
N ILE A 53 2.86 -5.60 0.69
CA ILE A 53 3.34 -4.53 -0.11
C ILE A 53 4.83 -4.71 -0.30
N THR A 54 5.26 -4.61 -1.51
CA THR A 54 6.65 -4.71 -1.82
C THR A 54 7.07 -3.41 -2.49
N ASN A 55 8.28 -2.99 -2.29
CA ASN A 55 8.77 -1.81 -2.96
C ASN A 55 9.12 -2.18 -4.40
N ALA A 56 8.79 -1.33 -5.36
CA ALA A 56 9.09 -1.64 -6.75
C ALA A 56 10.53 -1.31 -7.09
N GLN A 57 11.09 -0.43 -6.31
CA GLN A 57 12.41 0.11 -6.57
C GLN A 57 13.48 -0.67 -5.77
N THR A 58 13.26 -0.80 -4.46
CA THR A 58 14.22 -1.44 -3.58
C THR A 58 13.94 -2.93 -3.50
N LYS A 59 12.71 -3.29 -3.89
CA LYS A 59 12.22 -4.66 -3.90
C LYS A 59 12.12 -5.22 -2.49
N GLU A 60 12.00 -4.33 -1.52
CA GLU A 60 11.88 -4.76 -0.14
C GLU A 60 10.42 -5.09 0.16
N GLU A 61 10.17 -6.25 0.72
CA GLU A 61 8.86 -6.62 1.12
C GLU A 61 8.58 -6.11 2.47
N TYR A 62 7.52 -5.43 2.59
CA TYR A 62 7.11 -4.85 3.82
C TYR A 62 6.38 -5.88 4.65
N THR A 63 7.13 -6.54 5.48
CA THR A 63 6.66 -7.62 6.27
C THR A 63 6.07 -7.18 7.62
N ASP A 64 6.54 -6.08 8.13
CA ASP A 64 6.04 -5.62 9.43
C ASP A 64 5.04 -4.55 9.19
N ASP A 65 4.02 -4.45 10.02
CA ASP A 65 2.96 -3.47 9.78
C ASP A 65 3.41 -2.05 10.09
N ASN A 66 4.60 -1.91 10.63
CA ASN A 66 5.14 -0.61 10.95
C ASN A 66 5.82 -0.02 9.72
N ALA A 67 6.01 -0.86 8.69
CA ALA A 67 6.71 -0.48 7.48
C ALA A 67 6.01 0.67 6.78
N LEU A 68 6.65 1.78 6.73
CA LEU A 68 6.07 2.98 6.21
C LEU A 68 6.36 3.14 4.72
N ILE A 69 5.38 3.57 3.98
CA ILE A 69 5.61 3.86 2.60
C ILE A 69 5.42 5.37 2.35
N PRO A 70 6.49 6.07 1.97
CA PRO A 70 6.45 7.48 1.63
C PRO A 70 5.93 7.75 0.23
N LYS A 71 5.46 8.97 0.02
CA LYS A 71 4.95 9.42 -1.28
C LYS A 71 6.06 9.53 -2.33
N ASN A 72 7.26 9.30 -1.89
CA ASN A 72 8.45 9.37 -2.73
C ASN A 72 8.69 8.04 -3.43
N SER A 73 7.98 7.02 -3.02
CA SER A 73 8.22 5.70 -3.52
C SER A 73 7.00 5.11 -4.24
N SER A 74 7.27 4.19 -5.15
CA SER A 74 6.26 3.45 -5.83
C SER A 74 6.32 2.02 -5.31
N VAL A 75 5.20 1.46 -4.96
CA VAL A 75 5.17 0.16 -4.38
C VAL A 75 4.24 -0.80 -5.11
N ILE A 76 4.50 -2.06 -4.93
CA ILE A 76 3.77 -3.15 -5.51
C ILE A 76 2.83 -3.66 -4.46
N VAL A 77 1.59 -3.74 -4.80
CA VAL A 77 0.59 -4.16 -3.89
C VAL A 77 0.10 -5.55 -4.26
N ARG A 78 0.37 -6.50 -3.40
CA ARG A 78 0.03 -7.87 -3.63
C ARG A 78 -0.95 -8.35 -2.56
N ARG A 79 -1.93 -9.11 -2.93
CA ARG A 79 -2.87 -9.65 -1.99
C ARG A 79 -2.41 -11.04 -1.56
N ILE A 80 -2.22 -11.26 -0.29
CA ILE A 80 -1.76 -12.54 0.20
C ILE A 80 -2.72 -13.11 1.22
N PRO A 81 -2.79 -14.42 1.40
CA PRO A 81 -3.68 -15.02 2.38
C PRO A 81 -3.19 -14.76 3.80
N ILE A 82 -4.10 -14.40 4.69
CA ILE A 82 -3.74 -14.19 6.09
C ILE A 82 -3.47 -15.52 6.76
N GLY A 83 -4.01 -16.57 6.17
CA GLY A 83 -3.87 -17.89 6.68
C GLY A 83 -5.14 -18.34 7.33
N GLY A 84 -5.81 -17.39 7.92
CA GLY A 84 -7.03 -17.62 8.65
C GLY A 84 -6.76 -17.38 10.09
N VAL A 85 -5.83 -18.11 10.61
CA VAL A 85 -5.35 -17.89 11.92
C VAL A 85 -3.95 -17.33 11.81
N LYS A 86 -3.75 -16.20 12.41
CA LYS A 86 -2.51 -15.50 12.32
C LYS A 86 -1.58 -15.94 13.44
N GLY A 1 4.71 28.37 -0.13
CA GLY A 1 4.35 27.52 -1.24
C GLY A 1 3.94 26.15 -0.75
N PRO A 2 3.63 25.22 -1.64
CA PRO A 2 3.14 23.93 -1.25
C PRO A 2 4.27 22.96 -0.87
N LEU A 3 3.92 21.96 -0.12
CA LEU A 3 4.86 20.95 0.31
C LEU A 3 4.49 19.64 -0.38
N GLY A 4 3.61 19.75 -1.36
CA GLY A 4 3.12 18.59 -2.03
C GLY A 4 2.09 17.94 -1.17
N SER A 5 1.01 18.66 -0.93
CA SER A 5 -0.03 18.21 -0.04
C SER A 5 -0.80 17.05 -0.59
N MET A 6 -0.79 16.93 -1.87
CA MET A 6 -1.35 15.78 -2.47
C MET A 6 -0.28 14.77 -2.61
N SER A 7 -0.14 14.05 -1.59
CA SER A 7 0.84 13.06 -1.50
C SER A 7 0.25 11.80 -2.07
N CYS A 8 0.86 11.25 -3.06
CA CYS A 8 0.32 10.09 -3.69
C CYS A 8 1.36 9.04 -3.89
N VAL A 9 1.01 7.83 -3.58
CA VAL A 9 1.88 6.71 -3.79
C VAL A 9 1.32 5.91 -4.93
N HIS A 10 2.14 5.73 -5.93
CA HIS A 10 1.79 4.91 -7.03
C HIS A 10 1.97 3.47 -6.63
N TYR A 11 0.89 2.77 -6.59
CA TYR A 11 0.92 1.40 -6.20
C TYR A 11 0.26 0.58 -7.30
N LYS A 12 0.88 -0.48 -7.71
CA LYS A 12 0.23 -1.31 -8.66
C LYS A 12 0.01 -2.65 -8.08
N PHE A 13 -1.18 -3.11 -8.21
CA PHE A 13 -1.58 -4.35 -7.65
C PHE A 13 -1.23 -5.43 -8.65
N SER A 14 -1.06 -6.63 -8.18
CA SER A 14 -0.83 -7.77 -9.04
C SER A 14 -2.02 -7.97 -10.01
N SER A 15 -3.20 -7.53 -9.59
CA SER A 15 -4.40 -7.61 -10.38
C SER A 15 -4.68 -6.27 -11.13
N LYS A 16 -3.75 -5.34 -11.10
CA LYS A 16 -3.90 -4.06 -11.79
C LYS A 16 -2.97 -4.03 -12.99
N LEU A 17 -3.29 -3.20 -13.95
CA LEU A 17 -2.49 -3.09 -15.15
C LEU A 17 -1.48 -1.96 -15.02
N ASN A 18 -1.87 -0.92 -14.33
CA ASN A 18 -1.02 0.24 -14.13
C ASN A 18 -1.06 0.64 -12.66
N TYR A 19 -0.28 1.63 -12.28
CA TYR A 19 -0.26 2.06 -10.90
C TYR A 19 -1.47 2.92 -10.57
N ASP A 20 -1.97 2.73 -9.40
CA ASP A 20 -3.08 3.48 -8.88
C ASP A 20 -2.49 4.40 -7.82
N THR A 21 -3.28 5.24 -7.21
CA THR A 21 -2.73 6.18 -6.27
C THR A 21 -3.55 6.33 -5.00
N VAL A 22 -2.86 6.37 -3.89
CA VAL A 22 -3.46 6.76 -2.64
C VAL A 22 -3.11 8.20 -2.39
N THR A 23 -4.10 9.02 -2.24
CA THR A 23 -3.89 10.39 -1.90
C THR A 23 -3.95 10.55 -0.40
N PHE A 24 -2.91 11.07 0.15
CA PHE A 24 -2.76 11.27 1.57
C PHE A 24 -2.07 12.59 1.78
N ASP A 25 -1.89 13.01 3.00
CA ASP A 25 -1.32 14.33 3.26
C ASP A 25 -0.04 14.26 4.05
N GLY A 26 1.03 14.73 3.45
CA GLY A 26 2.28 14.83 4.14
C GLY A 26 3.43 14.35 3.32
N LEU A 27 4.03 13.28 3.77
CA LEU A 27 5.17 12.72 3.08
C LEU A 27 4.95 11.23 2.91
N HIS A 28 4.50 10.57 3.95
CA HIS A 28 4.34 9.14 3.93
C HIS A 28 3.12 8.64 4.65
N ILE A 29 2.76 7.44 4.32
CA ILE A 29 1.63 6.80 4.88
C ILE A 29 2.00 5.47 5.50
N SER A 30 1.61 5.30 6.73
CA SER A 30 1.76 4.06 7.44
C SER A 30 1.02 2.95 6.68
N LEU A 31 1.66 1.81 6.60
CA LEU A 31 1.18 0.66 5.87
C LEU A 31 -0.21 0.24 6.27
N CYS A 32 -0.48 0.26 7.57
CA CYS A 32 -1.78 -0.12 8.08
C CYS A 32 -2.86 0.76 7.45
N ASP A 33 -2.61 2.06 7.41
CA ASP A 33 -3.56 3.02 6.87
C ASP A 33 -3.73 2.78 5.39
N LEU A 34 -2.61 2.54 4.73
CA LEU A 34 -2.54 2.34 3.29
C LEU A 34 -3.30 1.08 2.88
N LYS A 35 -3.06 0.00 3.59
CA LYS A 35 -3.69 -1.27 3.28
C LYS A 35 -5.16 -1.21 3.59
N LYS A 36 -5.51 -0.54 4.68
CA LYS A 36 -6.89 -0.36 5.05
C LYS A 36 -7.65 0.41 3.98
N GLN A 37 -7.01 1.43 3.39
CA GLN A 37 -7.64 2.18 2.32
C GLN A 37 -7.88 1.28 1.13
N ILE A 38 -6.84 0.58 0.70
CA ILE A 38 -6.91 -0.27 -0.48
C ILE A 38 -7.93 -1.39 -0.31
N MET A 39 -7.91 -2.08 0.83
CA MET A 39 -8.81 -3.19 1.05
C MET A 39 -10.27 -2.75 1.09
N GLY A 40 -10.52 -1.60 1.67
CA GLY A 40 -11.87 -1.07 1.71
C GLY A 40 -12.31 -0.53 0.36
N ARG A 41 -11.37 0.01 -0.36
CA ARG A 41 -11.60 0.62 -1.66
C ARG A 41 -11.88 -0.41 -2.74
N GLU A 42 -11.04 -1.43 -2.80
CA GLU A 42 -11.13 -2.40 -3.88
C GLU A 42 -11.93 -3.62 -3.49
N LYS A 43 -12.40 -3.59 -2.28
CA LYS A 43 -13.25 -4.61 -1.69
C LYS A 43 -12.48 -5.92 -1.52
N LEU A 44 -11.53 -5.90 -0.63
CA LEU A 44 -10.76 -7.09 -0.35
C LEU A 44 -11.27 -7.81 0.88
N LYS A 45 -10.76 -8.99 1.12
CA LYS A 45 -11.11 -9.78 2.28
C LYS A 45 -9.92 -9.84 3.25
N ALA A 46 -10.00 -9.04 4.29
CA ALA A 46 -8.93 -8.91 5.28
C ALA A 46 -8.97 -10.04 6.31
N ALA A 47 -10.04 -10.82 6.24
CA ALA A 47 -10.24 -11.96 7.15
C ALA A 47 -9.67 -13.23 6.55
N ASP A 48 -9.21 -13.14 5.33
CA ASP A 48 -8.71 -14.33 4.63
C ASP A 48 -7.37 -14.05 4.01
N CYS A 49 -7.17 -12.84 3.65
CA CYS A 49 -6.00 -12.45 3.00
C CYS A 49 -5.43 -11.24 3.71
N ASP A 50 -4.18 -11.01 3.52
CA ASP A 50 -3.53 -9.85 4.05
C ASP A 50 -3.05 -9.11 2.86
N LEU A 51 -2.63 -7.95 3.06
CA LEU A 51 -2.16 -7.19 2.00
C LEU A 51 -0.68 -6.98 2.21
N GLN A 52 0.10 -7.45 1.30
CA GLN A 52 1.52 -7.41 1.44
C GLN A 52 2.07 -6.47 0.41
N ILE A 53 2.67 -5.44 0.85
CA ILE A 53 3.16 -4.44 -0.06
C ILE A 53 4.65 -4.66 -0.27
N THR A 54 5.08 -4.59 -1.47
CA THR A 54 6.46 -4.75 -1.80
C THR A 54 6.90 -3.50 -2.56
N ASN A 55 8.12 -3.07 -2.38
CA ASN A 55 8.61 -1.90 -3.09
C ASN A 55 8.81 -2.24 -4.56
N ALA A 56 8.44 -1.32 -5.45
CA ALA A 56 8.56 -1.56 -6.88
C ALA A 56 10.00 -1.43 -7.34
N GLN A 57 10.76 -0.64 -6.63
CA GLN A 57 12.12 -0.36 -7.00
C GLN A 57 13.10 -1.28 -6.28
N THR A 58 12.94 -1.41 -4.98
CA THR A 58 13.88 -2.16 -4.19
C THR A 58 13.43 -3.59 -3.99
N LYS A 59 12.13 -3.84 -4.20
CA LYS A 59 11.53 -5.12 -3.91
C LYS A 59 11.66 -5.52 -2.46
N GLU A 60 11.47 -4.56 -1.59
CA GLU A 60 11.44 -4.82 -0.18
C GLU A 60 10.00 -5.00 0.24
N GLU A 61 9.69 -6.10 0.90
CA GLU A 61 8.38 -6.33 1.39
C GLU A 61 8.17 -5.59 2.69
N TYR A 62 7.05 -4.96 2.79
CA TYR A 62 6.68 -4.26 3.99
C TYR A 62 5.85 -5.19 4.84
N THR A 63 6.49 -5.76 5.80
CA THR A 63 5.93 -6.81 6.60
C THR A 63 5.03 -6.33 7.73
N ASP A 64 5.48 -5.35 8.49
CA ASP A 64 4.73 -4.86 9.64
C ASP A 64 3.85 -3.73 9.18
N ASP A 65 2.69 -3.57 9.76
CA ASP A 65 1.76 -2.53 9.33
C ASP A 65 2.15 -1.15 9.83
N ASN A 66 3.22 -1.10 10.58
CA ASN A 66 3.77 0.16 11.05
C ASN A 66 4.83 0.65 10.09
N ALA A 67 5.10 -0.16 9.06
CA ALA A 67 6.01 0.23 7.99
C ALA A 67 5.38 1.41 7.25
N LEU A 68 6.18 2.27 6.72
CA LEU A 68 5.65 3.46 6.11
C LEU A 68 6.02 3.55 4.63
N ILE A 69 5.08 3.96 3.80
CA ILE A 69 5.41 4.17 2.40
C ILE A 69 5.22 5.66 2.03
N PRO A 70 6.31 6.32 1.64
CA PRO A 70 6.29 7.72 1.19
C PRO A 70 5.79 7.94 -0.23
N LYS A 71 5.27 9.15 -0.48
CA LYS A 71 4.73 9.58 -1.79
C LYS A 71 5.82 9.64 -2.86
N ASN A 72 7.04 9.53 -2.41
CA ASN A 72 8.20 9.57 -3.28
C ASN A 72 8.51 8.17 -3.81
N SER A 73 7.84 7.17 -3.25
CA SER A 73 8.04 5.79 -3.64
C SER A 73 6.84 5.25 -4.42
N SER A 74 7.12 4.26 -5.22
CA SER A 74 6.12 3.52 -5.96
C SER A 74 6.21 2.09 -5.46
N VAL A 75 5.10 1.48 -5.15
CA VAL A 75 5.11 0.15 -4.57
C VAL A 75 4.20 -0.84 -5.31
N ILE A 76 4.43 -2.10 -5.07
CA ILE A 76 3.70 -3.21 -5.65
C ILE A 76 2.78 -3.74 -4.57
N VAL A 77 1.56 -3.95 -4.90
CA VAL A 77 0.61 -4.43 -3.95
C VAL A 77 0.28 -5.89 -4.22
N ARG A 78 0.67 -6.73 -3.29
CA ARG A 78 0.50 -8.15 -3.39
C ARG A 78 -0.56 -8.60 -2.38
N ARG A 79 -1.57 -9.28 -2.83
CA ARG A 79 -2.54 -9.84 -1.90
C ARG A 79 -2.07 -11.22 -1.53
N ILE A 80 -1.84 -11.46 -0.26
CA ILE A 80 -1.32 -12.72 0.18
C ILE A 80 -2.30 -13.42 1.12
N PRO A 81 -2.29 -14.74 1.18
CA PRO A 81 -3.14 -15.49 2.11
C PRO A 81 -2.57 -15.44 3.53
N ILE A 82 -3.43 -15.31 4.50
CA ILE A 82 -2.98 -15.27 5.87
C ILE A 82 -3.02 -16.62 6.52
N GLY A 83 -4.00 -17.42 6.11
CA GLY A 83 -4.25 -18.70 6.73
C GLY A 83 -4.95 -18.55 8.08
N GLY A 84 -4.75 -17.40 8.67
CA GLY A 84 -5.25 -17.09 9.96
C GLY A 84 -4.14 -17.06 10.96
N VAL A 85 -2.91 -17.20 10.46
CA VAL A 85 -1.74 -17.27 11.30
C VAL A 85 -1.30 -15.90 11.77
N LYS A 86 -1.89 -15.50 12.85
CA LYS A 86 -1.59 -14.27 13.52
C LYS A 86 -1.64 -14.57 15.00
N GLY A 1 4.06 22.16 -0.98
CA GLY A 1 3.80 23.56 -0.69
C GLY A 1 2.62 23.70 0.22
N PRO A 2 1.93 24.85 0.20
CA PRO A 2 0.78 25.10 1.07
C PRO A 2 -0.40 24.20 0.72
N LEU A 3 -1.03 24.47 -0.39
CA LEU A 3 -2.16 23.70 -0.85
C LEU A 3 -1.88 23.20 -2.25
N GLY A 4 -2.51 22.13 -2.63
CA GLY A 4 -2.24 21.52 -3.91
C GLY A 4 -0.91 20.83 -3.84
N SER A 5 -0.73 20.06 -2.80
CA SER A 5 0.50 19.38 -2.53
C SER A 5 0.22 18.04 -1.90
N MET A 6 -0.86 17.42 -2.34
CA MET A 6 -1.24 16.10 -1.86
C MET A 6 -0.20 15.06 -2.20
N SER A 7 -0.11 14.10 -1.35
CA SER A 7 0.86 13.06 -1.47
C SER A 7 0.22 11.79 -2.02
N CYS A 8 0.78 11.25 -3.06
CA CYS A 8 0.23 10.06 -3.66
C CYS A 8 1.32 9.06 -4.03
N VAL A 9 1.06 7.81 -3.78
CA VAL A 9 1.99 6.73 -4.05
C VAL A 9 1.50 5.94 -5.24
N HIS A 10 2.41 5.64 -6.14
CA HIS A 10 2.10 4.80 -7.26
C HIS A 10 2.21 3.37 -6.81
N TYR A 11 1.12 2.72 -6.70
CA TYR A 11 1.12 1.36 -6.28
C TYR A 11 0.46 0.55 -7.36
N LYS A 12 1.03 -0.55 -7.73
CA LYS A 12 0.35 -1.36 -8.68
C LYS A 12 -0.01 -2.65 -8.05
N PHE A 13 -1.22 -3.03 -8.22
CA PHE A 13 -1.71 -4.24 -7.69
C PHE A 13 -1.67 -5.23 -8.83
N SER A 14 -1.60 -6.48 -8.53
CA SER A 14 -1.66 -7.51 -9.54
C SER A 14 -3.01 -7.48 -10.28
N SER A 15 -4.03 -6.97 -9.59
CA SER A 15 -5.36 -6.83 -10.12
C SER A 15 -5.46 -5.55 -11.00
N LYS A 16 -4.38 -4.79 -11.07
CA LYS A 16 -4.30 -3.59 -11.89
C LYS A 16 -3.42 -3.92 -13.10
N LEU A 17 -3.35 -3.01 -14.05
CA LEU A 17 -2.48 -3.20 -15.19
C LEU A 17 -1.23 -2.36 -14.99
N ASN A 18 -1.46 -1.15 -14.58
CA ASN A 18 -0.43 -0.17 -14.32
C ASN A 18 -0.57 0.28 -12.90
N TYR A 19 0.17 1.31 -12.52
CA TYR A 19 0.11 1.80 -11.17
C TYR A 19 -1.12 2.66 -10.95
N ASP A 20 -1.60 2.61 -9.76
CA ASP A 20 -2.73 3.39 -9.31
C ASP A 20 -2.14 4.32 -8.26
N THR A 21 -2.91 5.18 -7.69
CA THR A 21 -2.39 6.13 -6.78
C THR A 21 -3.21 6.17 -5.54
N VAL A 22 -2.54 6.12 -4.43
CA VAL A 22 -3.20 6.24 -3.18
C VAL A 22 -2.82 7.58 -2.58
N THR A 23 -3.78 8.31 -2.14
CA THR A 23 -3.57 9.63 -1.65
C THR A 23 -3.56 9.72 -0.12
N PHE A 24 -2.69 10.55 0.38
CA PHE A 24 -2.51 10.83 1.78
C PHE A 24 -1.87 12.21 1.87
N ASP A 25 -1.67 12.70 3.04
CA ASP A 25 -0.99 13.94 3.20
C ASP A 25 0.30 13.71 3.97
N GLY A 26 1.26 14.58 3.79
CA GLY A 26 2.53 14.42 4.45
C GLY A 26 3.60 14.02 3.47
N LEU A 27 4.41 13.08 3.82
CA LEU A 27 5.46 12.63 2.92
C LEU A 27 5.30 11.15 2.70
N HIS A 28 5.01 10.45 3.75
CA HIS A 28 4.88 9.02 3.70
C HIS A 28 3.71 8.53 4.47
N ILE A 29 3.30 7.36 4.13
CA ILE A 29 2.19 6.74 4.75
C ILE A 29 2.60 5.42 5.37
N SER A 30 2.30 5.30 6.63
CA SER A 30 2.52 4.10 7.40
C SER A 30 1.80 2.92 6.73
N LEU A 31 2.43 1.77 6.72
CA LEU A 31 1.91 0.59 6.05
C LEU A 31 0.55 0.19 6.58
N CYS A 32 0.36 0.28 7.89
CA CYS A 32 -0.94 -0.02 8.49
C CYS A 32 -1.99 0.84 7.81
N ASP A 33 -1.69 2.11 7.68
CA ASP A 33 -2.59 3.05 7.05
C ASP A 33 -2.76 2.73 5.62
N LEU A 34 -1.65 2.50 4.93
CA LEU A 34 -1.67 2.24 3.50
C LEU A 34 -2.46 0.99 3.15
N LYS A 35 -2.23 -0.09 3.87
CA LYS A 35 -2.93 -1.33 3.62
C LYS A 35 -4.39 -1.16 3.92
N LYS A 36 -4.70 -0.55 5.05
CA LYS A 36 -6.08 -0.32 5.43
C LYS A 36 -6.80 0.58 4.41
N GLN A 37 -6.07 1.55 3.84
CA GLN A 37 -6.64 2.41 2.80
C GLN A 37 -6.99 1.57 1.59
N ILE A 38 -6.03 0.77 1.14
CA ILE A 38 -6.19 -0.03 -0.06
C ILE A 38 -7.25 -1.12 0.12
N MET A 39 -7.21 -1.81 1.24
CA MET A 39 -8.13 -2.89 1.51
C MET A 39 -9.55 -2.39 1.61
N GLY A 40 -9.72 -1.25 2.25
CA GLY A 40 -11.03 -0.69 2.39
C GLY A 40 -11.55 -0.11 1.10
N ARG A 41 -10.67 0.56 0.39
CA ARG A 41 -11.02 1.24 -0.84
C ARG A 41 -11.32 0.25 -1.98
N GLU A 42 -10.47 -0.74 -2.16
CA GLU A 42 -10.61 -1.65 -3.31
C GLU A 42 -11.49 -2.84 -2.99
N LYS A 43 -11.92 -2.90 -1.76
CA LYS A 43 -12.80 -3.93 -1.23
C LYS A 43 -12.07 -5.25 -1.09
N LEU A 44 -11.11 -5.26 -0.22
CA LEU A 44 -10.40 -6.46 0.10
C LEU A 44 -10.88 -6.99 1.41
N LYS A 45 -10.70 -8.24 1.63
CA LYS A 45 -11.07 -8.82 2.89
C LYS A 45 -9.85 -8.86 3.81
N ALA A 46 -9.81 -7.90 4.71
CA ALA A 46 -8.70 -7.67 5.61
C ALA A 46 -8.63 -8.72 6.71
N ALA A 47 -9.71 -9.42 6.92
CA ALA A 47 -9.76 -10.44 7.94
C ALA A 47 -9.54 -11.82 7.34
N ASP A 48 -9.30 -11.88 6.06
CA ASP A 48 -9.14 -13.19 5.43
C ASP A 48 -7.82 -13.29 4.70
N CYS A 49 -7.33 -12.18 4.23
CA CYS A 49 -6.07 -12.17 3.54
C CYS A 49 -5.24 -11.00 4.04
N ASP A 50 -3.96 -11.06 3.84
CA ASP A 50 -3.06 -10.03 4.27
C ASP A 50 -2.57 -9.29 3.05
N LEU A 51 -2.15 -8.11 3.25
CA LEU A 51 -1.71 -7.31 2.19
C LEU A 51 -0.21 -7.10 2.36
N GLN A 52 0.54 -7.58 1.44
CA GLN A 52 1.97 -7.50 1.53
C GLN A 52 2.50 -6.66 0.41
N ILE A 53 3.07 -5.56 0.77
CA ILE A 53 3.51 -4.60 -0.19
C ILE A 53 4.99 -4.81 -0.44
N THR A 54 5.41 -4.79 -1.65
CA THR A 54 6.80 -4.93 -1.95
C THR A 54 7.25 -3.70 -2.72
N ASN A 55 8.43 -3.24 -2.45
CA ASN A 55 8.96 -2.10 -3.13
C ASN A 55 9.39 -2.52 -4.53
N ALA A 56 9.13 -1.68 -5.52
CA ALA A 56 9.49 -1.99 -6.89
C ALA A 56 10.97 -1.72 -7.14
N GLN A 57 11.49 -0.78 -6.40
CA GLN A 57 12.84 -0.32 -6.59
C GLN A 57 13.83 -1.09 -5.70
N THR A 58 13.52 -1.20 -4.43
CA THR A 58 14.43 -1.82 -3.49
C THR A 58 14.12 -3.29 -3.34
N LYS A 59 12.88 -3.65 -3.73
CA LYS A 59 12.35 -5.01 -3.65
C LYS A 59 12.21 -5.46 -2.19
N GLU A 60 12.09 -4.49 -1.32
CA GLU A 60 11.89 -4.75 0.09
C GLU A 60 10.42 -5.02 0.32
N GLU A 61 10.10 -6.09 1.01
CA GLU A 61 8.77 -6.39 1.33
C GLU A 61 8.40 -5.76 2.63
N TYR A 62 7.28 -5.17 2.64
CA TYR A 62 6.78 -4.53 3.81
C TYR A 62 5.77 -5.43 4.46
N THR A 63 6.22 -6.16 5.44
CA THR A 63 5.42 -7.11 6.14
C THR A 63 4.92 -6.53 7.47
N ASP A 64 5.66 -5.58 7.99
CA ASP A 64 5.36 -5.00 9.28
C ASP A 64 4.53 -3.77 9.07
N ASP A 65 3.40 -3.65 9.76
CA ASP A 65 2.48 -2.47 9.58
C ASP A 65 3.12 -1.14 9.94
N ASN A 66 4.29 -1.20 10.54
CA ASN A 66 5.00 -0.02 10.98
C ASN A 66 5.96 0.45 9.90
N ALA A 67 6.02 -0.29 8.79
CA ALA A 67 6.82 0.11 7.64
C ALA A 67 6.17 1.34 7.02
N LEU A 68 6.93 2.18 6.40
CA LEU A 68 6.38 3.40 5.82
C LEU A 68 6.59 3.44 4.32
N ILE A 69 5.60 3.88 3.57
CA ILE A 69 5.81 4.07 2.14
C ILE A 69 5.60 5.55 1.77
N PRO A 70 6.67 6.23 1.34
CA PRO A 70 6.60 7.62 0.89
C PRO A 70 6.08 7.77 -0.53
N LYS A 71 5.59 8.98 -0.85
CA LYS A 71 5.11 9.29 -2.21
C LYS A 71 6.27 9.40 -3.21
N ASN A 72 7.44 9.09 -2.73
CA ASN A 72 8.64 8.99 -3.55
C ASN A 72 8.78 7.57 -4.10
N SER A 73 8.11 6.64 -3.46
CA SER A 73 8.24 5.26 -3.82
C SER A 73 7.06 4.75 -4.62
N SER A 74 7.34 3.91 -5.59
CA SER A 74 6.33 3.18 -6.27
C SER A 74 6.40 1.75 -5.72
N VAL A 75 5.30 1.23 -5.30
CA VAL A 75 5.30 -0.07 -4.68
C VAL A 75 4.37 -1.05 -5.37
N ILE A 76 4.65 -2.30 -5.17
CA ILE A 76 3.91 -3.40 -5.75
C ILE A 76 3.03 -3.98 -4.67
N VAL A 77 1.78 -4.06 -4.91
CA VAL A 77 0.86 -4.54 -3.94
C VAL A 77 0.50 -6.00 -4.21
N ARG A 78 0.91 -6.85 -3.30
CA ARG A 78 0.69 -8.27 -3.37
C ARG A 78 -0.26 -8.69 -2.27
N ARG A 79 -1.18 -9.55 -2.57
CA ARG A 79 -2.09 -10.05 -1.58
C ARG A 79 -1.58 -11.42 -1.16
N ILE A 80 -1.43 -11.66 0.12
CA ILE A 80 -0.90 -12.91 0.60
C ILE A 80 -1.84 -13.52 1.64
N PRO A 81 -1.85 -14.84 1.81
CA PRO A 81 -2.71 -15.49 2.80
C PRO A 81 -2.23 -15.23 4.24
N ILE A 82 -3.17 -14.89 5.13
CA ILE A 82 -2.83 -14.63 6.54
C ILE A 82 -2.34 -15.90 7.24
N GLY A 83 -2.84 -17.03 6.81
CA GLY A 83 -2.44 -18.27 7.38
C GLY A 83 -3.53 -18.84 8.26
N GLY A 84 -3.88 -18.14 9.29
CA GLY A 84 -4.87 -18.62 10.20
C GLY A 84 -6.22 -18.07 9.89
N VAL A 85 -6.88 -18.66 8.91
CA VAL A 85 -8.23 -18.23 8.58
C VAL A 85 -9.23 -18.78 9.59
N LYS A 86 -9.37 -18.02 10.64
CA LYS A 86 -10.24 -18.33 11.75
C LYS A 86 -11.70 -18.15 11.40
N GLY A 1 9.97 23.99 -2.75
CA GLY A 1 8.56 23.90 -2.36
C GLY A 1 8.18 22.47 -2.08
N PRO A 2 7.20 22.23 -1.17
CA PRO A 2 6.75 20.87 -0.80
C PRO A 2 5.79 20.26 -1.84
N LEU A 3 5.57 21.00 -2.92
CA LEU A 3 4.69 20.62 -4.04
C LEU A 3 3.22 20.65 -3.63
N GLY A 4 2.78 19.58 -3.01
CA GLY A 4 1.41 19.51 -2.59
C GLY A 4 1.29 18.72 -1.31
N SER A 5 0.42 19.17 -0.43
CA SER A 5 0.18 18.46 0.81
C SER A 5 -0.66 17.22 0.55
N MET A 6 -1.36 17.27 -0.54
CA MET A 6 -2.09 16.12 -1.02
C MET A 6 -1.09 15.20 -1.63
N SER A 7 -0.83 14.18 -0.94
CA SER A 7 0.20 13.27 -1.26
C SER A 7 -0.40 12.04 -1.89
N CYS A 8 0.23 11.52 -2.90
CA CYS A 8 -0.29 10.36 -3.56
C CYS A 8 0.80 9.38 -3.92
N VAL A 9 0.55 8.12 -3.65
CA VAL A 9 1.49 7.05 -3.94
C VAL A 9 0.98 6.25 -5.11
N HIS A 10 1.89 5.96 -6.00
CA HIS A 10 1.62 5.11 -7.13
C HIS A 10 1.75 3.70 -6.69
N TYR A 11 0.68 2.99 -6.68
CA TYR A 11 0.72 1.62 -6.26
C TYR A 11 0.03 0.77 -7.29
N LYS A 12 0.60 -0.34 -7.61
CA LYS A 12 -0.11 -1.23 -8.48
C LYS A 12 -0.26 -2.53 -7.75
N PHE A 13 -1.37 -3.14 -7.90
CA PHE A 13 -1.59 -4.42 -7.28
C PHE A 13 -1.18 -5.46 -8.33
N SER A 14 -1.21 -6.72 -7.97
CA SER A 14 -1.03 -7.78 -8.95
C SER A 14 -2.20 -7.70 -9.97
N SER A 15 -3.34 -7.26 -9.48
CA SER A 15 -4.55 -7.11 -10.27
C SER A 15 -4.52 -5.82 -11.14
N LYS A 16 -3.52 -4.99 -10.94
CA LYS A 16 -3.42 -3.73 -11.67
C LYS A 16 -2.35 -3.84 -12.73
N LEU A 17 -2.68 -3.38 -13.90
CA LEU A 17 -1.75 -3.38 -15.01
C LEU A 17 -1.02 -2.04 -15.04
N ASN A 18 -1.60 -1.07 -14.39
CA ASN A 18 -1.04 0.26 -14.29
C ASN A 18 -1.05 0.68 -12.84
N TYR A 19 -0.47 1.80 -12.55
CA TYR A 19 -0.38 2.26 -11.18
C TYR A 19 -1.54 3.12 -10.79
N ASP A 20 -2.12 2.76 -9.69
CA ASP A 20 -3.19 3.51 -9.09
C ASP A 20 -2.60 4.52 -8.14
N THR A 21 -3.41 5.31 -7.54
CA THR A 21 -2.95 6.34 -6.69
C THR A 21 -3.76 6.39 -5.43
N VAL A 22 -3.08 6.44 -4.33
CA VAL A 22 -3.73 6.56 -3.08
C VAL A 22 -3.37 7.90 -2.48
N THR A 23 -4.35 8.67 -2.11
CA THR A 23 -4.14 9.99 -1.60
C THR A 23 -4.20 10.03 -0.08
N PHE A 24 -3.36 10.85 0.48
CA PHE A 24 -3.27 11.08 1.88
C PHE A 24 -2.74 12.47 2.09
N ASP A 25 -2.75 12.92 3.29
CA ASP A 25 -2.28 14.26 3.60
C ASP A 25 -1.00 14.12 4.40
N GLY A 26 -0.01 14.90 4.06
CA GLY A 26 1.25 14.85 4.76
C GLY A 26 2.37 14.67 3.79
N LEU A 27 3.05 13.53 3.88
CA LEU A 27 4.13 13.23 2.96
C LEU A 27 4.17 11.71 2.79
N HIS A 28 4.00 10.98 3.87
CA HIS A 28 4.01 9.54 3.84
C HIS A 28 2.90 8.92 4.62
N ILE A 29 2.59 7.70 4.26
CA ILE A 29 1.53 6.97 4.88
C ILE A 29 2.04 5.66 5.45
N SER A 30 1.78 5.45 6.73
CA SER A 30 2.05 4.21 7.39
C SER A 30 1.30 3.06 6.69
N LEU A 31 1.96 1.92 6.58
CA LEU A 31 1.47 0.73 5.92
C LEU A 31 0.11 0.31 6.47
N CYS A 32 -0.02 0.39 7.77
CA CYS A 32 -1.26 0.06 8.47
C CYS A 32 -2.42 0.86 7.90
N ASP A 33 -2.20 2.14 7.69
CA ASP A 33 -3.23 3.03 7.22
C ASP A 33 -3.50 2.74 5.75
N LEU A 34 -2.43 2.53 5.00
CA LEU A 34 -2.55 2.36 3.55
C LEU A 34 -3.27 1.05 3.22
N LYS A 35 -2.95 -0.01 3.96
CA LYS A 35 -3.56 -1.31 3.72
C LYS A 35 -5.06 -1.24 3.94
N LYS A 36 -5.47 -0.50 4.95
CA LYS A 36 -6.87 -0.31 5.25
C LYS A 36 -7.60 0.38 4.09
N GLN A 37 -6.93 1.35 3.50
CA GLN A 37 -7.47 2.10 2.36
C GLN A 37 -7.68 1.15 1.19
N ILE A 38 -6.64 0.41 0.85
CA ILE A 38 -6.62 -0.47 -0.31
C ILE A 38 -7.56 -1.67 -0.14
N MET A 39 -7.56 -2.27 1.04
CA MET A 39 -8.42 -3.43 1.28
C MET A 39 -9.87 -3.06 1.19
N GLY A 40 -10.21 -1.87 1.62
CA GLY A 40 -11.57 -1.41 1.52
C GLY A 40 -11.93 -1.06 0.08
N ARG A 41 -10.97 -0.45 -0.59
CA ARG A 41 -11.14 0.03 -1.95
C ARG A 41 -11.32 -1.12 -2.96
N GLU A 42 -10.52 -2.16 -2.82
CA GLU A 42 -10.61 -3.29 -3.76
C GLU A 42 -11.40 -4.43 -3.17
N LYS A 43 -11.93 -4.17 -1.99
CA LYS A 43 -12.77 -5.10 -1.25
C LYS A 43 -12.06 -6.42 -0.98
N LEU A 44 -11.04 -6.35 -0.17
CA LEU A 44 -10.29 -7.50 0.25
C LEU A 44 -10.75 -7.92 1.61
N LYS A 45 -10.59 -9.18 1.94
CA LYS A 45 -10.90 -9.63 3.22
C LYS A 45 -9.64 -9.67 4.03
N ALA A 46 -9.57 -8.80 4.99
CA ALA A 46 -8.43 -8.67 5.86
C ALA A 46 -8.39 -9.79 6.89
N ALA A 47 -9.40 -10.64 6.85
CA ALA A 47 -9.53 -11.72 7.81
C ALA A 47 -9.07 -13.03 7.23
N ASP A 48 -8.89 -13.05 5.93
CA ASP A 48 -8.49 -14.28 5.23
C ASP A 48 -7.05 -14.21 4.82
N CYS A 49 -6.63 -13.03 4.45
CA CYS A 49 -5.29 -12.79 3.99
C CYS A 49 -4.82 -11.45 4.51
N ASP A 50 -3.59 -11.14 4.28
CA ASP A 50 -3.01 -9.89 4.70
C ASP A 50 -2.56 -9.17 3.47
N LEU A 51 -2.19 -7.96 3.61
CA LEU A 51 -1.80 -7.19 2.50
C LEU A 51 -0.32 -6.85 2.65
N GLN A 52 0.46 -7.23 1.69
CA GLN A 52 1.87 -7.02 1.74
C GLN A 52 2.24 -6.03 0.67
N ILE A 53 2.84 -4.97 1.04
CA ILE A 53 3.23 -4.00 0.08
C ILE A 53 4.72 -4.14 -0.19
N THR A 54 5.07 -4.16 -1.42
CA THR A 54 6.42 -4.27 -1.84
C THR A 54 6.76 -3.00 -2.61
N ASN A 55 7.98 -2.56 -2.52
CA ASN A 55 8.39 -1.37 -3.23
C ASN A 55 8.54 -1.67 -4.71
N ALA A 56 8.09 -0.77 -5.56
CA ALA A 56 8.17 -1.00 -7.01
C ALA A 56 9.58 -0.77 -7.50
N GLN A 57 10.29 0.04 -6.78
CA GLN A 57 11.63 0.41 -7.16
C GLN A 57 12.65 -0.51 -6.52
N THR A 58 12.60 -0.60 -5.20
CA THR A 58 13.61 -1.31 -4.45
C THR A 58 13.25 -2.78 -4.24
N LYS A 59 11.96 -3.11 -4.45
CA LYS A 59 11.42 -4.45 -4.17
C LYS A 59 11.47 -4.81 -2.71
N GLU A 60 11.61 -3.80 -1.86
CA GLU A 60 11.58 -3.97 -0.42
C GLU A 60 10.17 -4.32 0.00
N GLU A 61 10.02 -5.38 0.70
CA GLU A 61 8.77 -5.83 1.18
C GLU A 61 8.47 -5.23 2.53
N TYR A 62 7.35 -4.61 2.61
CA TYR A 62 6.91 -3.99 3.83
C TYR A 62 6.07 -4.97 4.58
N THR A 63 6.69 -5.57 5.54
CA THR A 63 6.11 -6.59 6.32
C THR A 63 5.56 -6.05 7.65
N ASP A 64 6.13 -4.96 8.14
CA ASP A 64 5.67 -4.37 9.39
C ASP A 64 4.68 -3.28 9.07
N ASP A 65 3.58 -3.25 9.78
CA ASP A 65 2.50 -2.27 9.56
C ASP A 65 2.99 -0.86 9.84
N ASN A 66 4.08 -0.78 10.55
CA ASN A 66 4.70 0.48 10.95
C ASN A 66 5.54 1.07 9.84
N ALA A 67 5.74 0.30 8.78
CA ALA A 67 6.48 0.77 7.63
C ALA A 67 5.75 1.94 7.01
N LEU A 68 6.46 2.90 6.50
CA LEU A 68 5.83 4.07 5.96
C LEU A 68 6.14 4.19 4.48
N ILE A 69 5.16 4.53 3.70
CA ILE A 69 5.40 4.74 2.29
C ILE A 69 5.05 6.19 1.90
N PRO A 70 6.05 6.94 1.46
CA PRO A 70 5.86 8.33 1.01
C PRO A 70 5.35 8.43 -0.42
N LYS A 71 4.81 9.61 -0.71
CA LYS A 71 4.33 9.97 -2.06
C LYS A 71 5.50 10.00 -3.07
N ASN A 72 6.70 9.88 -2.54
CA ASN A 72 7.93 9.87 -3.31
C ASN A 72 8.16 8.48 -3.88
N SER A 73 7.48 7.52 -3.31
CA SER A 73 7.70 6.14 -3.68
C SER A 73 6.56 5.61 -4.53
N SER A 74 6.89 4.66 -5.34
CA SER A 74 5.94 3.89 -6.05
C SER A 74 6.06 2.48 -5.49
N VAL A 75 4.96 1.90 -5.13
CA VAL A 75 4.99 0.60 -4.52
C VAL A 75 4.02 -0.35 -5.22
N ILE A 76 4.18 -1.61 -4.99
CA ILE A 76 3.35 -2.63 -5.57
C ILE A 76 2.72 -3.42 -4.46
N VAL A 77 1.45 -3.56 -4.55
CA VAL A 77 0.69 -4.16 -3.52
C VAL A 77 0.37 -5.61 -3.86
N ARG A 78 0.58 -6.47 -2.92
CA ARG A 78 0.42 -7.88 -3.08
C ARG A 78 -0.44 -8.40 -1.93
N ARG A 79 -1.29 -9.36 -2.18
CA ARG A 79 -2.04 -9.94 -1.09
C ARG A 79 -1.32 -11.20 -0.67
N ILE A 80 -1.14 -11.40 0.61
CA ILE A 80 -0.42 -12.56 1.06
C ILE A 80 -1.24 -13.35 2.04
N PRO A 81 -1.06 -14.67 2.07
CA PRO A 81 -1.79 -15.51 2.99
C PRO A 81 -1.29 -15.35 4.43
N ILE A 82 -2.21 -15.20 5.34
CA ILE A 82 -1.87 -15.12 6.74
C ILE A 82 -1.76 -16.54 7.28
N GLY A 83 -2.41 -17.46 6.59
CA GLY A 83 -2.39 -18.84 6.95
C GLY A 83 -3.75 -19.43 6.82
N GLY A 84 -4.73 -18.59 6.97
CA GLY A 84 -6.08 -18.96 6.89
C GLY A 84 -6.84 -18.30 7.98
N VAL A 85 -8.11 -18.51 8.03
CA VAL A 85 -8.92 -17.95 9.09
C VAL A 85 -8.72 -18.80 10.34
N LYS A 86 -7.86 -18.34 11.20
CA LYS A 86 -7.51 -19.02 12.41
C LYS A 86 -7.37 -18.02 13.56
N GLY A 1 2.64 18.88 -6.99
CA GLY A 1 3.20 20.02 -7.71
C GLY A 1 3.56 21.12 -6.74
N PRO A 2 4.10 22.26 -7.22
CA PRO A 2 4.53 23.37 -6.37
C PRO A 2 3.38 24.00 -5.59
N LEU A 3 2.33 24.40 -6.29
CA LEU A 3 1.19 25.04 -5.63
C LEU A 3 0.35 24.04 -4.82
N GLY A 4 0.40 22.80 -5.21
CA GLY A 4 -0.32 21.78 -4.52
C GLY A 4 0.55 20.57 -4.30
N SER A 5 1.30 20.61 -3.24
CA SER A 5 2.17 19.52 -2.91
C SER A 5 1.42 18.46 -2.12
N MET A 6 0.61 17.70 -2.83
CA MET A 6 -0.16 16.65 -2.22
C MET A 6 0.70 15.43 -2.03
N SER A 7 0.27 14.56 -1.19
CA SER A 7 1.02 13.41 -0.86
C SER A 7 0.26 12.23 -1.35
N CYS A 8 0.86 11.54 -2.25
CA CYS A 8 0.23 10.46 -2.90
C CYS A 8 1.23 9.33 -3.05
N VAL A 9 0.81 8.14 -2.73
CA VAL A 9 1.68 6.99 -2.88
C VAL A 9 1.18 6.20 -4.07
N HIS A 10 2.11 5.86 -4.94
CA HIS A 10 1.83 5.12 -6.13
C HIS A 10 1.93 3.67 -5.83
N TYR A 11 0.88 2.99 -6.03
CA TYR A 11 0.87 1.59 -5.79
C TYR A 11 0.23 0.90 -6.96
N LYS A 12 0.74 -0.21 -7.38
CA LYS A 12 0.04 -0.98 -8.34
C LYS A 12 -0.23 -2.31 -7.72
N PHE A 13 -1.31 -2.93 -8.06
CA PHE A 13 -1.61 -4.20 -7.49
C PHE A 13 -0.90 -5.24 -8.33
N SER A 14 -0.79 -6.44 -7.84
CA SER A 14 -0.22 -7.50 -8.63
C SER A 14 -1.16 -7.78 -9.83
N SER A 15 -2.45 -7.58 -9.62
CA SER A 15 -3.45 -7.73 -10.66
C SER A 15 -3.37 -6.54 -11.64
N LYS A 16 -3.52 -5.31 -11.10
CA LYS A 16 -3.50 -4.09 -11.89
C LYS A 16 -2.11 -3.82 -12.49
N LEU A 17 -2.10 -3.30 -13.69
CA LEU A 17 -0.86 -3.09 -14.42
C LEU A 17 -0.29 -1.72 -14.14
N ASN A 18 -1.16 -0.75 -14.01
CA ASN A 18 -0.74 0.61 -13.78
C ASN A 18 -0.88 0.98 -12.33
N TYR A 19 -0.23 2.04 -11.93
CA TYR A 19 -0.24 2.47 -10.56
C TYR A 19 -1.39 3.39 -10.28
N ASP A 20 -1.81 3.39 -9.06
CA ASP A 20 -2.86 4.25 -8.58
C ASP A 20 -2.25 5.05 -7.44
N THR A 21 -2.97 5.95 -6.87
CA THR A 21 -2.45 6.82 -5.85
C THR A 21 -3.36 6.94 -4.65
N VAL A 22 -2.79 6.78 -3.48
CA VAL A 22 -3.49 7.07 -2.25
C VAL A 22 -3.14 8.46 -1.82
N THR A 23 -4.12 9.30 -1.77
CA THR A 23 -3.94 10.64 -1.32
C THR A 23 -4.07 10.67 0.19
N PHE A 24 -3.06 11.11 0.83
CA PHE A 24 -3.04 11.14 2.26
C PHE A 24 -2.30 12.40 2.66
N ASP A 25 -2.46 12.84 3.86
CA ASP A 25 -1.75 13.98 4.32
C ASP A 25 -0.59 13.56 5.15
N GLY A 26 0.55 14.13 4.87
CA GLY A 26 1.75 13.77 5.56
C GLY A 26 2.86 13.50 4.58
N LEU A 27 3.89 12.86 5.01
CA LEU A 27 4.97 12.50 4.13
C LEU A 27 4.92 11.01 3.87
N HIS A 28 4.54 10.27 4.88
CA HIS A 28 4.45 8.83 4.80
C HIS A 28 3.30 8.30 5.58
N ILE A 29 2.87 7.13 5.20
CA ILE A 29 1.79 6.47 5.82
C ILE A 29 2.21 5.06 6.26
N SER A 30 1.90 4.74 7.50
CA SER A 30 2.20 3.46 8.09
C SER A 30 1.41 2.35 7.38
N LEU A 31 2.03 1.20 7.27
CA LEU A 31 1.52 0.10 6.50
C LEU A 31 0.12 -0.34 6.87
N CYS A 32 -0.20 -0.48 8.15
CA CYS A 32 -1.55 -0.89 8.53
C CYS A 32 -2.56 0.13 7.99
N ASP A 33 -2.23 1.39 8.12
CA ASP A 33 -3.06 2.49 7.64
C ASP A 33 -3.18 2.44 6.13
N LEU A 34 -2.05 2.21 5.51
CA LEU A 34 -1.91 2.13 4.06
C LEU A 34 -2.78 1.01 3.51
N LYS A 35 -2.72 -0.14 4.17
CA LYS A 35 -3.48 -1.29 3.77
C LYS A 35 -4.96 -1.04 3.98
N LYS A 36 -5.29 -0.40 5.08
CA LYS A 36 -6.68 -0.05 5.38
C LYS A 36 -7.27 0.88 4.33
N GLN A 37 -6.44 1.77 3.79
CA GLN A 37 -6.88 2.65 2.72
C GLN A 37 -7.21 1.85 1.48
N ILE A 38 -6.28 0.99 1.09
CA ILE A 38 -6.41 0.20 -0.12
C ILE A 38 -7.53 -0.85 0.02
N MET A 39 -7.53 -1.57 1.13
CA MET A 39 -8.52 -2.61 1.35
C MET A 39 -9.92 -2.06 1.40
N GLY A 40 -10.08 -0.96 2.11
CA GLY A 40 -11.37 -0.32 2.20
C GLY A 40 -11.81 0.25 0.87
N ARG A 41 -10.87 0.82 0.14
CA ARG A 41 -11.16 1.40 -1.15
C ARG A 41 -11.62 0.34 -2.13
N GLU A 42 -10.85 -0.71 -2.24
CA GLU A 42 -11.09 -1.69 -3.27
C GLU A 42 -11.87 -2.89 -2.82
N LYS A 43 -12.43 -2.79 -1.64
CA LYS A 43 -13.37 -3.78 -1.08
C LYS A 43 -12.70 -5.12 -0.79
N LEU A 44 -11.48 -5.07 -0.30
CA LEU A 44 -10.77 -6.28 0.04
C LEU A 44 -11.31 -6.85 1.36
N LYS A 45 -10.98 -8.07 1.70
CA LYS A 45 -11.45 -8.63 2.96
C LYS A 45 -10.34 -8.68 4.01
N ALA A 46 -10.38 -7.75 4.93
CA ALA A 46 -9.36 -7.60 5.97
C ALA A 46 -9.54 -8.64 7.07
N ALA A 47 -10.69 -9.30 7.08
CA ALA A 47 -10.97 -10.29 8.09
C ALA A 47 -10.43 -11.67 7.70
N ASP A 48 -9.92 -11.80 6.49
CA ASP A 48 -9.36 -13.08 6.05
C ASP A 48 -7.96 -12.89 5.53
N CYS A 49 -7.72 -11.78 4.94
CA CYS A 49 -6.45 -11.57 4.35
C CYS A 49 -5.85 -10.25 4.80
N ASP A 50 -4.57 -10.14 4.60
CA ASP A 50 -3.78 -8.99 4.91
C ASP A 50 -3.21 -8.54 3.59
N LEU A 51 -2.60 -7.43 3.59
CA LEU A 51 -2.14 -6.87 2.40
C LEU A 51 -0.61 -6.73 2.47
N GLN A 52 0.09 -7.40 1.61
CA GLN A 52 1.52 -7.35 1.67
C GLN A 52 2.00 -6.42 0.59
N ILE A 53 2.73 -5.45 0.98
CA ILE A 53 3.13 -4.42 0.09
C ILE A 53 4.62 -4.54 -0.18
N THR A 54 4.99 -4.52 -1.41
CA THR A 54 6.38 -4.62 -1.79
C THR A 54 6.80 -3.34 -2.51
N ASN A 55 7.98 -2.85 -2.24
CA ASN A 55 8.49 -1.67 -2.94
C ASN A 55 8.69 -2.03 -4.40
N ALA A 56 8.29 -1.17 -5.29
CA ALA A 56 8.38 -1.44 -6.71
C ALA A 56 9.81 -1.29 -7.21
N GLN A 57 10.57 -0.49 -6.53
CA GLN A 57 11.91 -0.19 -6.93
C GLN A 57 12.93 -1.06 -6.22
N THR A 58 12.86 -1.10 -4.90
CA THR A 58 13.85 -1.80 -4.12
C THR A 58 13.44 -3.25 -3.92
N LYS A 59 12.14 -3.50 -4.12
CA LYS A 59 11.51 -4.80 -3.92
C LYS A 59 11.50 -5.21 -2.47
N GLU A 60 11.64 -4.24 -1.57
CA GLU A 60 11.54 -4.47 -0.17
C GLU A 60 10.11 -4.79 0.20
N GLU A 61 9.93 -5.94 0.77
CA GLU A 61 8.65 -6.40 1.14
C GLU A 61 8.32 -5.97 2.52
N TYR A 62 7.30 -5.21 2.60
CA TYR A 62 6.82 -4.70 3.84
C TYR A 62 5.86 -5.71 4.42
N THR A 63 6.40 -6.56 5.24
CA THR A 63 5.66 -7.63 5.84
C THR A 63 5.11 -7.23 7.21
N ASP A 64 5.68 -6.18 7.77
CA ASP A 64 5.30 -5.68 9.08
C ASP A 64 4.41 -4.49 8.92
N ASP A 65 3.27 -4.50 9.59
CA ASP A 65 2.28 -3.43 9.48
C ASP A 65 2.76 -2.11 10.09
N ASN A 66 3.90 -2.17 10.74
CA ASN A 66 4.55 -0.99 11.30
C ASN A 66 5.50 -0.34 10.31
N ALA A 67 5.65 -0.95 9.14
CA ALA A 67 6.48 -0.38 8.08
C ALA A 67 5.79 0.87 7.55
N LEU A 68 6.54 1.81 7.07
CA LEU A 68 5.94 3.05 6.60
C LEU A 68 6.22 3.25 5.12
N ILE A 69 5.23 3.70 4.37
CA ILE A 69 5.47 4.00 2.97
C ILE A 69 5.26 5.50 2.69
N PRO A 70 6.32 6.19 2.29
CA PRO A 70 6.25 7.59 1.90
C PRO A 70 5.72 7.81 0.48
N LYS A 71 5.23 9.02 0.23
CA LYS A 71 4.71 9.43 -1.08
C LYS A 71 5.80 9.49 -2.15
N ASN A 72 7.02 9.39 -1.70
CA ASN A 72 8.17 9.41 -2.60
C ASN A 72 8.50 8.02 -3.09
N SER A 73 7.79 7.03 -2.62
CA SER A 73 8.05 5.68 -3.00
C SER A 73 6.90 5.10 -3.83
N SER A 74 7.24 4.19 -4.69
CA SER A 74 6.30 3.47 -5.48
C SER A 74 6.25 2.03 -4.96
N VAL A 75 5.08 1.56 -4.64
CA VAL A 75 4.93 0.25 -4.08
C VAL A 75 3.96 -0.62 -4.89
N ILE A 76 4.01 -1.90 -4.65
CA ILE A 76 3.20 -2.88 -5.30
C ILE A 76 2.44 -3.66 -4.24
N VAL A 77 1.21 -3.87 -4.49
CA VAL A 77 0.30 -4.44 -3.56
C VAL A 77 -0.01 -5.91 -3.90
N ARG A 78 0.13 -6.76 -2.90
CA ARG A 78 -0.13 -8.18 -3.00
C ARG A 78 -1.05 -8.56 -1.84
N ARG A 79 -2.00 -9.43 -2.06
CA ARG A 79 -2.87 -9.81 -0.97
C ARG A 79 -2.37 -11.14 -0.40
N ILE A 80 -2.25 -11.22 0.91
CA ILE A 80 -1.77 -12.44 1.54
C ILE A 80 -2.72 -12.86 2.64
N PRO A 81 -2.80 -14.13 2.97
CA PRO A 81 -3.66 -14.63 4.06
C PRO A 81 -3.08 -14.27 5.45
N ILE A 82 -3.92 -13.77 6.36
CA ILE A 82 -3.46 -13.45 7.72
C ILE A 82 -3.07 -14.71 8.47
N GLY A 83 -3.85 -15.76 8.31
CA GLY A 83 -3.56 -17.00 8.97
C GLY A 83 -2.42 -17.71 8.32
N GLY A 84 -2.45 -17.75 7.01
CA GLY A 84 -1.40 -18.39 6.27
C GLY A 84 -1.89 -19.67 5.64
N VAL A 85 -1.79 -20.76 6.39
CA VAL A 85 -2.20 -22.06 5.89
C VAL A 85 -3.72 -22.16 5.86
N LYS A 86 -4.25 -22.19 4.68
CA LYS A 86 -5.65 -22.32 4.48
C LYS A 86 -5.86 -23.52 3.60
N GLY A 1 -7.67 21.55 0.85
CA GLY A 1 -6.44 22.33 0.85
C GLY A 1 -6.10 22.80 -0.56
N PRO A 2 -5.87 24.13 -0.77
CA PRO A 2 -5.57 24.68 -2.10
C PRO A 2 -4.25 24.16 -2.68
N LEU A 3 -3.25 24.05 -1.82
CA LEU A 3 -1.93 23.61 -2.23
C LEU A 3 -1.18 23.10 -1.02
N GLY A 4 -1.16 21.80 -0.86
CA GLY A 4 -0.47 21.22 0.26
C GLY A 4 0.42 20.08 -0.14
N SER A 5 0.58 19.92 -1.45
CA SER A 5 1.36 18.85 -2.05
C SER A 5 0.74 17.49 -1.71
N MET A 6 -0.22 17.08 -2.52
CA MET A 6 -0.85 15.78 -2.35
C MET A 6 0.16 14.70 -2.62
N SER A 7 0.44 13.94 -1.63
CA SER A 7 1.39 12.89 -1.70
C SER A 7 0.68 11.63 -2.10
N CYS A 8 1.27 10.91 -3.01
CA CYS A 8 0.70 9.69 -3.46
C CYS A 8 1.78 8.68 -3.75
N VAL A 9 1.52 7.43 -3.49
CA VAL A 9 2.49 6.38 -3.73
C VAL A 9 2.04 5.64 -4.94
N HIS A 10 2.96 5.40 -5.85
CA HIS A 10 2.67 4.65 -7.02
C HIS A 10 2.79 3.20 -6.67
N TYR A 11 1.68 2.58 -6.54
CA TYR A 11 1.65 1.23 -6.15
C TYR A 11 0.97 0.44 -7.23
N LYS A 12 1.44 -0.73 -7.52
CA LYS A 12 0.74 -1.52 -8.47
C LYS A 12 0.39 -2.84 -7.89
N PHE A 13 -0.85 -3.15 -7.95
CA PHE A 13 -1.36 -4.39 -7.48
C PHE A 13 -1.21 -5.38 -8.61
N SER A 14 -1.16 -6.64 -8.30
CA SER A 14 -1.08 -7.68 -9.31
C SER A 14 -2.29 -7.65 -10.28
N SER A 15 -3.41 -7.11 -9.81
CA SER A 15 -4.60 -7.00 -10.63
C SER A 15 -4.67 -5.59 -11.31
N LYS A 16 -3.73 -4.71 -10.96
CA LYS A 16 -3.69 -3.37 -11.54
C LYS A 16 -2.85 -3.36 -12.80
N LEU A 17 -1.71 -4.05 -12.74
CA LEU A 17 -0.69 -4.12 -13.81
C LEU A 17 0.07 -2.80 -13.97
N ASN A 18 -0.67 -1.73 -14.01
CA ASN A 18 -0.11 -0.40 -14.05
C ASN A 18 -0.19 0.17 -12.66
N TYR A 19 0.44 1.28 -12.43
CA TYR A 19 0.45 1.83 -11.09
C TYR A 19 -0.78 2.63 -10.82
N ASP A 20 -1.20 2.56 -9.60
CA ASP A 20 -2.30 3.31 -9.08
C ASP A 20 -1.69 4.24 -8.07
N THR A 21 -2.45 5.08 -7.45
CA THR A 21 -1.90 6.06 -6.59
C THR A 21 -2.75 6.22 -5.36
N VAL A 22 -2.15 6.04 -4.24
CA VAL A 22 -2.85 6.24 -3.01
C VAL A 22 -2.43 7.58 -2.43
N THR A 23 -3.39 8.45 -2.26
CA THR A 23 -3.11 9.76 -1.75
C THR A 23 -3.16 9.78 -0.22
N PHE A 24 -2.19 10.40 0.37
CA PHE A 24 -2.07 10.45 1.81
C PHE A 24 -1.52 11.80 2.23
N ASP A 25 -1.43 12.00 3.52
CA ASP A 25 -0.88 13.21 4.08
C ASP A 25 0.50 12.94 4.58
N GLY A 26 1.44 13.78 4.22
CA GLY A 26 2.80 13.63 4.67
C GLY A 26 3.67 13.20 3.53
N LEU A 27 4.95 13.02 3.76
CA LEU A 27 5.85 12.62 2.70
C LEU A 27 5.75 11.09 2.57
N HIS A 28 5.49 10.46 3.69
CA HIS A 28 5.41 9.02 3.77
C HIS A 28 4.25 8.57 4.59
N ILE A 29 3.85 7.36 4.35
CA ILE A 29 2.76 6.75 5.02
C ILE A 29 3.15 5.37 5.56
N SER A 30 2.83 5.14 6.81
CA SER A 30 3.07 3.88 7.46
C SER A 30 2.32 2.76 6.74
N LEU A 31 2.91 1.59 6.71
CA LEU A 31 2.39 0.44 6.02
C LEU A 31 1.01 0.05 6.48
N CYS A 32 0.77 0.06 7.79
CA CYS A 32 -0.54 -0.28 8.31
C CYS A 32 -1.57 0.67 7.73
N ASP A 33 -1.23 1.94 7.75
CA ASP A 33 -2.08 2.98 7.23
C ASP A 33 -2.31 2.78 5.76
N LEU A 34 -1.23 2.56 5.04
CA LEU A 34 -1.25 2.40 3.58
C LEU A 34 -2.10 1.23 3.15
N LYS A 35 -1.92 0.10 3.81
CA LYS A 35 -2.68 -1.07 3.48
C LYS A 35 -4.15 -0.87 3.77
N LYS A 36 -4.45 -0.29 4.92
CA LYS A 36 -5.83 -0.01 5.30
C LYS A 36 -6.48 0.97 4.32
N GLN A 37 -5.69 1.90 3.77
CA GLN A 37 -6.20 2.83 2.79
C GLN A 37 -6.63 2.08 1.55
N ILE A 38 -5.76 1.22 1.07
CA ILE A 38 -6.00 0.45 -0.16
C ILE A 38 -7.13 -0.57 0.04
N MET A 39 -7.03 -1.33 1.11
CA MET A 39 -7.97 -2.43 1.39
C MET A 39 -9.38 -1.92 1.55
N GLY A 40 -9.53 -0.84 2.30
CA GLY A 40 -10.83 -0.28 2.50
C GLY A 40 -11.36 0.42 1.27
N ARG A 41 -10.46 0.98 0.49
CA ARG A 41 -10.84 1.73 -0.69
C ARG A 41 -11.30 0.80 -1.81
N GLU A 42 -10.50 -0.19 -2.09
CA GLU A 42 -10.72 -1.03 -3.26
C GLU A 42 -11.64 -2.19 -2.99
N LYS A 43 -11.95 -2.36 -1.74
CA LYS A 43 -12.82 -3.42 -1.26
C LYS A 43 -12.12 -4.74 -1.23
N LEU A 44 -11.15 -4.82 -0.37
CA LEU A 44 -10.48 -6.04 -0.11
C LEU A 44 -10.99 -6.56 1.19
N LYS A 45 -11.38 -7.79 1.23
CA LYS A 45 -11.83 -8.37 2.44
C LYS A 45 -10.64 -8.71 3.29
N ALA A 46 -10.51 -8.01 4.39
CA ALA A 46 -9.41 -8.20 5.30
C ALA A 46 -9.64 -9.44 6.16
N ALA A 47 -10.78 -10.08 5.93
CA ALA A 47 -11.13 -11.29 6.67
C ALA A 47 -10.90 -12.49 5.77
N ASP A 48 -10.39 -12.22 4.60
CA ASP A 48 -10.11 -13.26 3.60
C ASP A 48 -8.65 -13.28 3.30
N CYS A 49 -8.12 -12.13 3.01
CA CYS A 49 -6.71 -12.01 2.71
C CYS A 49 -6.07 -10.85 3.43
N ASP A 50 -4.78 -10.84 3.38
CA ASP A 50 -3.95 -9.84 3.99
C ASP A 50 -3.28 -9.09 2.86
N LEU A 51 -2.66 -8.03 3.17
CA LEU A 51 -2.03 -7.27 2.17
C LEU A 51 -0.54 -7.25 2.44
N GLN A 52 0.22 -7.64 1.44
CA GLN A 52 1.64 -7.69 1.51
C GLN A 52 2.23 -6.72 0.51
N ILE A 53 3.22 -5.98 0.92
CA ILE A 53 3.80 -4.96 0.06
C ILE A 53 5.29 -5.23 -0.15
N THR A 54 5.73 -5.11 -1.36
CA THR A 54 7.11 -5.27 -1.70
C THR A 54 7.54 -4.06 -2.52
N ASN A 55 8.75 -3.60 -2.36
CA ASN A 55 9.21 -2.45 -3.11
C ASN A 55 9.45 -2.84 -4.57
N ALA A 56 9.06 -2.00 -5.49
CA ALA A 56 9.23 -2.29 -6.91
C ALA A 56 10.66 -2.06 -7.36
N GLN A 57 11.33 -1.20 -6.66
CA GLN A 57 12.69 -0.83 -7.02
C GLN A 57 13.71 -1.67 -6.26
N THR A 58 13.58 -1.70 -4.94
CA THR A 58 14.59 -2.34 -4.10
C THR A 58 14.25 -3.80 -3.88
N LYS A 59 12.99 -4.13 -4.18
CA LYS A 59 12.44 -5.47 -4.03
C LYS A 59 12.38 -5.92 -2.57
N GLU A 60 12.38 -4.95 -1.67
CA GLU A 60 12.31 -5.26 -0.25
C GLU A 60 10.86 -5.46 0.16
N GLU A 61 10.58 -6.53 0.86
CA GLU A 61 9.29 -6.75 1.39
C GLU A 61 9.10 -5.96 2.64
N TYR A 62 7.94 -5.47 2.82
CA TYR A 62 7.61 -4.75 4.01
C TYR A 62 6.79 -5.65 4.90
N THR A 63 7.45 -6.23 5.86
CA THR A 63 6.86 -7.22 6.71
C THR A 63 6.26 -6.62 7.97
N ASP A 64 6.77 -5.49 8.41
CA ASP A 64 6.26 -4.87 9.62
C ASP A 64 5.35 -3.76 9.23
N ASP A 65 4.29 -3.55 9.97
CA ASP A 65 3.33 -2.52 9.62
C ASP A 65 3.85 -1.13 9.93
N ASN A 66 4.96 -1.08 10.66
CA ASN A 66 5.60 0.17 11.01
C ASN A 66 6.54 0.62 9.91
N ALA A 67 6.66 -0.20 8.88
CA ALA A 67 7.42 0.16 7.71
C ALA A 67 6.72 1.32 7.04
N LEU A 68 7.45 2.26 6.54
CA LEU A 68 6.84 3.45 5.99
C LEU A 68 7.15 3.57 4.52
N ILE A 69 6.18 3.94 3.73
CA ILE A 69 6.43 4.10 2.32
C ILE A 69 6.18 5.55 1.90
N PRO A 70 7.22 6.22 1.42
CA PRO A 70 7.14 7.58 0.89
C PRO A 70 6.54 7.64 -0.53
N LYS A 71 5.93 8.77 -0.83
CA LYS A 71 5.26 9.04 -2.14
C LYS A 71 6.20 8.91 -3.34
N ASN A 72 7.47 9.03 -3.11
CA ASN A 72 8.45 8.99 -4.18
C ASN A 72 8.88 7.56 -4.50
N SER A 73 8.36 6.63 -3.76
CA SER A 73 8.71 5.26 -3.93
C SER A 73 7.57 4.50 -4.59
N SER A 74 7.94 3.53 -5.38
CA SER A 74 7.00 2.71 -6.08
C SER A 74 7.00 1.34 -5.45
N VAL A 75 5.85 0.88 -5.04
CA VAL A 75 5.76 -0.41 -4.38
C VAL A 75 4.77 -1.36 -5.08
N ILE A 76 5.05 -2.62 -4.98
CA ILE A 76 4.27 -3.69 -5.52
C ILE A 76 3.33 -4.15 -4.44
N VAL A 77 2.09 -4.18 -4.74
CA VAL A 77 1.08 -4.54 -3.80
C VAL A 77 0.56 -5.93 -4.13
N ARG A 78 0.68 -6.82 -3.19
CA ARG A 78 0.36 -8.20 -3.38
C ARG A 78 -0.64 -8.69 -2.34
N ARG A 79 -1.63 -9.40 -2.79
CA ARG A 79 -2.64 -9.97 -1.93
C ARG A 79 -2.19 -11.35 -1.50
N ILE A 80 -1.98 -11.53 -0.22
CA ILE A 80 -1.55 -12.81 0.28
C ILE A 80 -2.59 -13.36 1.26
N PRO A 81 -2.72 -14.66 1.38
CA PRO A 81 -3.72 -15.27 2.27
C PRO A 81 -3.38 -15.03 3.75
N ILE A 82 -4.38 -14.72 4.55
CA ILE A 82 -4.19 -14.54 5.98
C ILE A 82 -3.97 -15.90 6.63
N GLY A 83 -4.57 -16.89 6.02
CA GLY A 83 -4.54 -18.19 6.56
C GLY A 83 -5.85 -18.46 7.23
N GLY A 84 -5.94 -18.07 8.48
CA GLY A 84 -7.14 -18.26 9.22
C GLY A 84 -7.39 -17.19 10.25
N VAL A 85 -6.52 -16.18 10.33
CA VAL A 85 -6.73 -15.11 11.29
C VAL A 85 -7.77 -14.10 10.82
N LYS A 86 -9.00 -14.42 11.12
CA LYS A 86 -10.11 -13.60 10.80
C LYS A 86 -10.48 -12.83 12.04
N GLY A 1 -7.18 17.47 0.94
CA GLY A 1 -7.37 18.41 -0.16
C GLY A 1 -6.04 18.69 -0.82
N PRO A 2 -6.02 19.20 -2.06
CA PRO A 2 -4.81 19.54 -2.74
C PRO A 2 -4.31 20.93 -2.32
N LEU A 3 -3.38 20.96 -1.42
CA LEU A 3 -2.84 22.20 -0.93
C LEU A 3 -1.55 22.56 -1.67
N GLY A 4 -1.28 21.78 -2.69
CA GLY A 4 -0.16 22.00 -3.53
C GLY A 4 0.11 20.79 -4.39
N SER A 5 0.99 19.97 -3.94
CA SER A 5 1.38 18.79 -4.63
C SER A 5 1.22 17.62 -3.68
N MET A 6 0.12 16.94 -3.84
CA MET A 6 -0.26 15.84 -2.97
C MET A 6 0.72 14.68 -3.07
N SER A 7 1.05 14.13 -1.92
CA SER A 7 1.98 13.05 -1.79
C SER A 7 1.29 11.79 -2.22
N CYS A 8 1.94 10.99 -3.01
CA CYS A 8 1.32 9.80 -3.49
C CYS A 8 2.34 8.72 -3.71
N VAL A 9 1.95 7.51 -3.46
CA VAL A 9 2.82 6.37 -3.64
C VAL A 9 2.36 5.62 -4.85
N HIS A 10 3.29 5.36 -5.74
CA HIS A 10 3.04 4.54 -6.89
C HIS A 10 3.04 3.11 -6.46
N TYR A 11 1.88 2.57 -6.40
CA TYR A 11 1.72 1.22 -5.96
C TYR A 11 1.01 0.47 -7.05
N LYS A 12 1.38 -0.73 -7.31
CA LYS A 12 0.59 -1.50 -8.23
C LYS A 12 0.03 -2.66 -7.46
N PHE A 13 -1.20 -2.97 -7.67
CA PHE A 13 -1.82 -4.05 -6.96
C PHE A 13 -1.60 -5.31 -7.77
N SER A 14 -1.84 -6.47 -7.19
CA SER A 14 -1.78 -7.73 -7.91
C SER A 14 -2.77 -7.70 -9.10
N SER A 15 -3.87 -6.98 -8.91
CA SER A 15 -4.91 -6.85 -9.91
C SER A 15 -4.58 -5.73 -10.92
N LYS A 16 -3.51 -4.96 -10.66
CA LYS A 16 -3.16 -3.86 -11.51
C LYS A 16 -1.81 -4.09 -12.16
N LEU A 17 -1.80 -4.02 -13.46
CA LEU A 17 -0.59 -4.23 -14.22
C LEU A 17 0.23 -2.93 -14.24
N ASN A 18 -0.45 -1.85 -13.99
CA ASN A 18 0.16 -0.53 -13.98
C ASN A 18 0.11 0.01 -12.57
N TYR A 19 0.87 1.04 -12.32
CA TYR A 19 0.90 1.62 -11.00
C TYR A 19 -0.21 2.62 -10.82
N ASP A 20 -0.65 2.70 -9.62
CA ASP A 20 -1.71 3.56 -9.20
C ASP A 20 -1.09 4.47 -8.15
N THR A 21 -1.83 5.38 -7.62
CA THR A 21 -1.31 6.32 -6.70
C THR A 21 -2.23 6.47 -5.54
N VAL A 22 -1.70 6.34 -4.37
CA VAL A 22 -2.48 6.56 -3.21
C VAL A 22 -2.04 7.89 -2.60
N THR A 23 -2.97 8.78 -2.45
CA THR A 23 -2.69 10.09 -1.93
C THR A 23 -2.80 10.12 -0.41
N PHE A 24 -1.85 10.73 0.24
CA PHE A 24 -1.83 10.76 1.68
C PHE A 24 -1.25 12.06 2.18
N ASP A 25 -1.46 12.31 3.45
CA ASP A 25 -0.98 13.50 4.09
C ASP A 25 0.35 13.21 4.77
N GLY A 26 1.40 13.78 4.25
CA GLY A 26 2.72 13.58 4.80
C GLY A 26 3.69 13.23 3.72
N LEU A 27 4.91 12.92 4.07
CA LEU A 27 5.88 12.52 3.07
C LEU A 27 5.86 10.99 3.00
N HIS A 28 5.49 10.37 4.10
CA HIS A 28 5.39 8.94 4.19
C HIS A 28 4.24 8.50 5.04
N ILE A 29 3.74 7.34 4.72
CA ILE A 29 2.62 6.79 5.39
C ILE A 29 2.94 5.39 5.92
N SER A 30 2.57 5.13 7.14
CA SER A 30 2.72 3.85 7.76
C SER A 30 1.92 2.80 6.98
N LEU A 31 2.47 1.63 6.85
CA LEU A 31 1.89 0.56 6.08
C LEU A 31 0.49 0.20 6.53
N CYS A 32 0.27 0.13 7.82
CA CYS A 32 -1.05 -0.15 8.36
C CYS A 32 -2.04 0.90 7.84
N ASP A 33 -1.63 2.15 7.89
CA ASP A 33 -2.46 3.26 7.42
C ASP A 33 -2.69 3.16 5.93
N LEU A 34 -1.63 2.81 5.21
CA LEU A 34 -1.64 2.67 3.76
C LEU A 34 -2.60 1.57 3.33
N LYS A 35 -2.49 0.43 4.00
CA LYS A 35 -3.34 -0.71 3.70
C LYS A 35 -4.79 -0.40 4.02
N LYS A 36 -4.99 0.29 5.14
CA LYS A 36 -6.33 0.72 5.53
C LYS A 36 -6.92 1.68 4.51
N GLN A 37 -6.11 2.56 3.96
CA GLN A 37 -6.60 3.47 2.93
C GLN A 37 -6.99 2.71 1.69
N ILE A 38 -6.10 1.87 1.21
CA ILE A 38 -6.31 1.09 0.00
C ILE A 38 -7.50 0.14 0.11
N MET A 39 -7.56 -0.62 1.20
CA MET A 39 -8.64 -1.58 1.40
C MET A 39 -9.98 -0.89 1.54
N GLY A 40 -9.99 0.26 2.20
CA GLY A 40 -11.22 1.00 2.31
C GLY A 40 -11.63 1.63 0.99
N ARG A 41 -10.63 2.07 0.25
CA ARG A 41 -10.79 2.74 -1.04
C ARG A 41 -11.43 1.82 -2.07
N GLU A 42 -10.95 0.59 -2.15
CA GLU A 42 -11.46 -0.32 -3.15
C GLU A 42 -12.42 -1.31 -2.57
N LYS A 43 -12.67 -1.16 -1.29
CA LYS A 43 -13.60 -1.98 -0.53
C LYS A 43 -13.16 -3.45 -0.51
N LEU A 44 -12.04 -3.66 0.13
CA LEU A 44 -11.48 -4.97 0.30
C LEU A 44 -11.84 -5.47 1.68
N LYS A 45 -12.28 -6.70 1.78
CA LYS A 45 -12.62 -7.25 3.04
C LYS A 45 -11.36 -7.63 3.80
N ALA A 46 -11.07 -6.88 4.82
CA ALA A 46 -9.93 -7.11 5.66
C ALA A 46 -10.23 -8.23 6.67
N ALA A 47 -11.43 -8.80 6.57
CA ALA A 47 -11.83 -9.90 7.45
C ALA A 47 -11.71 -11.23 6.72
N ASP A 48 -11.28 -11.14 5.49
CA ASP A 48 -11.10 -12.31 4.63
C ASP A 48 -9.63 -12.42 4.30
N CYS A 49 -9.01 -11.28 4.12
CA CYS A 49 -7.64 -11.24 3.69
C CYS A 49 -6.87 -10.10 4.37
N ASP A 50 -5.57 -10.15 4.20
CA ASP A 50 -4.65 -9.16 4.70
C ASP A 50 -4.03 -8.54 3.47
N LEU A 51 -3.33 -7.51 3.64
CA LEU A 51 -2.73 -6.85 2.54
C LEU A 51 -1.22 -6.86 2.78
N GLN A 52 -0.49 -7.40 1.86
CA GLN A 52 0.94 -7.54 1.99
C GLN A 52 1.64 -6.70 0.94
N ILE A 53 2.44 -5.77 1.35
CA ILE A 53 3.08 -4.87 0.41
C ILE A 53 4.55 -5.20 0.25
N THR A 54 4.98 -5.27 -0.96
CA THR A 54 6.34 -5.53 -1.30
C THR A 54 6.91 -4.29 -1.96
N ASN A 55 8.17 -4.02 -1.80
CA ASN A 55 8.77 -2.89 -2.48
C ASN A 55 8.96 -3.26 -3.94
N ALA A 56 8.75 -2.33 -4.83
CA ALA A 56 8.88 -2.60 -6.26
C ALA A 56 10.35 -2.60 -6.67
N GLN A 57 11.13 -1.83 -5.97
CA GLN A 57 12.53 -1.64 -6.29
C GLN A 57 13.41 -2.60 -5.53
N THR A 58 13.27 -2.64 -4.22
CA THR A 58 14.14 -3.45 -3.40
C THR A 58 13.60 -4.86 -3.35
N LYS A 59 12.30 -4.97 -3.61
CA LYS A 59 11.55 -6.20 -3.53
C LYS A 59 11.47 -6.71 -2.11
N GLU A 60 11.65 -5.81 -1.15
CA GLU A 60 11.53 -6.18 0.22
C GLU A 60 10.07 -6.27 0.59
N GLU A 61 9.70 -7.33 1.23
CA GLU A 61 8.37 -7.56 1.60
C GLU A 61 8.09 -7.02 2.95
N TYR A 62 7.22 -6.09 3.00
CA TYR A 62 6.85 -5.46 4.23
C TYR A 62 5.75 -6.27 4.85
N THR A 63 6.14 -7.15 5.70
CA THR A 63 5.21 -8.02 6.32
C THR A 63 4.73 -7.44 7.64
N ASP A 64 5.39 -6.38 8.05
CA ASP A 64 5.02 -5.64 9.23
C ASP A 64 4.29 -4.42 8.83
N ASP A 65 3.18 -4.18 9.46
CA ASP A 65 2.36 -3.03 9.13
C ASP A 65 2.91 -1.76 9.76
N ASN A 66 4.00 -1.91 10.46
CA ASN A 66 4.67 -0.80 11.10
C ASN A 66 5.72 -0.19 10.17
N ALA A 67 5.81 -0.74 8.97
CA ALA A 67 6.70 -0.20 7.94
C ALA A 67 6.11 1.11 7.43
N LEU A 68 6.94 1.98 6.92
CA LEU A 68 6.45 3.24 6.39
C LEU A 68 6.78 3.32 4.91
N ILE A 69 5.86 3.78 4.10
CA ILE A 69 6.15 3.94 2.69
C ILE A 69 6.01 5.40 2.28
N PRO A 70 7.11 6.01 1.84
CA PRO A 70 7.12 7.37 1.34
C PRO A 70 6.64 7.50 -0.11
N LYS A 71 6.17 8.70 -0.43
CA LYS A 71 5.69 9.06 -1.78
C LYS A 71 6.76 8.89 -2.86
N ASN A 72 8.00 8.87 -2.46
CA ASN A 72 9.12 8.77 -3.38
C ASN A 72 9.46 7.31 -3.70
N SER A 73 8.74 6.41 -3.08
CA SER A 73 8.99 5.01 -3.26
C SER A 73 7.84 4.34 -4.00
N SER A 74 8.15 3.31 -4.75
CA SER A 74 7.18 2.54 -5.47
C SER A 74 7.04 1.17 -4.83
N VAL A 75 5.83 0.73 -4.60
CA VAL A 75 5.60 -0.54 -3.95
C VAL A 75 4.55 -1.39 -4.69
N ILE A 76 4.58 -2.67 -4.41
CA ILE A 76 3.68 -3.64 -4.99
C ILE A 76 2.72 -4.06 -3.89
N VAL A 77 1.46 -3.96 -4.15
CA VAL A 77 0.45 -4.26 -3.18
C VAL A 77 -0.20 -5.60 -3.52
N ARG A 78 0.09 -6.58 -2.71
CA ARG A 78 -0.35 -7.92 -2.93
C ARG A 78 -1.35 -8.30 -1.83
N ARG A 79 -2.48 -8.82 -2.21
CA ARG A 79 -3.48 -9.19 -1.22
C ARG A 79 -3.26 -10.65 -0.86
N ILE A 80 -3.20 -10.94 0.40
CA ILE A 80 -2.90 -12.29 0.84
C ILE A 80 -3.92 -12.74 1.89
N PRO A 81 -4.17 -14.05 2.02
CA PRO A 81 -5.10 -14.56 3.03
C PRO A 81 -4.55 -14.34 4.45
N ILE A 82 -5.41 -13.91 5.36
CA ILE A 82 -5.00 -13.64 6.76
C ILE A 82 -4.47 -14.88 7.46
N GLY A 83 -4.98 -16.02 7.07
CA GLY A 83 -4.52 -17.26 7.64
C GLY A 83 -3.41 -17.87 6.81
N GLY A 84 -2.84 -17.08 5.93
CA GLY A 84 -1.77 -17.52 5.10
C GLY A 84 -0.79 -16.38 4.87
N VAL A 85 -0.14 -15.97 5.94
CA VAL A 85 0.78 -14.85 5.88
C VAL A 85 2.12 -15.32 5.35
N LYS A 86 2.23 -15.31 4.05
CA LYS A 86 3.39 -15.73 3.34
C LYS A 86 3.38 -15.11 1.96
#